data_2YA7
#
_entry.id   2YA7
#
_cell.length_a   49.856
_cell.length_b   87.161
_cell.length_c   126.410
_cell.angle_alpha   104.06
_cell.angle_beta   91.04
_cell.angle_gamma   106.68
#
_symmetry.space_group_name_H-M   'P 1'
#
loop_
_entity.id
_entity.type
_entity.pdbx_description
1 polymer 'NEURAMINIDASE A'
2 non-polymer ZANAMIVIR
3 non-polymer 'CHLORIDE ION'
4 water water
#
_entity_poly.entity_id   1
_entity_poly.type   'polypeptide(L)'
_entity_poly.pdbx_seq_one_letter_code
;AHHHHHHSSGLEVLFQGPPEGAALTEKTDIFESGRNGNPNKDGIKSYRIPALLKTDKGTLIAGADERRLHSSDWGDIGMV
IRRSEDNGKTWGDRVTITNLRDNPKASDPSIGSPVNIDMVLVQDPETKRIFSIYDMFPEGKGIFGMSSQKEEAYKKIDGK
TYQILYREGEKGAYTIRENGTVYTPDGKATDYRVVVDPVKPAYSDKGDLYKGDQLLGNIYFTTNKTSPFRIAKDSYLWMS
YSDDDGKTWSAPQDITPMVKADWMKFLGVGPGTGIVLRNGPHKGRILIPVYTTNNVSHLDGSQSSRVIYSDDHGKTWHAG
EAVNDNRQVDGQKIHSSTMNNRRAQNTESTVVQLNNGDVKLFMRGLTGDLQVATSKDGGVTWEKDIKRYPQVKDVYVQMS
AIHTMHEGKEYIILSNAGGPKRENGMVHLARVEENGELTWLKHNPIQKGEFAYNSLQELGNGEYGILYEHTEKGQNAYTL
SFRKFNWEFLSKN
;
_entity_poly.pdbx_strand_id   A,B,C,D
#
loop_
_chem_comp.id
_chem_comp.type
_chem_comp.name
_chem_comp.formula
CL non-polymer 'CHLORIDE ION' 'Cl -1'
ZMR D-saccharide ZANAMIVIR 'C12 H20 N4 O7'
#
# COMPACT_ATOMS: atom_id res chain seq x y z
N ALA A 23 -14.50 -8.23 -77.08
CA ALA A 23 -13.37 -8.71 -76.23
C ALA A 23 -12.82 -7.59 -75.33
N LEU A 24 -12.99 -6.34 -75.77
CA LEU A 24 -12.62 -5.16 -75.01
C LEU A 24 -13.59 -4.02 -75.31
N THR A 25 -14.37 -3.62 -74.30
CA THR A 25 -15.32 -2.53 -74.45
C THR A 25 -14.62 -1.17 -74.55
N GLU A 26 -15.30 -0.19 -75.14
CA GLU A 26 -14.87 1.21 -75.12
C GLU A 26 -14.87 1.70 -73.68
N LYS A 27 -14.06 2.73 -73.40
CA LYS A 27 -14.00 3.26 -72.04
C LYS A 27 -15.27 4.03 -71.66
N THR A 28 -15.79 3.69 -70.49
CA THR A 28 -16.91 4.40 -69.88
C THR A 28 -16.34 5.23 -68.73
N ASP A 29 -16.58 6.54 -68.78
CA ASP A 29 -16.13 7.47 -67.73
C ASP A 29 -17.03 7.38 -66.50
N ILE A 30 -16.43 7.09 -65.35
CA ILE A 30 -17.16 6.85 -64.11
C ILE A 30 -17.08 8.05 -63.19
N PHE A 31 -15.87 8.57 -63.04
CA PHE A 31 -15.64 9.81 -62.32
C PHE A 31 -14.93 10.74 -63.28
N GLU A 32 -15.62 11.82 -63.67
CA GLU A 32 -15.10 12.73 -64.69
C GLU A 32 -14.43 13.94 -64.08
N SER A 33 -13.20 14.19 -64.46
CA SER A 33 -12.49 15.37 -63.97
C SER A 33 -12.94 16.61 -64.75
N GLY A 34 -12.60 17.79 -64.24
CA GLY A 34 -12.80 19.04 -64.98
C GLY A 34 -11.71 19.12 -66.05
N ARG A 35 -11.70 20.24 -66.78
CA ARG A 35 -10.76 20.41 -67.88
C ARG A 35 -9.98 21.71 -67.74
N ASN A 36 -8.70 21.65 -68.13
CA ASN A 36 -7.79 22.81 -68.12
C ASN A 36 -7.69 23.54 -66.76
N GLY A 37 -7.62 22.76 -65.69
CA GLY A 37 -7.55 23.28 -64.32
C GLY A 37 -8.86 23.84 -63.75
N ASN A 38 -9.98 23.55 -64.42
CA ASN A 38 -11.28 24.05 -64.01
C ASN A 38 -12.05 22.92 -63.35
N PRO A 39 -13.00 23.26 -62.46
CA PRO A 39 -13.83 22.19 -61.90
C PRO A 39 -14.81 21.64 -62.93
N ASN A 40 -15.25 20.40 -62.74
CA ASN A 40 -16.30 19.85 -63.57
C ASN A 40 -17.64 20.45 -63.15
N LYS A 41 -18.73 19.95 -63.76
CA LYS A 41 -20.08 20.44 -63.48
C LYS A 41 -20.50 20.31 -62.02
N ASP A 42 -19.92 19.35 -61.29
CA ASP A 42 -20.25 19.14 -59.88
C ASP A 42 -19.41 19.99 -58.91
N GLY A 43 -18.51 20.79 -59.47
CA GLY A 43 -17.62 21.62 -58.67
C GLY A 43 -16.38 20.88 -58.18
N ILE A 44 -16.00 19.83 -58.89
CA ILE A 44 -14.91 18.95 -58.48
C ILE A 44 -13.79 19.02 -59.52
N LYS A 45 -12.57 19.36 -59.08
CA LYS A 45 -11.46 19.44 -60.04
C LYS A 45 -11.11 18.11 -60.68
N SER A 46 -10.95 17.08 -59.85
CA SER A 46 -10.44 15.81 -60.35
C SER A 46 -10.71 14.64 -59.42
N TYR A 47 -10.45 13.45 -59.94
CA TYR A 47 -10.60 12.20 -59.20
C TYR A 47 -9.31 11.43 -59.28
N ARG A 48 -9.00 10.68 -58.22
CA ARG A 48 -7.84 9.79 -58.26
C ARG A 48 -8.11 8.51 -57.46
N ILE A 49 -7.26 7.52 -57.66
CA ILE A 49 -7.14 6.35 -56.78
C ILE A 49 -8.37 5.43 -56.88
N PRO A 50 -8.52 4.73 -58.02
CA PRO A 50 -9.66 3.84 -58.21
C PRO A 50 -9.60 2.58 -57.34
N ALA A 51 -10.76 2.15 -56.86
CA ALA A 51 -10.91 0.85 -56.26
C ALA A 51 -12.17 0.23 -56.82
N LEU A 52 -12.06 -0.99 -57.32
CA LEU A 52 -13.19 -1.64 -57.97
C LEU A 52 -13.55 -2.90 -57.21
N LEU A 53 -14.83 -3.03 -56.87
CA LEU A 53 -15.24 -4.17 -56.07
C LEU A 53 -16.53 -4.77 -56.60
N LYS A 54 -16.45 -6.03 -57.01
CA LYS A 54 -17.62 -6.85 -57.35
C LYS A 54 -18.17 -7.49 -56.08
N THR A 55 -19.41 -7.14 -55.72
CA THR A 55 -19.98 -7.64 -54.47
C THR A 55 -20.71 -8.97 -54.62
N ASP A 56 -21.14 -9.54 -53.48
CA ASP A 56 -21.94 -10.76 -53.45
C ASP A 56 -23.18 -10.65 -54.36
N LYS A 57 -23.78 -9.46 -54.38
CA LYS A 57 -24.98 -9.20 -55.17
C LYS A 57 -24.71 -9.10 -56.68
N GLY A 58 -23.45 -8.99 -57.06
CA GLY A 58 -23.10 -8.74 -58.45
C GLY A 58 -22.87 -7.26 -58.71
N THR A 59 -23.11 -6.44 -57.69
CA THR A 59 -22.96 -4.99 -57.79
C THR A 59 -21.49 -4.63 -57.98
N LEU A 60 -21.21 -3.68 -58.88
CA LEU A 60 -19.86 -3.15 -59.00
C LEU A 60 -19.78 -1.84 -58.23
N ILE A 61 -18.84 -1.76 -57.28
CA ILE A 61 -18.61 -0.52 -56.54
C ILE A 61 -17.29 0.07 -56.99
N ALA A 62 -17.34 1.34 -57.39
CA ALA A 62 -16.16 2.07 -57.84
C ALA A 62 -15.89 3.16 -56.82
N GLY A 63 -14.74 3.06 -56.16
CA GLY A 63 -14.28 4.05 -55.17
C GLY A 63 -13.21 4.99 -55.74
N ALA A 64 -13.13 6.20 -55.18
CA ALA A 64 -12.18 7.22 -55.59
C ALA A 64 -11.94 8.30 -54.53
N ASP A 65 -10.78 8.96 -54.62
CA ASP A 65 -10.54 10.24 -53.99
C ASP A 65 -11.27 11.27 -54.82
N GLU A 66 -12.15 12.07 -54.22
CA GLU A 66 -12.81 13.18 -54.92
C GLU A 66 -12.17 14.51 -54.51
N ARG A 67 -11.43 15.12 -55.43
CA ARG A 67 -10.63 16.31 -55.11
C ARG A 67 -11.30 17.61 -55.55
N ARG A 68 -11.83 18.34 -54.59
CA ARG A 68 -12.61 19.54 -54.90
C ARG A 68 -11.76 20.75 -55.35
N LEU A 69 -10.65 21.01 -54.67
CA LEU A 69 -9.95 22.30 -54.81
C LEU A 69 -8.85 22.34 -55.86
N HIS A 70 -8.17 21.21 -56.03
CA HIS A 70 -6.99 21.11 -56.87
C HIS A 70 -6.59 19.66 -56.98
N SER A 71 -5.51 19.39 -57.71
CA SER A 71 -5.14 18.01 -58.01
C SER A 71 -3.88 17.54 -57.29
N SER A 72 -3.72 17.92 -56.02
CA SER A 72 -2.51 17.54 -55.25
C SER A 72 -2.81 16.45 -54.21
N ASP A 73 -1.77 16.05 -53.47
CA ASP A 73 -1.85 14.95 -52.50
C ASP A 73 -2.29 15.40 -51.10
N TRP A 74 -3.17 16.39 -51.08
CA TRP A 74 -3.70 16.97 -49.85
C TRP A 74 -4.90 17.85 -50.24
N GLY A 75 -5.40 18.64 -49.30
CA GLY A 75 -6.54 19.51 -49.56
C GLY A 75 -7.87 18.90 -49.15
N ASP A 76 -8.93 19.38 -49.80
CA ASP A 76 -10.31 18.94 -49.56
C ASP A 76 -10.62 17.73 -50.43
N ILE A 77 -10.58 16.55 -49.82
CA ILE A 77 -10.73 15.28 -50.55
C ILE A 77 -11.81 14.46 -49.87
N GLY A 78 -12.80 14.01 -50.64
CA GLY A 78 -13.87 13.15 -50.10
C GLY A 78 -13.62 11.72 -50.52
N MET A 79 -14.02 10.78 -49.67
CA MET A 79 -14.04 9.36 -50.04
C MET A 79 -15.43 9.06 -50.60
N VAL A 80 -15.48 8.68 -51.88
CA VAL A 80 -16.73 8.50 -52.62
C VAL A 80 -16.79 7.21 -53.43
N ILE A 81 -18.00 6.72 -53.65
CA ILE A 81 -18.25 5.57 -54.52
C ILE A 81 -19.42 5.84 -55.46
N ARG A 82 -19.44 5.10 -56.57
CA ARG A 82 -20.64 4.89 -57.38
C ARG A 82 -20.87 3.39 -57.53
N ARG A 83 -22.14 3.03 -57.69
CA ARG A 83 -22.55 1.62 -57.82
C ARG A 83 -23.13 1.37 -59.21
N SER A 84 -22.73 0.26 -59.81
CA SER A 84 -23.39 -0.24 -61.01
C SER A 84 -24.16 -1.52 -60.67
N GLU A 85 -25.41 -1.61 -61.14
CA GLU A 85 -26.19 -2.83 -60.89
C GLU A 85 -26.36 -3.67 -62.17
N ASP A 86 -25.70 -3.25 -63.24
CA ASP A 86 -25.78 -3.96 -64.52
C ASP A 86 -24.40 -4.26 -65.08
N ASN A 87 -23.48 -4.61 -64.18
CA ASN A 87 -22.15 -5.07 -64.53
C ASN A 87 -21.31 -4.05 -65.28
N GLY A 88 -21.45 -2.78 -64.91
CA GLY A 88 -20.55 -1.74 -65.41
C GLY A 88 -21.07 -0.92 -66.59
N LYS A 89 -22.28 -1.23 -67.04
CA LYS A 89 -22.93 -0.49 -68.13
C LYS A 89 -23.42 0.89 -67.68
N THR A 90 -24.21 0.93 -66.62
CA THR A 90 -24.69 2.19 -66.03
C THR A 90 -24.29 2.32 -64.57
N TRP A 91 -24.10 3.56 -64.11
CA TRP A 91 -23.67 3.85 -62.75
C TRP A 91 -24.55 4.88 -62.10
N GLY A 92 -24.78 4.72 -60.80
CA GLY A 92 -25.65 5.59 -60.04
C GLY A 92 -24.95 6.85 -59.58
N ASP A 93 -25.64 7.59 -58.71
CA ASP A 93 -25.12 8.84 -58.20
C ASP A 93 -23.99 8.59 -57.22
N ARG A 94 -23.11 9.58 -57.08
CA ARG A 94 -22.06 9.54 -56.07
C ARG A 94 -22.63 9.29 -54.69
N VAL A 95 -21.98 8.40 -53.96
CA VAL A 95 -22.29 8.19 -52.55
C VAL A 95 -21.04 8.59 -51.79
N THR A 96 -21.16 9.55 -50.88
CA THR A 96 -20.00 10.01 -50.13
C THR A 96 -19.87 9.21 -48.83
N ILE A 97 -18.74 8.53 -48.68
CA ILE A 97 -18.43 7.80 -47.45
C ILE A 97 -18.03 8.77 -46.34
N THR A 98 -16.98 9.53 -46.60
CA THR A 98 -16.44 10.45 -45.60
C THR A 98 -15.99 11.72 -46.29
N ASN A 99 -16.35 12.87 -45.71
CA ASN A 99 -15.77 14.13 -46.15
C ASN A 99 -15.72 15.12 -44.99
N LEU A 100 -14.55 15.22 -44.36
CA LEU A 100 -14.33 16.09 -43.23
C LEU A 100 -14.42 17.53 -43.67
N ARG A 101 -15.02 18.38 -42.84
CA ARG A 101 -15.19 19.78 -43.19
C ARG A 101 -13.85 20.52 -43.18
N ASP A 102 -13.74 21.56 -44.01
N ASP A 102 -13.75 21.56 -44.01
CA ASP A 102 -12.51 22.34 -44.08
CA ASP A 102 -12.55 22.39 -44.09
C ASP A 102 -12.40 23.25 -42.86
C ASP A 102 -12.41 23.27 -42.86
N ASN A 103 -11.18 23.70 -42.58
CA ASN A 103 -10.95 24.69 -41.51
C ASN A 103 -11.37 26.03 -42.14
N PRO A 104 -12.48 26.61 -41.67
CA PRO A 104 -12.93 27.86 -42.31
C PRO A 104 -12.00 29.07 -42.07
N LYS A 105 -11.09 28.97 -41.10
CA LYS A 105 -10.18 30.08 -40.75
C LYS A 105 -8.77 29.91 -41.32
N ALA A 106 -8.57 28.86 -42.13
CA ALA A 106 -7.25 28.61 -42.69
C ALA A 106 -6.90 29.70 -43.68
N SER A 107 -5.68 30.22 -43.55
CA SER A 107 -5.16 31.27 -44.44
C SER A 107 -5.04 30.79 -45.88
N ASP A 108 -4.59 29.55 -46.07
CA ASP A 108 -4.49 28.96 -47.40
C ASP A 108 -5.44 27.76 -47.52
N PRO A 109 -6.57 27.94 -48.22
CA PRO A 109 -7.56 26.88 -48.38
C PRO A 109 -7.06 25.58 -49.07
N SER A 110 -6.04 25.68 -49.91
CA SER A 110 -5.52 24.50 -50.63
C SER A 110 -4.84 23.49 -49.69
N ILE A 111 -4.45 23.97 -48.50
CA ILE A 111 -3.82 23.15 -47.46
C ILE A 111 -4.61 23.31 -46.14
N GLY A 112 -5.84 23.80 -46.26
CA GLY A 112 -6.63 24.18 -45.09
C GLY A 112 -7.67 23.18 -44.65
N SER A 113 -7.54 21.94 -45.12
CA SER A 113 -8.52 20.90 -44.74
C SER A 113 -7.85 19.65 -44.17
N PRO A 114 -8.45 19.06 -43.12
CA PRO A 114 -8.09 17.69 -42.72
C PRO A 114 -8.20 16.80 -43.95
N VAL A 115 -7.32 15.81 -44.07
CA VAL A 115 -7.21 15.01 -45.28
C VAL A 115 -7.71 13.58 -45.07
N ASN A 116 -8.53 13.07 -46.01
CA ASN A 116 -8.61 11.63 -46.23
C ASN A 116 -8.08 11.35 -47.62
N ILE A 117 -7.37 10.24 -47.78
CA ILE A 117 -6.62 10.01 -49.00
C ILE A 117 -6.32 8.53 -49.13
N ASP A 118 -6.57 7.98 -50.32
CA ASP A 118 -6.25 6.59 -50.71
C ASP A 118 -7.15 5.56 -50.02
N MET A 119 -7.93 4.80 -50.80
CA MET A 119 -8.83 3.80 -50.19
C MET A 119 -8.55 2.36 -50.64
N VAL A 120 -8.88 1.39 -49.78
CA VAL A 120 -8.94 -0.03 -50.17
C VAL A 120 -10.36 -0.52 -49.90
N LEU A 121 -10.95 -1.22 -50.86
CA LEU A 121 -12.25 -1.83 -50.69
C LEU A 121 -12.12 -3.35 -50.57
N VAL A 122 -13.05 -3.99 -49.87
CA VAL A 122 -13.07 -5.45 -49.75
C VAL A 122 -14.40 -5.79 -49.09
N GLN A 123 -14.95 -6.93 -49.49
CA GLN A 123 -16.17 -7.44 -48.87
C GLN A 123 -15.88 -8.73 -48.13
N ASP A 124 -16.48 -8.88 -46.95
CA ASP A 124 -16.45 -10.14 -46.23
C ASP A 124 -17.52 -11.05 -46.86
N PRO A 125 -17.12 -12.22 -47.41
CA PRO A 125 -18.07 -13.07 -48.13
C PRO A 125 -19.11 -13.71 -47.21
N GLU A 126 -18.81 -13.78 -45.91
CA GLU A 126 -19.73 -14.38 -44.96
C GLU A 126 -20.78 -13.36 -44.49
N THR A 127 -20.31 -12.28 -43.86
CA THR A 127 -21.22 -11.28 -43.29
C THR A 127 -21.78 -10.31 -44.33
N LYS A 128 -21.16 -10.28 -45.51
CA LYS A 128 -21.52 -9.39 -46.63
C LYS A 128 -21.09 -7.94 -46.37
N ARG A 129 -20.49 -7.69 -45.22
CA ARG A 129 -20.05 -6.34 -44.88
C ARG A 129 -18.95 -5.86 -45.84
N ILE A 130 -19.11 -4.63 -46.29
CA ILE A 130 -18.13 -4.01 -47.17
C ILE A 130 -17.34 -2.96 -46.39
N PHE A 131 -16.01 -2.99 -46.55
CA PHE A 131 -15.11 -2.09 -45.83
C PHE A 131 -14.40 -1.19 -46.81
N SER A 132 -14.31 0.09 -46.43
CA SER A 132 -13.41 1.04 -47.07
C SER A 132 -12.40 1.48 -46.02
N ILE A 133 -11.11 1.25 -46.29
CA ILE A 133 -10.05 1.63 -45.37
C ILE A 133 -9.18 2.70 -46.08
N TYR A 134 -8.90 3.82 -45.40
CA TYR A 134 -8.26 4.98 -46.04
C TYR A 134 -7.46 5.78 -45.04
N ASP A 135 -6.56 6.63 -45.55
CA ASP A 135 -5.67 7.39 -44.69
C ASP A 135 -6.40 8.60 -44.12
N MET A 136 -5.93 9.07 -42.97
CA MET A 136 -6.40 10.33 -42.43
C MET A 136 -5.19 11.13 -41.92
N PHE A 137 -5.22 12.45 -42.11
CA PHE A 137 -4.24 13.38 -41.53
C PHE A 137 -5.00 14.61 -41.09
N PRO A 138 -4.57 15.27 -40.01
CA PRO A 138 -5.21 16.56 -39.69
C PRO A 138 -4.89 17.59 -40.78
N GLU A 139 -5.43 18.79 -40.63
CA GLU A 139 -5.20 19.87 -41.60
C GLU A 139 -3.72 19.99 -42.01
N GLY A 140 -3.48 20.06 -43.31
CA GLY A 140 -2.11 20.27 -43.82
C GLY A 140 -1.82 19.55 -45.11
N LYS A 141 -0.55 19.22 -45.35
CA LYS A 141 -0.11 18.65 -46.63
C LYS A 141 -0.04 17.11 -46.66
N GLY A 142 -0.88 16.43 -45.89
CA GLY A 142 -0.86 14.97 -45.88
C GLY A 142 0.51 14.38 -45.61
N ILE A 143 0.87 13.36 -46.38
CA ILE A 143 2.14 12.67 -46.20
C ILE A 143 3.34 13.60 -46.42
N PHE A 144 3.12 14.70 -47.15
CA PHE A 144 4.17 15.68 -47.47
C PHE A 144 4.24 16.83 -46.46
N GLY A 145 3.47 16.72 -45.39
CA GLY A 145 3.50 17.71 -44.33
C GLY A 145 3.82 17.14 -42.96
N MET A 146 4.37 15.91 -42.92
CA MET A 146 4.57 15.25 -41.63
C MET A 146 5.73 15.92 -40.89
N SER A 147 5.65 15.94 -39.56
CA SER A 147 6.67 16.61 -38.76
C SER A 147 7.89 15.72 -38.48
N SER A 148 9.04 16.33 -38.22
CA SER A 148 10.25 15.56 -37.92
C SER A 148 10.15 14.88 -36.55
N GLN A 149 9.32 15.43 -35.67
CA GLN A 149 9.21 14.97 -34.28
C GLN A 149 7.88 14.28 -34.02
N LYS A 150 7.94 13.15 -33.33
CA LYS A 150 6.76 12.39 -32.95
C LYS A 150 5.91 13.13 -31.90
N GLU A 151 4.61 12.98 -32.00
CA GLU A 151 3.69 13.37 -30.92
C GLU A 151 2.82 12.17 -30.60
N GLU A 152 2.87 11.70 -29.36
CA GLU A 152 2.05 10.57 -28.94
C GLU A 152 0.57 10.82 -29.29
N ALA A 153 -0.08 9.82 -29.89
CA ALA A 153 -1.44 9.99 -30.41
C ALA A 153 -2.54 9.33 -29.57
N TYR A 154 -2.14 8.32 -28.78
CA TYR A 154 -3.07 7.54 -27.97
C TYR A 154 -2.48 7.33 -26.57
N LYS A 155 -3.36 7.07 -25.60
CA LYS A 155 -2.93 6.81 -24.22
C LYS A 155 -3.84 5.72 -23.65
N LYS A 156 -3.23 4.67 -23.14
CA LYS A 156 -3.99 3.61 -22.50
C LYS A 156 -4.20 3.97 -21.03
N ILE A 157 -5.45 4.04 -20.61
CA ILE A 157 -5.82 4.35 -19.22
C ILE A 157 -6.65 3.20 -18.68
N ASP A 158 -6.09 2.51 -17.69
CA ASP A 158 -6.65 1.27 -17.15
C ASP A 158 -7.13 0.33 -18.24
N GLY A 159 -6.20 -0.09 -19.09
CA GLY A 159 -6.51 -1.00 -20.21
C GLY A 159 -7.32 -0.46 -21.39
N LYS A 160 -7.87 0.75 -21.26
CA LYS A 160 -8.71 1.36 -22.33
C LYS A 160 -7.92 2.38 -23.16
N THR A 161 -7.93 2.23 -24.48
CA THR A 161 -7.18 3.15 -25.35
C THR A 161 -8.01 4.35 -25.79
N TYR A 162 -7.50 5.54 -25.50
CA TYR A 162 -8.15 6.80 -25.83
C TYR A 162 -7.23 7.67 -26.70
N GLN A 163 -7.82 8.41 -27.61
CA GLN A 163 -7.06 9.36 -28.40
C GLN A 163 -6.68 10.57 -27.55
N ILE A 164 -5.47 11.05 -27.74
CA ILE A 164 -4.93 12.19 -27.01
C ILE A 164 -5.36 13.49 -27.68
N LEU A 165 -5.56 14.51 -26.83
CA LEU A 165 -5.70 15.89 -27.27
C LEU A 165 -4.62 16.76 -26.64
N TYR A 166 -4.09 17.70 -27.42
CA TYR A 166 -3.14 18.69 -26.90
C TYR A 166 -3.85 20.03 -26.81
N ARG A 167 -3.67 20.70 -25.67
CA ARG A 167 -4.28 22.00 -25.42
C ARG A 167 -3.23 23.12 -25.56
N GLU A 168 -3.59 24.19 -26.26
CA GLU A 168 -2.68 25.33 -26.43
C GLU A 168 -2.14 25.78 -25.08
N GLY A 169 -0.81 25.95 -25.00
CA GLY A 169 -0.14 26.42 -23.78
C GLY A 169 0.10 25.38 -22.69
N GLU A 170 -0.15 24.10 -23.02
CA GLU A 170 0.01 23.01 -22.04
C GLU A 170 0.78 21.83 -22.62
N LYS A 171 1.64 21.22 -21.80
CA LYS A 171 2.44 20.06 -22.22
C LYS A 171 1.68 18.73 -22.16
N GLY A 172 0.79 18.59 -21.17
CA GLY A 172 0.14 17.30 -20.85
C GLY A 172 -0.87 16.77 -21.85
N ALA A 173 -1.14 15.46 -21.74
CA ALA A 173 -2.05 14.81 -22.68
C ALA A 173 -3.45 14.73 -22.10
N TYR A 174 -4.38 15.44 -22.75
CA TYR A 174 -5.81 15.26 -22.49
C TYR A 174 -6.26 14.04 -23.27
N THR A 175 -7.39 13.46 -22.89
CA THR A 175 -7.94 12.30 -23.60
C THR A 175 -9.40 12.49 -24.00
N ILE A 176 -9.77 11.81 -25.08
CA ILE A 176 -11.14 11.77 -25.52
C ILE A 176 -11.71 10.45 -25.03
N ARG A 177 -12.66 10.53 -24.11
CA ARG A 177 -13.20 9.31 -23.52
C ARG A 177 -14.65 9.07 -23.92
N GLU A 178 -15.34 8.24 -23.13
CA GLU A 178 -16.71 7.84 -23.43
C GLU A 178 -17.59 9.04 -23.71
N ASN A 179 -18.46 8.90 -24.71
CA ASN A 179 -19.38 9.97 -25.17
C ASN A 179 -18.68 11.23 -25.69
N GLY A 180 -17.38 11.13 -25.97
CA GLY A 180 -16.64 12.27 -26.50
C GLY A 180 -16.15 13.26 -25.44
N THR A 181 -16.38 12.94 -24.16
CA THR A 181 -15.96 13.84 -23.08
C THR A 181 -14.44 13.96 -23.00
N VAL A 182 -13.96 15.20 -23.07
CA VAL A 182 -12.54 15.51 -22.93
C VAL A 182 -12.15 15.50 -21.44
N TYR A 183 -11.13 14.70 -21.12
CA TYR A 183 -10.60 14.58 -19.76
C TYR A 183 -9.23 15.24 -19.64
N THR A 184 -8.98 15.87 -18.49
CA THR A 184 -7.67 16.46 -18.16
C THR A 184 -6.56 15.40 -18.10
N PRO A 185 -5.29 15.81 -18.24
CA PRO A 185 -4.18 14.90 -17.95
C PRO A 185 -4.30 14.13 -16.62
N ASP A 186 -4.84 14.76 -15.57
CA ASP A 186 -5.04 14.09 -14.27
C ASP A 186 -6.29 13.23 -14.23
N GLY A 187 -7.02 13.16 -15.33
CA GLY A 187 -8.17 12.28 -15.44
C GLY A 187 -9.49 12.81 -14.92
N LYS A 188 -9.65 14.13 -14.93
CA LYS A 188 -10.91 14.78 -14.57
C LYS A 188 -11.72 15.16 -15.81
N ALA A 189 -13.02 14.84 -15.80
CA ALA A 189 -13.94 15.27 -16.86
C ALA A 189 -13.95 16.79 -16.98
N THR A 190 -13.87 17.29 -18.21
CA THR A 190 -14.03 18.73 -18.45
C THR A 190 -15.43 18.99 -18.99
N ASP A 191 -15.70 20.26 -19.30
CA ASP A 191 -16.94 20.65 -19.95
C ASP A 191 -16.81 20.61 -21.48
N TYR A 192 -15.64 20.14 -21.96
CA TYR A 192 -15.37 20.04 -23.39
C TYR A 192 -15.71 18.65 -23.93
N ARG A 193 -16.14 18.62 -25.19
CA ARG A 193 -16.65 17.40 -25.81
C ARG A 193 -16.29 17.34 -27.29
N VAL A 194 -15.97 16.14 -27.76
CA VAL A 194 -15.68 15.89 -29.19
C VAL A 194 -16.84 15.10 -29.82
N VAL A 195 -17.17 15.47 -31.05
CA VAL A 195 -18.16 14.71 -31.80
C VAL A 195 -17.48 13.41 -32.23
N VAL A 196 -17.70 12.37 -31.43
CA VAL A 196 -17.18 11.02 -31.75
C VAL A 196 -18.20 10.18 -32.52
N ASP A 197 -19.46 10.60 -32.45
CA ASP A 197 -20.52 9.95 -33.21
C ASP A 197 -21.15 10.96 -34.17
N PRO A 198 -20.47 11.22 -35.30
CA PRO A 198 -20.94 12.25 -36.22
C PRO A 198 -22.28 11.89 -36.83
N VAL A 199 -23.06 12.91 -37.15
CA VAL A 199 -24.43 12.72 -37.66
C VAL A 199 -24.71 13.43 -38.99
N LYS A 200 -23.81 14.31 -39.41
CA LYS A 200 -24.03 15.10 -40.63
C LYS A 200 -23.76 14.28 -41.90
N PRO A 201 -24.34 14.69 -43.05
CA PRO A 201 -23.98 14.12 -44.34
C PRO A 201 -22.46 14.02 -44.51
N ALA A 202 -22.00 12.87 -45.00
CA ALA A 202 -20.56 12.56 -45.13
C ALA A 202 -19.73 12.68 -43.83
N TYR A 203 -20.42 12.73 -42.69
CA TYR A 203 -19.79 12.80 -41.37
C TYR A 203 -18.83 14.01 -41.23
N SER A 204 -19.20 15.12 -41.88
CA SER A 204 -18.40 16.34 -41.91
C SER A 204 -18.21 16.99 -40.53
N ASP A 205 -19.01 16.54 -39.57
CA ASP A 205 -18.95 16.99 -38.19
C ASP A 205 -18.00 16.17 -37.32
N LYS A 206 -17.42 15.09 -37.85
CA LYS A 206 -16.48 14.31 -37.02
C LYS A 206 -15.33 15.16 -36.49
N GLY A 207 -15.06 15.05 -35.19
CA GLY A 207 -14.00 15.86 -34.58
C GLY A 207 -14.41 17.24 -34.05
N ASP A 208 -15.65 17.64 -34.30
CA ASP A 208 -16.11 18.96 -33.83
C ASP A 208 -15.89 19.04 -32.32
N LEU A 209 -15.39 20.19 -31.87
CA LEU A 209 -15.09 20.45 -30.46
C LEU A 209 -16.11 21.42 -29.87
N TYR A 210 -16.86 20.96 -28.87
CA TYR A 210 -17.88 21.73 -28.18
C TYR A 210 -17.45 22.03 -26.75
N LYS A 211 -17.87 23.18 -26.22
CA LYS A 211 -17.87 23.41 -24.77
C LYS A 211 -19.35 23.42 -24.41
N GLY A 212 -19.78 22.37 -23.72
CA GLY A 212 -21.19 22.10 -23.52
C GLY A 212 -21.94 22.09 -24.85
N ASP A 213 -22.76 23.11 -25.06
CA ASP A 213 -23.66 23.14 -26.21
C ASP A 213 -23.16 24.03 -27.38
N GLN A 214 -22.03 24.69 -27.18
CA GLN A 214 -21.50 25.61 -28.17
C GLN A 214 -20.35 24.99 -28.97
N LEU A 215 -20.53 24.89 -30.29
CA LEU A 215 -19.47 24.49 -31.21
C LEU A 215 -18.36 25.54 -31.15
N LEU A 216 -17.14 25.10 -30.82
CA LEU A 216 -15.95 25.98 -30.77
C LEU A 216 -15.00 25.85 -31.98
N GLY A 217 -14.74 24.62 -32.40
CA GLY A 217 -13.87 24.39 -33.56
C GLY A 217 -13.81 22.91 -33.85
N ASN A 218 -12.63 22.43 -34.23
CA ASN A 218 -12.44 21.01 -34.60
C ASN A 218 -11.03 20.52 -34.23
N ILE A 219 -10.98 19.31 -33.67
CA ILE A 219 -9.72 18.73 -33.23
C ILE A 219 -8.77 18.37 -34.37
N TYR A 220 -9.27 18.39 -35.61
CA TYR A 220 -8.44 18.11 -36.79
C TYR A 220 -7.86 19.36 -37.44
N PHE A 221 -8.26 20.53 -36.94
CA PHE A 221 -7.70 21.78 -37.41
C PHE A 221 -6.37 22.04 -36.75
N THR A 222 -5.44 22.63 -37.50
CA THR A 222 -4.10 22.85 -36.97
C THR A 222 -3.67 24.31 -37.02
N THR A 223 -4.39 25.14 -37.78
CA THR A 223 -4.10 26.57 -37.89
C THR A 223 -5.28 27.44 -37.49
N ASN A 224 -4.97 28.66 -37.05
CA ASN A 224 -5.97 29.66 -36.68
C ASN A 224 -7.15 29.06 -35.91
N LYS A 225 -6.82 28.27 -34.89
CA LYS A 225 -7.78 27.47 -34.16
C LYS A 225 -8.73 28.30 -33.30
N THR A 226 -9.99 27.88 -33.26
CA THR A 226 -11.00 28.59 -32.47
C THR A 226 -11.38 27.77 -31.23
N SER A 227 -10.91 26.52 -31.16
CA SER A 227 -10.98 25.72 -29.93
C SER A 227 -9.58 25.49 -29.34
N PRO A 228 -9.51 25.11 -28.05
CA PRO A 228 -8.20 24.92 -27.43
C PRO A 228 -7.51 23.57 -27.75
N PHE A 229 -8.15 22.70 -28.52
CA PHE A 229 -7.74 21.30 -28.58
C PHE A 229 -7.44 20.77 -29.98
N ARG A 230 -6.47 19.87 -30.06
CA ARG A 230 -6.09 19.26 -31.33
C ARG A 230 -5.50 17.87 -31.07
N ILE A 231 -5.70 16.99 -32.03
CA ILE A 231 -5.07 15.66 -32.02
C ILE A 231 -3.57 15.73 -32.33
N ALA A 232 -2.85 14.65 -32.04
CA ALA A 232 -1.46 14.56 -32.47
C ALA A 232 -1.31 14.75 -33.99
N LYS A 233 -0.26 15.45 -34.35
CA LYS A 233 0.10 15.62 -35.75
C LYS A 233 0.75 14.31 -36.17
N ASP A 234 -0.01 13.51 -36.91
CA ASP A 234 0.41 12.18 -37.32
C ASP A 234 -0.38 11.70 -38.54
N SER A 235 0.03 10.51 -38.99
CA SER A 235 -0.60 9.75 -40.05
C SER A 235 -1.59 8.78 -39.40
N TYR A 236 -2.82 8.73 -39.90
CA TYR A 236 -3.84 7.81 -39.31
C TYR A 236 -4.47 6.90 -40.36
N LEU A 237 -5.14 5.84 -39.89
CA LEU A 237 -5.85 4.88 -40.72
C LEU A 237 -7.27 4.78 -40.20
N TRP A 238 -8.22 5.01 -41.10
CA TRP A 238 -9.64 5.01 -40.77
C TRP A 238 -10.38 3.92 -41.55
N MET A 239 -11.51 3.48 -41.02
CA MET A 239 -12.31 2.48 -41.70
C MET A 239 -13.80 2.82 -41.64
N SER A 240 -14.50 2.66 -42.76
CA SER A 240 -15.95 2.77 -42.77
C SER A 240 -16.51 1.53 -43.41
N TYR A 241 -17.72 1.13 -43.03
CA TYR A 241 -18.30 -0.08 -43.59
C TYR A 241 -19.77 0.08 -44.00
N SER A 242 -20.21 -0.79 -44.90
CA SER A 242 -21.57 -0.80 -45.40
C SER A 242 -22.15 -2.18 -45.26
N ASP A 243 -23.37 -2.26 -44.76
CA ASP A 243 -24.12 -3.51 -44.66
C ASP A 243 -25.28 -3.58 -45.65
N ASP A 244 -25.29 -2.64 -46.59
CA ASP A 244 -26.37 -2.59 -47.58
C ASP A 244 -25.85 -2.40 -49.01
N ASP A 245 -24.80 -3.13 -49.35
CA ASP A 245 -24.26 -3.18 -50.71
C ASP A 245 -23.68 -1.82 -51.19
N GLY A 246 -23.22 -1.00 -50.25
CA GLY A 246 -22.52 0.25 -50.58
C GLY A 246 -23.41 1.48 -50.63
N LYS A 247 -24.71 1.29 -50.41
CA LYS A 247 -25.68 2.39 -50.39
C LYS A 247 -25.51 3.34 -49.22
N THR A 248 -25.30 2.81 -48.01
CA THR A 248 -24.99 3.65 -46.85
C THR A 248 -23.76 3.15 -46.12
N TRP A 249 -23.12 4.05 -45.37
CA TRP A 249 -21.86 3.76 -44.70
C TRP A 249 -21.88 4.22 -43.27
N SER A 250 -21.18 3.47 -42.41
CA SER A 250 -20.99 3.79 -41.01
C SER A 250 -20.14 5.05 -40.89
N ALA A 251 -20.14 5.62 -39.69
CA ALA A 251 -19.19 6.67 -39.33
C ALA A 251 -17.77 6.09 -39.33
N PRO A 252 -16.75 6.93 -39.62
CA PRO A 252 -15.40 6.38 -39.63
C PRO A 252 -14.97 5.79 -38.30
N GLN A 253 -14.31 4.64 -38.38
N GLN A 253 -14.37 4.60 -38.34
CA GLN A 253 -13.66 4.02 -37.24
CA GLN A 253 -13.69 4.10 -37.14
C GLN A 253 -12.18 4.35 -37.33
C GLN A 253 -12.21 4.31 -37.29
N ASP A 254 -11.60 4.87 -36.24
CA ASP A 254 -10.15 5.03 -36.19
C ASP A 254 -9.48 3.72 -35.81
N ILE A 255 -8.92 3.02 -36.82
CA ILE A 255 -8.25 1.76 -36.56
C ILE A 255 -6.75 1.87 -36.23
N THR A 256 -6.19 3.08 -36.39
CA THR A 256 -4.76 3.34 -36.17
C THR A 256 -4.13 2.59 -34.98
N PRO A 257 -4.72 2.70 -33.77
CA PRO A 257 -4.04 2.13 -32.60
C PRO A 257 -3.98 0.61 -32.62
N MET A 258 -4.78 -0.04 -33.48
CA MET A 258 -4.74 -1.48 -33.61
C MET A 258 -3.50 -1.97 -34.35
N VAL A 259 -2.94 -1.13 -35.22
CA VAL A 259 -1.94 -1.57 -36.20
C VAL A 259 -0.65 -0.73 -36.26
N LYS A 260 -0.69 0.51 -35.80
CA LYS A 260 0.47 1.39 -35.94
C LYS A 260 1.46 1.30 -34.77
N ALA A 261 2.67 0.86 -35.06
CA ALA A 261 3.70 0.68 -34.03
C ALA A 261 4.25 2.06 -33.61
N ASP A 262 4.96 2.08 -32.47
N ASP A 262 4.91 2.14 -32.45
CA ASP A 262 5.47 3.31 -31.86
CA ASP A 262 5.38 3.42 -31.97
C ASP A 262 6.64 3.94 -32.63
C ASP A 262 6.37 4.07 -32.94
N TRP A 263 7.14 3.21 -33.63
CA TRP A 263 8.23 3.70 -34.48
C TRP A 263 7.75 4.21 -35.84
N MET A 264 6.52 3.87 -36.24
CA MET A 264 6.04 4.15 -37.61
C MET A 264 5.80 5.63 -37.77
N LYS A 265 6.26 6.18 -38.88
CA LYS A 265 5.99 7.58 -39.17
C LYS A 265 4.72 7.54 -40.01
N PHE A 266 4.83 7.26 -41.31
CA PHE A 266 3.63 7.09 -42.11
C PHE A 266 3.17 5.65 -41.99
N LEU A 267 1.85 5.47 -41.83
CA LEU A 267 1.18 4.20 -42.13
C LEU A 267 -0.06 4.48 -42.97
N GLY A 268 -0.10 3.90 -44.18
CA GLY A 268 -1.19 4.15 -45.10
C GLY A 268 -1.43 2.98 -46.03
N VAL A 269 -2.59 3.00 -46.68
CA VAL A 269 -2.99 1.90 -47.56
C VAL A 269 -2.26 1.93 -48.90
N GLY A 270 -2.05 0.71 -49.45
CA GLY A 270 -1.77 0.53 -50.85
C GLY A 270 -3.12 0.38 -51.51
N PRO A 271 -3.57 1.45 -52.20
CA PRO A 271 -4.97 1.54 -52.62
C PRO A 271 -5.36 0.56 -53.69
N GLY A 272 -6.65 0.22 -53.69
CA GLY A 272 -7.21 -0.70 -54.66
C GLY A 272 -8.17 -1.61 -53.92
N THR A 273 -8.09 -2.90 -54.18
CA THR A 273 -9.07 -3.85 -53.63
C THR A 273 -8.36 -4.99 -52.90
N GLY A 274 -8.70 -5.16 -51.62
CA GLY A 274 -8.06 -6.18 -50.78
C GLY A 274 -8.70 -7.52 -51.06
N ILE A 275 -8.29 -8.56 -50.32
CA ILE A 275 -8.85 -9.89 -50.54
C ILE A 275 -9.25 -10.56 -49.24
N VAL A 276 -10.03 -11.60 -49.38
CA VAL A 276 -10.36 -12.50 -48.30
C VAL A 276 -9.77 -13.84 -48.72
N LEU A 277 -8.97 -14.44 -47.84
CA LEU A 277 -8.34 -15.73 -48.16
C LEU A 277 -9.42 -16.79 -48.32
N ARG A 278 -9.29 -17.60 -49.36
CA ARG A 278 -10.36 -18.53 -49.71
C ARG A 278 -10.00 -19.99 -49.42
N ASN A 279 -8.78 -20.22 -48.94
CA ASN A 279 -8.34 -21.56 -48.56
C ASN A 279 -7.29 -21.55 -47.46
N GLY A 280 -6.97 -22.74 -46.95
CA GLY A 280 -5.91 -22.88 -45.96
C GLY A 280 -6.37 -22.59 -44.55
N PRO A 281 -5.46 -22.71 -43.57
CA PRO A 281 -5.87 -22.58 -42.17
C PRO A 281 -6.31 -21.16 -41.79
N HIS A 282 -5.98 -20.17 -42.62
CA HIS A 282 -6.38 -18.78 -42.37
C HIS A 282 -7.46 -18.31 -43.33
N LYS A 283 -8.20 -19.25 -43.90
CA LYS A 283 -9.36 -18.93 -44.73
C LYS A 283 -10.35 -18.02 -43.99
N GLY A 284 -10.85 -17.00 -44.70
CA GLY A 284 -11.71 -16.00 -44.08
C GLY A 284 -10.96 -14.75 -43.66
N ARG A 285 -9.64 -14.85 -43.57
CA ARG A 285 -8.81 -13.69 -43.20
C ARG A 285 -8.95 -12.58 -44.26
N ILE A 286 -9.19 -11.35 -43.81
CA ILE A 286 -9.20 -10.19 -44.69
C ILE A 286 -7.80 -9.58 -44.75
N LEU A 287 -7.28 -9.36 -45.96
CA LEU A 287 -5.96 -8.80 -46.13
C LEU A 287 -6.03 -7.43 -46.79
N ILE A 288 -5.32 -6.44 -46.25
CA ILE A 288 -5.37 -5.06 -46.74
C ILE A 288 -3.93 -4.61 -46.94
N PRO A 289 -3.50 -4.39 -48.20
CA PRO A 289 -2.17 -3.89 -48.38
C PRO A 289 -2.01 -2.54 -47.67
N VAL A 290 -0.85 -2.35 -47.03
CA VAL A 290 -0.45 -1.06 -46.47
C VAL A 290 1.06 -0.89 -46.65
N TYR A 291 1.57 0.31 -46.32
CA TYR A 291 2.99 0.53 -46.28
C TYR A 291 3.38 1.58 -45.24
N THR A 292 4.61 1.51 -44.76
CA THR A 292 5.09 2.42 -43.70
C THR A 292 6.30 3.23 -44.10
N THR A 293 6.53 4.30 -43.38
CA THR A 293 7.87 4.86 -43.35
C THR A 293 8.34 4.93 -41.90
N ASN A 294 9.62 5.19 -41.74
CA ASN A 294 10.25 5.34 -40.43
C ASN A 294 10.82 6.74 -40.27
N ASN A 295 11.37 7.00 -39.08
CA ASN A 295 11.95 8.30 -38.77
C ASN A 295 13.40 8.47 -39.19
N VAL A 296 14.03 7.37 -39.60
CA VAL A 296 15.41 7.37 -40.03
C VAL A 296 15.50 7.97 -41.44
N SER A 297 14.64 7.57 -42.35
CA SER A 297 14.78 8.00 -43.76
C SER A 297 13.46 8.33 -44.47
N HIS A 298 12.34 8.10 -43.77
CA HIS A 298 11.01 8.51 -44.23
C HIS A 298 10.80 8.15 -45.70
N LEU A 299 10.44 9.12 -46.55
CA LEU A 299 10.10 8.86 -47.94
C LEU A 299 11.31 8.64 -48.87
N ASP A 300 12.50 8.78 -48.33
CA ASP A 300 13.73 8.69 -49.12
C ASP A 300 14.27 7.26 -49.15
N GLY A 301 14.02 6.51 -48.07
CA GLY A 301 14.64 5.20 -47.99
C GLY A 301 13.99 4.19 -47.11
N SER A 302 12.75 4.42 -46.70
CA SER A 302 12.11 3.45 -45.76
C SER A 302 10.75 2.90 -46.16
N GLN A 303 10.17 3.37 -47.27
CA GLN A 303 8.85 2.88 -47.68
C GLN A 303 8.85 1.37 -47.75
N SER A 304 7.94 0.71 -47.02
CA SER A 304 7.97 -0.75 -46.82
C SER A 304 6.55 -1.32 -46.83
N SER A 305 6.30 -2.23 -47.75
CA SER A 305 5.00 -2.93 -47.83
C SER A 305 4.81 -3.98 -46.74
N ARG A 306 3.53 -4.17 -46.39
CA ARG A 306 3.07 -5.28 -45.53
C ARG A 306 1.56 -5.35 -45.69
N VAL A 307 0.90 -6.24 -44.95
CA VAL A 307 -0.55 -6.21 -44.87
C VAL A 307 -1.03 -6.09 -43.42
N ILE A 308 -2.18 -5.45 -43.23
CA ILE A 308 -2.90 -5.59 -41.96
C ILE A 308 -4.01 -6.58 -42.25
N TYR A 309 -4.48 -7.27 -41.22
CA TYR A 309 -5.44 -8.36 -41.45
C TYR A 309 -6.44 -8.44 -40.32
N SER A 310 -7.61 -9.02 -40.62
CA SER A 310 -8.65 -9.32 -39.63
C SER A 310 -9.11 -10.77 -39.80
N ASP A 311 -9.16 -11.48 -38.67
CA ASP A 311 -9.69 -12.84 -38.61
C ASP A 311 -11.08 -12.89 -37.96
N ASP A 312 -11.63 -11.73 -37.58
CA ASP A 312 -12.96 -11.69 -36.95
C ASP A 312 -13.96 -10.81 -37.70
N HIS A 313 -13.91 -10.92 -39.03
CA HIS A 313 -14.83 -10.26 -39.97
C HIS A 313 -14.79 -8.73 -39.89
N GLY A 314 -13.59 -8.18 -39.68
CA GLY A 314 -13.40 -6.74 -39.74
C GLY A 314 -13.55 -6.02 -38.42
N LYS A 315 -13.84 -6.77 -37.35
CA LYS A 315 -13.99 -6.17 -36.02
C LYS A 315 -12.68 -5.66 -35.40
N THR A 316 -11.62 -6.47 -35.48
CA THR A 316 -10.29 -6.08 -35.00
C THR A 316 -9.26 -6.35 -36.08
N TRP A 317 -8.19 -5.55 -36.05
CA TRP A 317 -7.15 -5.54 -37.08
C TRP A 317 -5.77 -5.70 -36.46
N HIS A 318 -4.88 -6.36 -37.18
CA HIS A 318 -3.54 -6.66 -36.74
C HIS A 318 -2.55 -6.34 -37.86
N ALA A 319 -1.36 -5.91 -37.51
CA ALA A 319 -0.33 -5.73 -38.54
C ALA A 319 0.45 -7.01 -38.76
N GLY A 320 0.58 -7.41 -40.02
CA GLY A 320 1.58 -8.39 -40.42
C GLY A 320 2.95 -7.72 -40.32
N GLU A 321 3.99 -8.52 -40.50
CA GLU A 321 5.37 -8.04 -40.55
C GLU A 321 5.67 -7.49 -41.94
N ALA A 322 6.63 -6.55 -42.00
CA ALA A 322 7.03 -6.02 -43.30
C ALA A 322 7.80 -7.06 -44.12
N VAL A 323 7.61 -7.02 -45.44
CA VAL A 323 8.48 -7.75 -46.36
C VAL A 323 9.94 -7.46 -46.03
N ASN A 324 10.23 -6.19 -45.73
CA ASN A 324 11.61 -5.74 -45.45
C ASN A 324 12.11 -6.08 -44.02
N ASP A 325 11.28 -6.66 -43.15
CA ASP A 325 11.76 -7.03 -41.78
C ASP A 325 12.65 -8.26 -41.86
N ASN A 326 13.89 -8.14 -41.39
N ASN A 326 13.89 -8.14 -41.39
CA ASN A 326 14.89 -9.20 -41.45
CA ASN A 326 14.89 -9.22 -41.46
C ASN A 326 15.20 -9.63 -42.89
C ASN A 326 15.30 -9.61 -42.88
N ARG A 327 15.11 -8.67 -43.80
CA ARG A 327 15.45 -8.87 -45.18
C ARG A 327 16.95 -8.66 -45.36
N GLN A 328 17.60 -9.59 -46.05
CA GLN A 328 19.02 -9.46 -46.40
C GLN A 328 19.12 -8.61 -47.65
N VAL A 329 19.81 -7.48 -47.53
CA VAL A 329 20.12 -6.57 -48.66
C VAL A 329 21.61 -6.23 -48.54
N ASP A 330 22.35 -6.42 -49.64
CA ASP A 330 23.79 -6.19 -49.65
C ASP A 330 24.49 -7.00 -48.54
N GLY A 331 24.16 -8.29 -48.47
CA GLY A 331 24.66 -9.17 -47.41
C GLY A 331 24.47 -8.67 -45.99
N GLN A 332 23.44 -7.85 -45.76
CA GLN A 332 23.16 -7.33 -44.43
C GLN A 332 21.64 -7.24 -44.17
N LYS A 333 21.25 -7.51 -42.93
CA LYS A 333 19.84 -7.54 -42.57
C LYS A 333 19.33 -6.14 -42.27
N ILE A 334 18.18 -5.79 -42.86
CA ILE A 334 17.49 -4.54 -42.57
C ILE A 334 16.19 -4.83 -41.83
N HIS A 335 15.54 -3.77 -41.36
CA HIS A 335 14.23 -3.83 -40.73
C HIS A 335 13.52 -2.59 -41.24
N SER A 336 12.21 -2.68 -41.45
CA SER A 336 11.39 -1.56 -41.95
C SER A 336 11.51 -0.34 -41.04
N SER A 337 11.78 -0.57 -39.74
CA SER A 337 11.84 0.51 -38.76
C SER A 337 13.13 1.29 -38.77
N THR A 338 14.16 0.76 -39.43
CA THR A 338 15.50 1.33 -39.33
C THR A 338 16.17 1.50 -40.68
N MET A 339 15.54 0.98 -41.73
CA MET A 339 16.21 0.96 -43.04
C MET A 339 16.42 2.36 -43.62
N ASN A 340 17.43 2.44 -44.48
CA ASN A 340 17.67 3.63 -45.28
C ASN A 340 18.31 3.15 -46.57
N ASN A 341 17.46 2.67 -47.48
CA ASN A 341 17.91 2.07 -48.71
C ASN A 341 16.86 2.31 -49.79
N ARG A 342 17.17 3.22 -50.70
CA ARG A 342 16.24 3.61 -51.75
C ARG A 342 15.66 2.44 -52.54
N ARG A 343 16.54 1.59 -53.08
CA ARG A 343 16.14 0.50 -53.95
C ARG A 343 15.50 -0.67 -53.21
N ALA A 344 15.68 -0.72 -51.89
CA ALA A 344 15.10 -1.80 -51.07
C ALA A 344 13.65 -1.50 -50.67
N GLN A 345 13.22 -0.25 -50.89
CA GLN A 345 11.85 0.16 -50.61
C GLN A 345 10.84 -0.65 -51.40
N ASN A 346 9.66 -0.83 -50.81
CA ASN A 346 8.48 -1.36 -51.51
C ASN A 346 7.28 -0.64 -50.94
N THR A 347 6.36 -0.21 -51.80
CA THR A 347 5.42 0.82 -51.34
C THR A 347 4.01 0.31 -51.42
N GLU A 348 3.19 0.92 -52.28
CA GLU A 348 1.85 0.41 -52.53
C GLU A 348 1.96 -0.97 -53.14
N SER A 349 1.01 -1.84 -52.80
CA SER A 349 1.05 -3.22 -53.27
C SER A 349 -0.34 -3.81 -53.51
N THR A 350 -0.38 -4.92 -54.23
CA THR A 350 -1.61 -5.67 -54.45
C THR A 350 -1.41 -7.13 -54.05
N VAL A 351 -2.42 -7.70 -53.41
CA VAL A 351 -2.26 -8.99 -52.73
C VAL A 351 -3.16 -10.06 -53.37
N VAL A 352 -2.61 -11.26 -53.57
CA VAL A 352 -3.34 -12.36 -54.19
C VAL A 352 -3.02 -13.67 -53.43
N GLN A 353 -4.03 -14.49 -53.15
CA GLN A 353 -3.80 -15.85 -52.60
C GLN A 353 -3.85 -16.90 -53.72
N LEU A 354 -2.88 -17.81 -53.71
CA LEU A 354 -2.86 -18.97 -54.62
C LEU A 354 -3.70 -20.12 -54.07
N ASN A 355 -4.00 -21.08 -54.94
CA ASN A 355 -4.73 -22.28 -54.53
C ASN A 355 -3.97 -23.14 -53.52
N ASN A 356 -2.64 -23.08 -53.57
CA ASN A 356 -1.79 -23.79 -52.59
C ASN A 356 -1.76 -23.15 -51.19
N GLY A 357 -2.42 -22.00 -51.04
CA GLY A 357 -2.45 -21.27 -49.77
C GLY A 357 -1.49 -20.10 -49.63
N ASP A 358 -0.51 -20.01 -50.52
CA ASP A 358 0.53 -18.97 -50.43
C ASP A 358 -0.03 -17.63 -50.90
N VAL A 359 0.50 -16.55 -50.32
CA VAL A 359 0.01 -15.22 -50.61
C VAL A 359 1.11 -14.48 -51.36
N LYS A 360 0.77 -13.91 -52.51
CA LYS A 360 1.73 -13.13 -53.26
C LYS A 360 1.44 -11.64 -53.11
N LEU A 361 2.51 -10.88 -52.88
CA LEU A 361 2.41 -9.44 -52.74
C LEU A 361 3.21 -8.79 -53.83
N PHE A 362 2.50 -8.18 -54.76
CA PHE A 362 3.11 -7.48 -55.88
C PHE A 362 3.25 -6.03 -55.44
N MET A 363 4.48 -5.52 -55.43
CA MET A 363 4.78 -4.28 -54.74
C MET A 363 5.36 -3.25 -55.67
N ARG A 364 4.81 -2.05 -55.66
CA ARG A 364 5.42 -0.90 -56.35
C ARG A 364 6.83 -0.59 -55.80
N GLY A 365 7.78 -0.44 -56.72
CA GLY A 365 9.17 -0.33 -56.34
C GLY A 365 10.00 0.47 -57.31
N LEU A 366 11.30 0.51 -57.01
CA LEU A 366 12.23 1.36 -57.75
C LEU A 366 13.26 0.54 -58.53
N THR A 367 12.94 -0.72 -58.87
CA THR A 367 13.84 -1.54 -59.67
C THR A 367 13.63 -1.47 -61.19
N GLY A 368 12.53 -0.85 -61.62
CA GLY A 368 12.19 -0.79 -63.04
C GLY A 368 11.42 -2.01 -63.50
N ASP A 369 11.22 -2.97 -62.61
CA ASP A 369 10.48 -4.17 -62.96
C ASP A 369 9.68 -4.73 -61.78
N LEU A 370 8.92 -5.78 -62.04
CA LEU A 370 7.94 -6.26 -61.09
C LEU A 370 8.58 -7.03 -59.93
N GLN A 371 8.26 -6.58 -58.70
CA GLN A 371 8.77 -7.21 -57.49
C GLN A 371 7.64 -7.94 -56.78
N VAL A 372 7.87 -9.21 -56.41
CA VAL A 372 6.84 -10.04 -55.76
C VAL A 372 7.37 -10.74 -54.50
N ALA A 373 6.64 -10.62 -53.39
CA ALA A 373 7.00 -11.32 -52.17
C ALA A 373 6.00 -12.44 -51.92
N THR A 374 6.40 -13.44 -51.12
CA THR A 374 5.54 -14.58 -50.86
C THR A 374 5.44 -14.79 -49.37
N SER A 375 4.22 -15.01 -48.89
CA SER A 375 3.99 -15.40 -47.50
C SER A 375 3.37 -16.78 -47.49
N LYS A 376 3.83 -17.62 -46.56
CA LYS A 376 3.30 -18.99 -46.43
C LYS A 376 2.48 -19.13 -45.16
N ASP A 377 2.34 -18.04 -44.43
CA ASP A 377 1.54 -18.04 -43.19
C ASP A 377 0.36 -17.05 -43.16
N GLY A 378 -0.21 -16.79 -44.33
CA GLY A 378 -1.44 -15.99 -44.42
C GLY A 378 -1.21 -14.51 -44.27
N GLY A 379 -0.05 -14.06 -44.77
CA GLY A 379 0.29 -12.63 -44.84
C GLY A 379 1.06 -12.08 -43.65
N VAL A 380 1.32 -12.92 -42.64
CA VAL A 380 1.99 -12.48 -41.40
C VAL A 380 3.51 -12.24 -41.52
N THR A 381 4.22 -13.17 -42.17
CA THR A 381 5.64 -12.99 -42.46
C THR A 381 5.91 -13.30 -43.92
N TRP A 382 7.06 -12.87 -44.43
CA TRP A 382 7.37 -13.00 -45.84
C TRP A 382 8.66 -13.78 -46.02
N GLU A 383 8.71 -14.60 -47.06
CA GLU A 383 9.90 -15.42 -47.41
C GLU A 383 11.07 -14.51 -47.78
N LYS A 384 12.29 -15.03 -47.64
CA LYS A 384 13.50 -14.18 -47.75
C LYS A 384 13.78 -13.60 -49.13
N ASP A 385 13.23 -14.21 -50.17
CA ASP A 385 13.58 -13.76 -51.50
C ASP A 385 12.42 -13.02 -52.16
N ILE A 386 12.71 -11.80 -52.60
CA ILE A 386 11.75 -11.03 -53.38
C ILE A 386 12.03 -11.34 -54.86
N LYS A 387 11.07 -11.98 -55.53
CA LYS A 387 11.25 -12.33 -56.94
C LYS A 387 11.07 -11.11 -57.82
N ARG A 388 11.96 -10.96 -58.80
CA ARG A 388 11.82 -9.90 -59.80
C ARG A 388 11.51 -10.51 -61.14
N TYR A 389 10.57 -9.89 -61.85
CA TYR A 389 10.20 -10.30 -63.20
C TYR A 389 10.48 -9.18 -64.20
N PRO A 390 11.59 -9.32 -64.97
CA PRO A 390 11.98 -8.35 -66.00
C PRO A 390 10.98 -8.22 -67.17
N GLN A 391 10.10 -9.22 -67.32
CA GLN A 391 9.11 -9.20 -68.40
C GLN A 391 7.86 -8.34 -68.12
N VAL A 392 7.74 -7.83 -66.89
CA VAL A 392 6.73 -6.84 -66.56
C VAL A 392 7.45 -5.60 -66.02
N LYS A 393 7.35 -4.46 -66.72
CA LYS A 393 7.96 -3.22 -66.24
C LYS A 393 7.17 -2.64 -65.06
N ASP A 394 7.88 -1.95 -64.17
CA ASP A 394 7.25 -1.17 -63.11
C ASP A 394 7.93 0.19 -63.14
N VAL A 395 7.17 1.22 -63.54
CA VAL A 395 7.68 2.60 -63.68
C VAL A 395 7.49 3.40 -62.38
N TYR A 396 7.24 2.68 -61.29
CA TYR A 396 7.00 3.29 -59.97
C TYR A 396 5.64 3.95 -59.97
N VAL A 397 4.62 3.08 -59.99
CA VAL A 397 3.22 3.45 -59.93
C VAL A 397 2.44 2.27 -59.36
N GLN A 398 1.26 2.56 -58.79
CA GLN A 398 0.39 1.52 -58.25
C GLN A 398 0.02 0.51 -59.34
N MET A 399 -0.28 -0.72 -58.93
CA MET A 399 -0.78 -1.76 -59.82
C MET A 399 -1.89 -2.53 -59.11
N SER A 400 -2.64 -3.34 -59.85
CA SER A 400 -3.61 -4.24 -59.25
C SER A 400 -3.44 -5.63 -59.84
N ALA A 401 -3.75 -6.66 -59.06
CA ALA A 401 -3.62 -8.04 -59.53
C ALA A 401 -4.67 -8.90 -58.90
N ILE A 402 -5.15 -9.90 -59.65
CA ILE A 402 -6.22 -10.77 -59.15
C ILE A 402 -5.96 -12.21 -59.55
N HIS A 403 -6.42 -13.13 -58.71
CA HIS A 403 -6.36 -14.54 -58.99
C HIS A 403 -7.53 -14.88 -59.91
N THR A 404 -7.28 -15.77 -60.86
CA THR A 404 -8.37 -16.29 -61.68
C THR A 404 -8.14 -17.73 -62.12
N MET A 405 -9.24 -18.44 -62.36
CA MET A 405 -9.20 -19.81 -62.86
C MET A 405 -9.80 -19.83 -64.26
N HIS A 406 -9.10 -20.46 -65.19
CA HIS A 406 -9.63 -20.66 -66.53
C HIS A 406 -9.50 -22.12 -66.96
N GLU A 407 -10.66 -22.76 -67.15
CA GLU A 407 -10.77 -24.17 -67.54
C GLU A 407 -9.90 -25.09 -66.68
N GLY A 408 -9.99 -24.93 -65.37
CA GLY A 408 -9.27 -25.79 -64.42
C GLY A 408 -7.82 -25.42 -64.16
N LYS A 409 -7.33 -24.36 -64.78
CA LYS A 409 -5.94 -23.94 -64.56
C LYS A 409 -5.90 -22.59 -63.86
N GLU A 410 -4.84 -22.37 -63.08
CA GLU A 410 -4.70 -21.18 -62.24
C GLU A 410 -3.86 -20.08 -62.87
N TYR A 411 -4.33 -18.84 -62.77
CA TYR A 411 -3.65 -17.69 -63.38
C TYR A 411 -3.68 -16.48 -62.44
N ILE A 412 -2.83 -15.51 -62.73
CA ILE A 412 -2.95 -14.17 -62.14
C ILE A 412 -2.94 -13.15 -63.27
N ILE A 413 -3.83 -12.17 -63.14
CA ILE A 413 -3.91 -11.06 -64.05
C ILE A 413 -3.46 -9.82 -63.28
N LEU A 414 -2.52 -9.09 -63.86
CA LEU A 414 -2.00 -7.87 -63.25
C LEU A 414 -2.07 -6.75 -64.26
N SER A 415 -2.53 -5.58 -63.83
CA SER A 415 -2.52 -4.41 -64.69
C SER A 415 -1.67 -3.30 -64.14
N ASN A 416 -0.93 -2.64 -65.02
CA ASN A 416 -0.21 -1.44 -64.70
C ASN A 416 0.24 -0.75 -65.96
N ALA A 417 0.82 0.44 -65.79
CA ALA A 417 1.39 1.21 -66.91
C ALA A 417 2.56 0.45 -67.55
N GLY A 418 2.63 0.51 -68.88
CA GLY A 418 3.70 -0.15 -69.63
C GLY A 418 4.94 0.68 -69.75
N GLY A 419 4.79 2.00 -69.60
CA GLY A 419 5.93 2.91 -69.64
C GLY A 419 6.21 3.45 -71.03
N PRO A 420 7.29 4.24 -71.20
CA PRO A 420 8.29 4.67 -70.20
C PRO A 420 7.77 5.47 -69.00
N LYS A 421 6.73 6.28 -69.19
CA LYS A 421 6.18 7.06 -68.09
C LYS A 421 4.86 6.42 -67.66
N ARG A 422 3.99 7.18 -67.01
CA ARG A 422 2.72 6.65 -66.59
C ARG A 422 1.75 6.70 -67.78
N GLU A 423 1.92 5.72 -68.66
CA GLU A 423 1.27 5.67 -69.97
C GLU A 423 1.20 4.23 -70.43
N ASN A 424 0.33 3.96 -71.39
CA ASN A 424 0.30 2.67 -72.07
C ASN A 424 -0.10 1.53 -71.15
N GLY A 425 -1.33 1.59 -70.67
CA GLY A 425 -1.86 0.60 -69.74
C GLY A 425 -1.74 -0.80 -70.30
N MET A 426 -1.30 -1.73 -69.47
CA MET A 426 -1.14 -3.12 -69.87
C MET A 426 -1.95 -4.02 -68.94
N VAL A 427 -2.45 -5.13 -69.50
CA VAL A 427 -3.00 -6.22 -68.70
C VAL A 427 -2.11 -7.45 -68.96
N HIS A 428 -1.39 -7.88 -67.93
CA HIS A 428 -0.43 -8.98 -68.04
C HIS A 428 -1.08 -10.27 -67.54
N LEU A 429 -0.74 -11.39 -68.18
CA LEU A 429 -1.29 -12.69 -67.80
C LEU A 429 -0.17 -13.67 -67.45
N ALA A 430 -0.28 -14.28 -66.26
CA ALA A 430 0.68 -15.27 -65.78
C ALA A 430 0.01 -16.60 -65.46
N ARG A 431 0.63 -17.69 -65.91
CA ARG A 431 0.28 -19.02 -65.39
C ARG A 431 0.92 -19.10 -64.01
N VAL A 432 0.19 -19.59 -63.02
CA VAL A 432 0.90 -19.97 -61.79
C VAL A 432 1.24 -21.46 -61.83
N GLU A 433 2.52 -21.74 -61.74
CA GLU A 433 3.06 -23.10 -61.76
C GLU A 433 2.85 -23.78 -60.40
N GLU A 434 2.99 -25.11 -60.39
CA GLU A 434 2.74 -25.91 -59.19
C GLU A 434 3.60 -25.49 -57.99
N ASN A 435 4.79 -24.96 -58.27
CA ASN A 435 5.67 -24.51 -57.20
C ASN A 435 5.43 -23.05 -56.80
N GLY A 436 4.38 -22.44 -57.36
CA GLY A 436 4.07 -21.04 -57.10
C GLY A 436 4.81 -20.03 -57.96
N GLU A 437 5.70 -20.51 -58.82
CA GLU A 437 6.39 -19.64 -59.78
C GLU A 437 5.36 -19.14 -60.80
N LEU A 438 5.54 -17.89 -61.22
CA LEU A 438 4.67 -17.25 -62.20
C LEU A 438 5.34 -17.27 -63.55
N THR A 439 4.61 -17.71 -64.56
CA THR A 439 5.11 -17.69 -65.91
C THR A 439 4.26 -16.70 -66.72
N TRP A 440 4.91 -15.64 -67.19
CA TRP A 440 4.23 -14.56 -67.89
C TRP A 440 4.03 -14.95 -69.34
N LEU A 441 2.78 -14.99 -69.74
CA LEU A 441 2.35 -15.55 -71.01
C LEU A 441 2.04 -14.43 -71.99
N LYS A 442 1.19 -13.49 -71.57
CA LYS A 442 0.73 -12.42 -72.44
C LYS A 442 0.81 -11.05 -71.79
N HIS A 443 1.08 -10.04 -72.61
CA HIS A 443 1.14 -8.64 -72.20
C HIS A 443 0.31 -7.82 -73.16
N ASN A 444 -0.91 -7.48 -72.74
CA ASN A 444 -1.95 -6.90 -73.60
C ASN A 444 -2.20 -5.42 -73.34
N PRO A 445 -1.92 -4.55 -74.34
CA PRO A 445 -2.24 -3.12 -74.18
C PRO A 445 -3.75 -2.87 -74.01
N ILE A 446 -4.12 -2.01 -73.07
CA ILE A 446 -5.54 -1.78 -72.80
C ILE A 446 -5.95 -0.29 -72.92
N GLN A 447 -4.95 0.60 -72.89
CA GLN A 447 -5.22 2.03 -72.96
C GLN A 447 -3.97 2.81 -73.35
N LYS A 448 -3.99 3.38 -74.55
CA LYS A 448 -2.94 4.28 -74.99
C LYS A 448 -2.99 5.62 -74.27
N GLY A 449 -1.87 6.32 -74.25
CA GLY A 449 -1.78 7.62 -73.57
C GLY A 449 -1.62 7.42 -72.07
N GLU A 450 -2.03 8.43 -71.29
CA GLU A 450 -1.87 8.46 -69.83
C GLU A 450 -2.54 7.27 -69.18
N PHE A 451 -1.84 6.65 -68.23
CA PHE A 451 -2.39 5.50 -67.51
C PHE A 451 -1.62 5.39 -66.21
N ALA A 452 -2.35 5.33 -65.11
CA ALA A 452 -1.70 5.32 -63.80
C ALA A 452 -2.37 4.25 -62.93
N TYR A 453 -3.06 4.68 -61.87
CA TYR A 453 -3.65 3.76 -60.89
C TYR A 453 -4.83 2.97 -61.49
N ASN A 454 -5.03 1.74 -61.02
CA ASN A 454 -6.05 0.88 -61.58
C ASN A 454 -6.50 -0.22 -60.62
N SER A 455 -7.70 -0.76 -60.84
CA SER A 455 -8.22 -1.82 -59.99
C SER A 455 -8.97 -2.80 -60.89
N LEU A 456 -8.58 -4.08 -60.76
CA LEU A 456 -9.18 -5.17 -61.51
C LEU A 456 -10.18 -5.93 -60.67
N GLN A 457 -11.23 -6.43 -61.33
CA GLN A 457 -12.14 -7.42 -60.75
C GLN A 457 -12.58 -8.45 -61.79
N GLU A 458 -12.69 -9.69 -61.36
CA GLU A 458 -13.33 -10.72 -62.16
C GLU A 458 -14.83 -10.51 -62.03
N LEU A 459 -15.53 -10.53 -63.18
CA LEU A 459 -16.97 -10.28 -63.23
C LEU A 459 -17.83 -11.54 -63.39
N GLY A 460 -17.19 -12.67 -63.71
CA GLY A 460 -17.90 -13.93 -63.92
C GLY A 460 -18.08 -14.22 -65.40
N ASN A 461 -18.28 -15.50 -65.72
CA ASN A 461 -18.51 -15.97 -67.10
C ASN A 461 -17.41 -15.58 -68.09
N GLY A 462 -16.16 -15.59 -67.63
CA GLY A 462 -15.00 -15.27 -68.46
C GLY A 462 -14.74 -13.80 -68.71
N GLU A 463 -15.44 -12.93 -67.98
CA GLU A 463 -15.33 -11.47 -68.12
C GLU A 463 -14.62 -10.82 -66.92
N TYR A 464 -13.96 -9.70 -67.20
CA TYR A 464 -13.19 -8.97 -66.19
C TYR A 464 -13.43 -7.49 -66.34
N GLY A 465 -13.41 -6.77 -65.21
CA GLY A 465 -13.57 -5.32 -65.24
C GLY A 465 -12.34 -4.60 -64.70
N ILE A 466 -12.10 -3.38 -65.19
CA ILE A 466 -10.98 -2.58 -64.74
C ILE A 466 -11.37 -1.10 -64.68
N LEU A 467 -11.08 -0.49 -63.53
CA LEU A 467 -11.29 0.93 -63.32
C LEU A 467 -9.92 1.54 -63.24
N TYR A 468 -9.67 2.61 -63.99
CA TYR A 468 -8.29 3.11 -64.10
C TYR A 468 -8.19 4.61 -64.34
N GLU A 469 -7.04 5.19 -63.99
CA GLU A 469 -6.73 6.59 -64.18
C GLU A 469 -6.24 6.88 -65.60
N HIS A 470 -6.83 7.89 -66.23
CA HIS A 470 -6.45 8.25 -67.58
C HIS A 470 -6.90 9.70 -67.78
N THR A 471 -6.19 10.43 -68.64
CA THR A 471 -6.68 11.73 -69.10
C THR A 471 -6.49 11.84 -70.60
N GLU A 472 -7.37 12.62 -71.22
CA GLU A 472 -7.10 13.13 -72.56
C GLU A 472 -7.47 14.60 -72.66
N LYS A 473 -7.21 15.19 -73.82
CA LYS A 473 -7.51 16.60 -74.11
C LYS A 473 -7.77 17.50 -72.90
N GLY A 474 -6.70 17.85 -72.19
CA GLY A 474 -6.78 18.84 -71.11
C GLY A 474 -7.59 18.48 -69.89
N GLN A 475 -8.07 17.24 -69.81
CA GLN A 475 -8.72 16.70 -68.60
C GLN A 475 -7.73 16.73 -67.44
N ASN A 476 -8.19 17.25 -66.31
CA ASN A 476 -7.38 17.29 -65.09
C ASN A 476 -7.06 15.85 -64.66
N ALA A 477 -5.88 15.63 -64.08
CA ALA A 477 -5.50 14.31 -63.60
C ALA A 477 -6.28 13.99 -62.31
N TYR A 478 -7.15 12.97 -62.34
CA TYR A 478 -7.45 12.15 -63.50
C TYR A 478 -8.96 12.03 -63.70
N THR A 479 -9.37 11.49 -64.85
CA THR A 479 -10.70 10.93 -65.03
C THR A 479 -10.63 9.39 -64.83
N LEU A 480 -11.55 8.83 -64.05
CA LEU A 480 -11.56 7.38 -63.81
C LEU A 480 -12.53 6.68 -64.76
N SER A 481 -11.99 5.79 -65.60
CA SER A 481 -12.78 5.08 -66.61
C SER A 481 -12.83 3.57 -66.37
N PHE A 482 -13.85 2.92 -66.93
CA PHE A 482 -14.06 1.49 -66.78
C PHE A 482 -14.05 0.81 -68.16
N ARG A 483 -13.52 -0.40 -68.19
CA ARG A 483 -13.59 -1.26 -69.37
C ARG A 483 -13.85 -2.68 -68.92
N LYS A 484 -14.48 -3.47 -69.79
CA LYS A 484 -14.66 -4.90 -69.56
C LYS A 484 -13.91 -5.64 -70.66
N PHE A 485 -13.28 -6.75 -70.29
CA PHE A 485 -12.61 -7.63 -71.26
C PHE A 485 -12.85 -9.10 -70.93
N ASN A 486 -12.55 -9.97 -71.89
CA ASN A 486 -12.77 -11.40 -71.70
C ASN A 486 -11.49 -12.21 -71.89
N TRP A 487 -11.59 -13.52 -71.76
CA TRP A 487 -10.42 -14.38 -71.83
C TRP A 487 -9.70 -14.25 -73.17
N GLU A 488 -10.47 -14.06 -74.24
CA GLU A 488 -9.92 -13.85 -75.58
C GLU A 488 -8.98 -12.65 -75.66
N PHE A 489 -9.34 -11.54 -75.00
CA PHE A 489 -8.45 -10.37 -74.91
C PHE A 489 -7.16 -10.71 -74.16
N LEU A 490 -7.30 -11.49 -73.10
CA LEU A 490 -6.16 -11.91 -72.27
C LEU A 490 -5.21 -12.82 -73.02
N SER A 491 -5.76 -13.87 -73.63
CA SER A 491 -4.99 -14.82 -74.43
C SER A 491 -5.23 -14.57 -75.93
N ALA B 23 34.26 14.89 11.33
CA ALA B 23 33.86 15.54 10.05
C ALA B 23 33.92 14.52 8.91
N LEU B 24 35.03 14.52 8.17
CA LEU B 24 35.23 13.57 7.07
C LEU B 24 36.30 12.53 7.41
N THR B 25 35.98 11.26 7.19
CA THR B 25 36.93 10.17 7.39
C THR B 25 37.88 10.06 6.21
N GLU B 26 39.01 9.38 6.40
CA GLU B 26 39.93 9.11 5.30
C GLU B 26 39.35 7.99 4.43
N LYS B 27 39.74 7.98 3.16
CA LYS B 27 39.19 6.99 2.23
C LYS B 27 39.52 5.54 2.62
N THR B 28 38.53 4.66 2.46
CA THR B 28 38.72 3.22 2.59
C THR B 28 38.49 2.64 1.20
N ASP B 29 39.45 1.85 0.72
CA ASP B 29 39.37 1.25 -0.61
C ASP B 29 38.55 -0.03 -0.57
N ILE B 30 37.40 -0.02 -1.27
CA ILE B 30 36.45 -1.14 -1.22
C ILE B 30 36.62 -2.11 -2.39
N PHE B 31 36.85 -1.56 -3.58
CA PHE B 31 37.16 -2.36 -4.75
C PHE B 31 38.47 -1.82 -5.26
N GLU B 32 39.47 -2.69 -5.32
CA GLU B 32 40.83 -2.27 -5.65
C GLU B 32 41.18 -2.62 -7.07
N SER B 33 41.61 -1.62 -7.83
CA SER B 33 42.02 -1.83 -9.22
C SER B 33 43.51 -2.15 -9.30
N GLY B 34 43.92 -2.73 -10.42
CA GLY B 34 45.33 -3.01 -10.65
C GLY B 34 46.13 -1.73 -10.85
N ARG B 35 47.40 -1.87 -11.18
CA ARG B 35 48.27 -0.71 -11.38
C ARG B 35 48.98 -0.80 -12.71
N ASN B 36 49.27 0.37 -13.29
CA ASN B 36 50.02 0.50 -14.56
C ASN B 36 49.53 -0.37 -15.72
N GLY B 37 48.23 -0.60 -15.79
CA GLY B 37 47.65 -1.42 -16.84
C GLY B 37 47.70 -2.91 -16.55
N ASN B 38 48.05 -3.27 -15.33
CA ASN B 38 48.15 -4.68 -14.95
C ASN B 38 46.98 -5.15 -14.08
N PRO B 39 46.77 -6.48 -13.96
CA PRO B 39 45.71 -6.93 -13.06
C PRO B 39 46.09 -6.73 -11.59
N ASN B 40 45.08 -6.64 -10.73
CA ASN B 40 45.32 -6.61 -9.29
C ASN B 40 45.64 -8.05 -8.83
N LYS B 41 45.75 -8.25 -7.52
CA LYS B 41 46.09 -9.56 -6.95
C LYS B 41 45.01 -10.65 -7.15
N ASP B 42 43.81 -10.24 -7.57
CA ASP B 42 42.71 -11.17 -7.88
C ASP B 42 42.60 -11.44 -9.38
N GLY B 43 43.54 -10.90 -10.17
CA GLY B 43 43.48 -11.03 -11.62
C GLY B 43 42.41 -10.15 -12.27
N ILE B 44 42.07 -9.06 -11.60
CA ILE B 44 41.09 -8.07 -12.08
C ILE B 44 41.81 -6.78 -12.42
N LYS B 45 41.53 -6.21 -13.60
CA LYS B 45 42.16 -4.96 -14.02
C LYS B 45 41.64 -3.74 -13.25
N SER B 46 40.33 -3.62 -13.15
CA SER B 46 39.70 -2.44 -12.54
C SER B 46 38.24 -2.65 -12.16
N TYR B 47 37.70 -1.67 -11.44
CA TYR B 47 36.29 -1.63 -11.09
C TYR B 47 35.73 -0.28 -11.48
N ARG B 48 34.44 -0.26 -11.78
CA ARG B 48 33.76 0.99 -12.07
C ARG B 48 32.32 0.95 -11.58
N ILE B 49 31.70 2.12 -11.60
CA ILE B 49 30.25 2.26 -11.43
C ILE B 49 29.75 1.88 -10.03
N PRO B 50 30.10 2.67 -9.01
CA PRO B 50 29.64 2.39 -7.66
C PRO B 50 28.13 2.50 -7.48
N ALA B 51 27.57 1.60 -6.68
CA ALA B 51 26.25 1.78 -6.12
C ALA B 51 26.32 1.45 -4.63
N LEU B 52 25.77 2.33 -3.81
CA LEU B 52 25.83 2.16 -2.36
C LEU B 52 24.41 2.09 -1.82
N LEU B 53 24.06 0.94 -1.25
CA LEU B 53 22.77 0.77 -0.62
C LEU B 53 22.94 0.66 0.88
N LYS B 54 22.22 1.48 1.63
CA LYS B 54 22.06 1.30 3.08
C LYS B 54 20.75 0.53 3.32
N THR B 55 20.86 -0.72 3.78
CA THR B 55 19.68 -1.58 3.98
C THR B 55 18.93 -1.33 5.30
N ASP B 56 17.78 -1.98 5.44
CA ASP B 56 16.93 -1.90 6.63
C ASP B 56 17.60 -2.40 7.91
N LYS B 57 18.58 -3.28 7.74
CA LYS B 57 19.30 -3.88 8.87
C LYS B 57 20.59 -3.12 9.19
N GLY B 58 20.76 -1.98 8.54
CA GLY B 58 21.92 -1.13 8.75
C GLY B 58 23.09 -1.43 7.85
N THR B 59 23.03 -2.56 7.16
CA THR B 59 24.10 -3.02 6.25
C THR B 59 24.35 -2.07 5.08
N LEU B 60 25.60 -1.97 4.67
CA LEU B 60 25.95 -1.24 3.46
C LEU B 60 26.35 -2.22 2.36
N ILE B 61 25.60 -2.19 1.26
CA ILE B 61 25.95 -2.97 0.07
C ILE B 61 26.64 -2.04 -0.91
N ALA B 62 27.87 -2.38 -1.29
CA ALA B 62 28.63 -1.65 -2.29
C ALA B 62 28.70 -2.45 -3.58
N GLY B 63 28.07 -1.95 -4.63
CA GLY B 63 28.00 -2.62 -5.93
C GLY B 63 28.94 -2.00 -6.93
N ALA B 64 29.41 -2.82 -7.87
CA ALA B 64 30.37 -2.36 -8.90
C ALA B 64 30.34 -3.23 -10.16
N ASP B 65 30.80 -2.64 -11.27
CA ASP B 65 31.23 -3.39 -12.46
C ASP B 65 32.61 -3.96 -12.14
N GLU B 66 32.77 -5.28 -12.18
CA GLU B 66 34.09 -5.92 -12.05
C GLU B 66 34.67 -6.26 -13.43
N ARG B 67 35.71 -5.54 -13.83
CA ARG B 67 36.31 -5.68 -15.16
C ARG B 67 37.62 -6.45 -15.14
N ARG B 68 37.52 -7.74 -15.46
CA ARG B 68 38.64 -8.67 -15.37
C ARG B 68 39.76 -8.34 -16.33
N LEU B 69 39.43 -8.16 -17.61
CA LEU B 69 40.45 -8.15 -18.69
C LEU B 69 41.05 -6.80 -19.09
N HIS B 70 40.23 -5.75 -19.08
CA HIS B 70 40.65 -4.43 -19.52
C HIS B 70 39.66 -3.41 -19.01
N SER B 71 39.98 -2.13 -19.18
CA SER B 71 39.15 -1.07 -18.62
C SER B 71 38.33 -0.34 -19.70
N SER B 72 37.63 -1.12 -20.52
CA SER B 72 36.73 -0.59 -21.53
C SER B 72 35.25 -0.73 -21.14
N ASP B 73 34.36 -0.21 -21.99
CA ASP B 73 32.93 -0.26 -21.72
C ASP B 73 32.30 -1.52 -22.31
N TRP B 74 33.04 -2.62 -22.21
CA TRP B 74 32.61 -3.94 -22.69
C TRP B 74 33.58 -5.01 -22.20
N GLY B 75 33.43 -6.22 -22.72
CA GLY B 75 34.28 -7.34 -22.33
C GLY B 75 33.66 -8.13 -21.19
N ASP B 76 34.53 -8.82 -20.45
CA ASP B 76 34.14 -9.66 -19.35
C ASP B 76 33.94 -8.79 -18.11
N ILE B 77 32.68 -8.53 -17.80
CA ILE B 77 32.30 -7.74 -16.64
C ILE B 77 31.29 -8.55 -15.82
N GLY B 78 31.57 -8.71 -14.53
CA GLY B 78 30.60 -9.29 -13.59
C GLY B 78 29.97 -8.24 -12.70
N MET B 79 28.73 -8.49 -12.27
CA MET B 79 28.02 -7.61 -11.35
C MET B 79 28.32 -8.13 -9.94
N VAL B 80 29.03 -7.34 -9.17
CA VAL B 80 29.51 -7.77 -7.87
C VAL B 80 29.12 -6.82 -6.76
N ILE B 81 29.00 -7.35 -5.55
CA ILE B 81 28.81 -6.52 -4.36
C ILE B 81 29.74 -6.94 -3.18
N ARG B 82 29.96 -6.01 -2.25
N ARG B 82 29.96 -6.01 -2.25
CA ARG B 82 30.56 -6.30 -0.94
CA ARG B 82 30.56 -6.29 -0.94
C ARG B 82 29.63 -5.76 0.14
C ARG B 82 29.61 -5.77 0.14
N ARG B 83 29.73 -6.32 1.34
CA ARG B 83 28.86 -5.94 2.47
C ARG B 83 29.66 -5.49 3.68
N SER B 84 29.22 -4.38 4.29
CA SER B 84 29.73 -3.92 5.58
C SER B 84 28.61 -3.90 6.60
N GLU B 85 28.77 -4.68 7.67
CA GLU B 85 27.74 -4.76 8.70
C GLU B 85 28.03 -3.82 9.87
N ASP B 86 29.12 -3.05 9.75
CA ASP B 86 29.55 -2.11 10.79
C ASP B 86 29.68 -0.66 10.27
N ASN B 87 28.69 -0.24 9.47
CA ASN B 87 28.62 1.12 8.93
C ASN B 87 29.83 1.56 8.09
N GLY B 88 30.44 0.61 7.37
CA GLY B 88 31.49 0.94 6.40
C GLY B 88 32.92 0.80 6.88
N LYS B 89 33.11 0.31 8.10
CA LYS B 89 34.46 0.13 8.66
C LYS B 89 35.22 -0.99 7.95
N THR B 90 34.65 -2.19 8.00
CA THR B 90 35.22 -3.37 7.34
C THR B 90 34.22 -3.99 6.39
N TRP B 91 34.72 -4.63 5.34
CA TRP B 91 33.86 -5.19 4.30
C TRP B 91 34.17 -6.66 4.04
N GLY B 92 33.12 -7.46 3.87
CA GLY B 92 33.26 -8.89 3.54
C GLY B 92 33.78 -9.13 2.13
N ASP B 93 33.83 -10.40 1.74
CA ASP B 93 34.33 -10.79 0.42
C ASP B 93 33.33 -10.46 -0.69
N ARG B 94 33.84 -10.27 -1.90
CA ARG B 94 33.02 -10.02 -3.10
C ARG B 94 31.97 -11.10 -3.27
N VAL B 95 30.73 -10.69 -3.53
CA VAL B 95 29.64 -11.60 -3.89
C VAL B 95 29.28 -11.30 -5.36
N THR B 96 29.31 -12.32 -6.22
CA THR B 96 28.97 -12.12 -7.63
C THR B 96 27.48 -12.36 -7.85
N ILE B 97 26.81 -11.32 -8.33
CA ILE B 97 25.39 -11.42 -8.66
C ILE B 97 25.27 -12.16 -10.00
N THR B 98 25.98 -11.66 -11.01
CA THR B 98 25.87 -12.21 -12.35
C THR B 98 27.20 -12.04 -13.06
N ASN B 99 27.63 -13.10 -13.74
CA ASN B 99 28.84 -13.04 -14.53
C ASN B 99 28.71 -14.08 -15.62
N LEU B 100 28.30 -13.62 -16.81
CA LEU B 100 28.05 -14.51 -17.95
C LEU B 100 29.37 -15.04 -18.51
N ARG B 101 29.39 -16.28 -18.96
CA ARG B 101 30.63 -16.89 -19.43
C ARG B 101 31.05 -16.32 -20.78
N ASP B 102 32.36 -16.30 -21.01
CA ASP B 102 32.91 -15.82 -22.26
C ASP B 102 32.65 -16.78 -23.42
N ASN B 103 32.68 -16.25 -24.63
CA ASN B 103 32.73 -17.08 -25.81
C ASN B 103 34.13 -17.67 -25.88
N PRO B 104 34.26 -19.01 -25.67
CA PRO B 104 35.58 -19.61 -25.64
C PRO B 104 36.22 -19.68 -27.03
N LYS B 105 35.46 -19.33 -28.07
CA LYS B 105 35.92 -19.36 -29.46
C LYS B 105 36.13 -17.98 -30.09
N ALA B 106 35.87 -16.91 -29.34
CA ALA B 106 36.01 -15.55 -29.88
C ALA B 106 37.47 -15.26 -30.25
N SER B 107 37.67 -14.68 -31.43
CA SER B 107 39.01 -14.31 -31.92
C SER B 107 39.70 -13.29 -31.02
N ASP B 108 38.91 -12.34 -30.51
CA ASP B 108 39.45 -11.28 -29.66
C ASP B 108 38.72 -11.30 -28.32
N PRO B 109 39.35 -11.89 -27.29
CA PRO B 109 38.68 -12.00 -25.98
C PRO B 109 38.28 -10.66 -25.35
N SER B 110 38.94 -9.58 -25.76
CA SER B 110 38.61 -8.24 -25.24
C SER B 110 37.18 -7.82 -25.61
N ILE B 111 36.66 -8.41 -26.68
CA ILE B 111 35.27 -8.20 -27.12
C ILE B 111 34.47 -9.52 -27.22
N GLY B 112 34.92 -10.57 -26.54
CA GLY B 112 34.36 -11.90 -26.75
C GLY B 112 33.50 -12.44 -25.62
N SER B 113 32.95 -11.53 -24.82
CA SER B 113 32.02 -11.90 -23.74
C SER B 113 30.68 -11.18 -23.90
N PRO B 114 29.56 -11.90 -23.71
CA PRO B 114 28.31 -11.18 -23.45
C PRO B 114 28.54 -10.23 -22.26
N VAL B 115 27.91 -9.06 -22.31
CA VAL B 115 28.22 -7.96 -21.43
C VAL B 115 27.06 -7.67 -20.47
N ASN B 116 27.35 -7.60 -19.18
CA ASN B 116 26.49 -6.90 -18.23
C ASN B 116 27.27 -5.69 -17.81
N ILE B 117 26.58 -4.56 -17.62
CA ILE B 117 27.25 -3.27 -17.43
C ILE B 117 26.29 -2.28 -16.76
N ASP B 118 26.78 -1.53 -15.77
CA ASP B 118 26.03 -0.46 -15.07
C ASP B 118 24.85 -0.99 -14.24
N MET B 119 24.92 -0.87 -12.92
CA MET B 119 23.82 -1.35 -12.08
C MET B 119 23.16 -0.25 -11.26
N VAL B 120 21.92 -0.51 -10.88
CA VAL B 120 21.21 0.31 -9.91
C VAL B 120 20.72 -0.58 -8.77
N LEU B 121 20.92 -0.12 -7.54
CA LEU B 121 20.50 -0.85 -6.35
C LEU B 121 19.35 -0.11 -5.67
N VAL B 122 18.44 -0.88 -5.08
CA VAL B 122 17.33 -0.32 -4.31
C VAL B 122 16.71 -1.42 -3.46
N GLN B 123 16.19 -1.03 -2.30
CA GLN B 123 15.45 -1.95 -1.44
C GLN B 123 13.97 -1.57 -1.32
N ASP B 124 13.10 -2.55 -1.42
CA ASP B 124 11.69 -2.35 -1.10
C ASP B 124 11.56 -2.32 0.42
N PRO B 125 10.92 -1.25 0.95
CA PRO B 125 10.94 -1.11 2.41
C PRO B 125 9.90 -1.98 3.11
N GLU B 126 8.92 -2.49 2.36
CA GLU B 126 7.90 -3.39 2.91
C GLU B 126 8.34 -4.86 2.87
N THR B 127 8.83 -5.32 1.72
CA THR B 127 9.25 -6.72 1.57
C THR B 127 10.71 -6.93 1.96
N LYS B 128 11.47 -5.84 2.03
CA LYS B 128 12.93 -5.83 2.27
C LYS B 128 13.72 -6.48 1.13
N ARG B 129 13.04 -6.87 0.04
CA ARG B 129 13.73 -7.38 -1.14
C ARG B 129 14.66 -6.32 -1.71
N ILE B 130 15.84 -6.77 -2.12
CA ILE B 130 16.86 -5.89 -2.67
C ILE B 130 17.00 -6.21 -4.15
N PHE B 131 16.96 -5.17 -4.99
CA PHE B 131 17.07 -5.36 -6.43
C PHE B 131 18.37 -4.77 -6.96
N SER B 132 18.97 -5.47 -7.91
CA SER B 132 20.03 -4.92 -8.75
C SER B 132 19.51 -4.96 -10.19
N ILE B 133 19.44 -3.80 -10.82
CA ILE B 133 19.03 -3.72 -12.23
C ILE B 133 20.21 -3.24 -13.05
N TYR B 134 20.48 -3.92 -14.17
CA TYR B 134 21.70 -3.66 -14.95
C TYR B 134 21.47 -3.98 -16.42
N ASP B 135 22.34 -3.45 -17.26
CA ASP B 135 22.25 -3.67 -18.71
C ASP B 135 22.81 -5.03 -19.09
N MET B 136 22.36 -5.53 -20.23
CA MET B 136 22.91 -6.74 -20.83
C MET B 136 22.95 -6.57 -22.34
N PHE B 137 24.01 -7.07 -22.94
CA PHE B 137 24.16 -7.09 -24.38
C PHE B 137 24.74 -8.47 -24.72
N PRO B 138 24.41 -9.00 -25.90
CA PRO B 138 25.16 -10.16 -26.38
C PRO B 138 26.65 -9.84 -26.60
N GLU B 139 27.46 -10.85 -26.87
CA GLU B 139 28.89 -10.69 -27.12
C GLU B 139 29.19 -9.51 -28.04
N GLY B 140 30.18 -8.70 -27.67
CA GLY B 140 30.56 -7.56 -28.51
C GLY B 140 30.96 -6.33 -27.72
N LYS B 141 30.75 -5.16 -28.32
CA LYS B 141 31.24 -3.91 -27.72
C LYS B 141 30.21 -3.10 -26.90
N GLY B 142 29.14 -3.78 -26.47
CA GLY B 142 28.10 -3.12 -25.67
C GLY B 142 27.43 -1.99 -26.42
N ILE B 143 27.22 -0.87 -25.74
CA ILE B 143 26.55 0.29 -26.34
C ILE B 143 27.31 0.79 -27.58
N PHE B 144 28.63 0.55 -27.61
CA PHE B 144 29.47 0.96 -28.73
C PHE B 144 29.54 -0.07 -29.84
N GLY B 145 28.77 -1.16 -29.69
CA GLY B 145 28.71 -2.16 -30.74
C GLY B 145 27.34 -2.33 -31.38
N MET B 146 26.41 -1.42 -31.08
CA MET B 146 25.02 -1.56 -31.53
C MET B 146 24.89 -1.42 -33.05
N SER B 147 24.00 -2.22 -33.64
CA SER B 147 23.83 -2.18 -35.10
C SER B 147 22.96 -1.00 -35.54
N SER B 148 23.13 -0.57 -36.80
CA SER B 148 22.26 0.44 -37.37
C SER B 148 20.81 -0.06 -37.57
N GLN B 149 20.65 -1.38 -37.58
CA GLN B 149 19.36 -2.01 -37.89
C GLN B 149 18.74 -2.76 -36.74
N LYS B 150 17.43 -2.62 -36.63
CA LYS B 150 16.66 -3.26 -35.58
C LYS B 150 16.55 -4.77 -35.81
N GLU B 151 16.63 -5.54 -34.73
CA GLU B 151 16.32 -6.96 -34.82
C GLU B 151 15.28 -7.28 -33.74
N GLU B 152 14.13 -7.81 -34.14
CA GLU B 152 13.04 -8.04 -33.19
C GLU B 152 13.54 -9.03 -32.14
N ALA B 153 13.29 -8.74 -30.86
CA ALA B 153 13.80 -9.56 -29.75
C ALA B 153 12.73 -10.48 -29.13
N TYR B 154 11.47 -10.06 -29.21
CA TYR B 154 10.36 -10.81 -28.59
C TYR B 154 9.23 -11.08 -29.56
N LYS B 155 8.45 -12.12 -29.29
CA LYS B 155 7.28 -12.43 -30.09
C LYS B 155 6.13 -12.85 -29.18
N LYS B 156 4.95 -12.27 -29.42
CA LYS B 156 3.74 -12.61 -28.66
C LYS B 156 2.97 -13.70 -29.40
N ILE B 157 2.75 -14.82 -28.72
CA ILE B 157 2.02 -15.97 -29.28
C ILE B 157 1.01 -16.48 -28.26
N ASP B 158 -0.27 -16.35 -28.60
CA ASP B 158 -1.39 -16.74 -27.73
C ASP B 158 -1.33 -16.10 -26.32
N GLY B 159 -0.97 -14.83 -26.27
CA GLY B 159 -0.94 -14.08 -25.00
C GLY B 159 0.31 -14.30 -24.15
N LYS B 160 1.33 -14.90 -24.73
CA LYS B 160 2.60 -15.11 -24.03
C LYS B 160 3.73 -14.45 -24.83
N THR B 161 4.61 -13.75 -24.13
CA THR B 161 5.77 -13.10 -24.77
C THR B 161 6.97 -14.05 -24.72
N TYR B 162 7.49 -14.42 -25.89
CA TYR B 162 8.68 -15.30 -25.97
C TYR B 162 9.85 -14.55 -26.54
N GLN B 163 11.04 -14.82 -26.03
CA GLN B 163 12.27 -14.29 -26.61
C GLN B 163 12.56 -15.04 -27.91
N ILE B 164 13.00 -14.30 -28.92
CA ILE B 164 13.22 -14.86 -30.25
C ILE B 164 14.66 -15.36 -30.33
N LEU B 165 14.85 -16.41 -31.15
CA LEU B 165 16.15 -16.88 -31.57
C LEU B 165 16.23 -16.88 -33.08
N TYR B 166 17.41 -16.49 -33.58
CA TYR B 166 17.73 -16.50 -35.00
C TYR B 166 18.72 -17.63 -35.30
N ARG B 167 18.52 -18.27 -36.45
CA ARG B 167 19.34 -19.38 -36.95
C ARG B 167 19.97 -18.95 -38.27
N GLU B 168 21.28 -19.17 -38.43
CA GLU B 168 22.01 -18.67 -39.61
C GLU B 168 21.42 -19.21 -40.92
N GLY B 169 21.21 -18.33 -41.88
CA GLY B 169 20.66 -18.70 -43.18
C GLY B 169 19.17 -19.01 -43.20
N GLU B 170 18.50 -18.75 -42.08
CA GLU B 170 17.05 -18.90 -41.99
C GLU B 170 16.46 -17.58 -41.46
N LYS B 171 15.43 -17.08 -42.12
CA LYS B 171 14.90 -15.75 -41.85
C LYS B 171 13.95 -15.67 -40.65
N GLY B 172 13.18 -16.73 -40.44
CA GLY B 172 12.11 -16.72 -39.44
C GLY B 172 12.55 -16.71 -38.01
N ALA B 173 11.63 -16.35 -37.11
CA ALA B 173 11.94 -16.26 -35.69
C ALA B 173 11.60 -17.55 -34.96
N TYR B 174 12.63 -18.22 -34.45
CA TYR B 174 12.43 -19.30 -33.47
C TYR B 174 12.05 -18.65 -32.15
N THR B 175 11.40 -19.41 -31.27
CA THR B 175 11.09 -18.90 -29.94
C THR B 175 11.54 -19.85 -28.85
N ILE B 176 11.78 -19.30 -27.66
CA ILE B 176 12.09 -20.05 -26.44
C ILE B 176 10.82 -20.10 -25.60
N ARG B 177 10.24 -21.28 -25.49
CA ARG B 177 8.98 -21.41 -24.77
C ARG B 177 9.14 -22.18 -23.45
N GLU B 178 8.07 -22.86 -23.02
CA GLU B 178 8.09 -23.64 -21.78
C GLU B 178 9.34 -24.51 -21.67
N ASN B 179 9.92 -24.52 -20.48
CA ASN B 179 11.09 -25.35 -20.15
C ASN B 179 12.37 -24.94 -20.89
N GLY B 180 12.31 -23.84 -21.64
CA GLY B 180 13.44 -23.38 -22.44
C GLY B 180 13.49 -24.06 -23.79
N THR B 181 12.49 -24.87 -24.07
CA THR B 181 12.42 -25.60 -25.31
C THR B 181 12.27 -24.64 -26.48
N VAL B 182 13.10 -24.85 -27.51
CA VAL B 182 13.11 -23.99 -28.68
C VAL B 182 12.08 -24.48 -29.70
N TYR B 183 11.25 -23.55 -30.18
CA TYR B 183 10.22 -23.88 -31.17
C TYR B 183 10.55 -23.24 -32.51
N THR B 184 10.16 -23.91 -33.60
CA THR B 184 10.38 -23.39 -34.94
C THR B 184 9.53 -22.16 -35.19
N PRO B 185 9.87 -21.37 -36.23
CA PRO B 185 8.96 -20.29 -36.65
C PRO B 185 7.50 -20.76 -36.81
N ASP B 186 7.32 -21.95 -37.37
CA ASP B 186 5.98 -22.51 -37.64
C ASP B 186 5.26 -23.07 -36.40
N GLY B 187 5.92 -23.03 -35.25
CA GLY B 187 5.29 -23.38 -33.97
C GLY B 187 5.47 -24.81 -33.49
N LYS B 188 6.46 -25.51 -34.04
CA LYS B 188 6.73 -26.89 -33.64
C LYS B 188 7.97 -27.03 -32.75
N ALA B 189 7.87 -27.90 -31.73
CA ALA B 189 8.96 -28.13 -30.78
C ALA B 189 10.18 -28.77 -31.42
N THR B 190 11.37 -28.24 -31.09
CA THR B 190 12.63 -28.80 -31.61
C THR B 190 13.30 -29.67 -30.55
N ASP B 191 14.43 -30.29 -30.91
CA ASP B 191 15.27 -31.03 -29.96
C ASP B 191 16.19 -30.12 -29.15
N TYR B 192 16.13 -28.81 -29.43
CA TYR B 192 17.00 -27.81 -28.80
C TYR B 192 16.35 -27.14 -27.60
N ARG B 193 17.17 -26.68 -26.66
CA ARG B 193 16.70 -26.03 -25.45
C ARG B 193 17.73 -25.08 -24.88
N VAL B 194 17.22 -24.05 -24.21
CA VAL B 194 18.05 -23.03 -23.61
C VAL B 194 18.01 -23.21 -22.10
N VAL B 195 19.15 -23.00 -21.44
CA VAL B 195 19.17 -22.89 -19.99
C VAL B 195 18.49 -21.57 -19.57
N VAL B 196 17.24 -21.71 -19.15
CA VAL B 196 16.43 -20.59 -18.71
C VAL B 196 16.34 -20.52 -17.17
N ASP B 197 16.71 -21.62 -16.51
CA ASP B 197 16.92 -21.63 -15.07
C ASP B 197 18.38 -22.02 -14.73
N PRO B 198 19.32 -21.06 -14.87
CA PRO B 198 20.75 -21.26 -14.68
C PRO B 198 21.06 -21.64 -13.23
N VAL B 199 22.08 -22.48 -13.05
CA VAL B 199 22.38 -23.07 -11.74
C VAL B 199 23.83 -22.91 -11.33
N LYS B 200 24.71 -22.58 -12.29
CA LYS B 200 26.14 -22.48 -11.98
C LYS B 200 26.41 -21.21 -11.17
N PRO B 201 27.54 -21.16 -10.43
CA PRO B 201 27.91 -19.93 -9.72
C PRO B 201 27.97 -18.72 -10.65
N ALA B 202 27.40 -17.60 -10.20
CA ALA B 202 27.29 -16.36 -10.97
C ALA B 202 26.35 -16.50 -12.19
N TYR B 203 25.59 -17.60 -12.23
CA TYR B 203 24.66 -17.91 -13.32
C TYR B 203 25.34 -17.86 -14.68
N SER B 204 26.60 -18.29 -14.70
CA SER B 204 27.42 -18.29 -15.90
C SER B 204 26.91 -19.25 -16.99
N ASP B 205 25.95 -20.09 -16.65
CA ASP B 205 25.31 -21.01 -17.61
C ASP B 205 24.07 -20.43 -18.31
N LYS B 206 23.64 -19.23 -17.92
CA LYS B 206 22.44 -18.63 -18.52
C LYS B 206 22.62 -18.54 -20.03
N GLY B 207 21.61 -18.95 -20.78
CA GLY B 207 21.64 -18.86 -22.23
C GLY B 207 22.34 -20.01 -22.92
N ASP B 208 22.88 -20.96 -22.15
CA ASP B 208 23.51 -22.14 -22.76
C ASP B 208 22.49 -22.86 -23.63
N LEU B 209 22.95 -23.31 -24.80
CA LEU B 209 22.12 -23.93 -25.79
C LEU B 209 22.45 -25.42 -25.86
N TYR B 210 21.48 -26.27 -25.50
CA TYR B 210 21.59 -27.72 -25.53
C TYR B 210 20.79 -28.35 -26.66
N LYS B 211 21.23 -29.54 -27.08
CA LYS B 211 20.40 -30.45 -27.86
C LYS B 211 20.43 -31.75 -27.04
N GLY B 212 19.29 -32.14 -26.50
CA GLY B 212 19.24 -33.19 -25.50
C GLY B 212 20.06 -32.77 -24.29
N ASP B 213 21.05 -33.58 -23.93
CA ASP B 213 21.96 -33.26 -22.82
C ASP B 213 23.36 -32.84 -23.28
N GLN B 214 23.47 -32.52 -24.56
CA GLN B 214 24.71 -32.06 -25.15
C GLN B 214 24.73 -30.53 -25.21
N LEU B 215 25.66 -29.92 -24.48
CA LEU B 215 25.87 -28.49 -24.56
C LEU B 215 26.46 -28.20 -25.92
N LEU B 216 25.85 -27.27 -26.64
CA LEU B 216 26.34 -26.91 -27.97
C LEU B 216 26.99 -25.53 -28.03
N GLY B 217 26.48 -24.59 -27.24
CA GLY B 217 27.01 -23.22 -27.28
C GLY B 217 26.21 -22.33 -26.40
N ASN B 218 26.05 -21.06 -26.81
CA ASN B 218 25.28 -20.09 -26.03
C ASN B 218 24.58 -19.06 -26.92
N ILE B 219 23.32 -18.77 -26.58
CA ILE B 219 22.48 -17.87 -27.36
C ILE B 219 22.95 -16.39 -27.34
N TYR B 220 23.85 -16.08 -26.41
CA TYR B 220 24.45 -14.73 -26.29
C TYR B 220 25.76 -14.61 -27.06
N PHE B 221 26.21 -15.71 -27.64
CA PHE B 221 27.41 -15.70 -28.47
C PHE B 221 27.06 -15.22 -29.88
N THR B 222 27.94 -14.40 -30.45
CA THR B 222 27.67 -13.79 -31.75
C THR B 222 28.74 -14.10 -32.81
N THR B 223 29.88 -14.65 -32.39
CA THR B 223 30.95 -15.00 -33.34
C THR B 223 31.43 -16.43 -33.15
N ASN B 224 31.92 -17.03 -34.24
CA ASN B 224 32.47 -18.39 -34.20
C ASN B 224 31.59 -19.33 -33.39
N LYS B 225 30.29 -19.28 -33.67
CA LYS B 225 29.31 -19.98 -32.86
C LYS B 225 29.43 -21.49 -33.03
N THR B 226 29.13 -22.23 -31.96
CA THR B 226 29.12 -23.70 -32.04
C THR B 226 27.69 -24.25 -31.99
N SER B 227 26.73 -23.39 -31.65
CA SER B 227 25.31 -23.72 -31.73
C SER B 227 24.63 -22.94 -32.86
N PRO B 228 23.43 -23.39 -33.31
CA PRO B 228 22.76 -22.71 -34.42
C PRO B 228 22.06 -21.39 -34.07
N PHE B 229 21.93 -21.07 -32.79
CA PHE B 229 20.96 -20.03 -32.37
C PHE B 229 21.55 -18.85 -31.63
N ARG B 230 20.95 -17.69 -31.84
CA ARG B 230 21.33 -16.48 -31.10
C ARG B 230 20.13 -15.57 -30.85
N ILE B 231 20.17 -14.82 -29.75
CA ILE B 231 19.16 -13.81 -29.51
C ILE B 231 19.36 -12.62 -30.47
N ALA B 232 18.37 -11.73 -30.50
CA ALA B 232 18.44 -10.46 -31.22
C ALA B 232 19.62 -9.65 -30.73
N LYS B 233 20.33 -9.05 -31.67
CA LYS B 233 21.40 -8.14 -31.32
C LYS B 233 20.75 -6.85 -30.87
N ASP B 234 20.79 -6.56 -29.57
CA ASP B 234 20.08 -5.42 -29.00
C ASP B 234 20.57 -5.17 -27.57
N SER B 235 20.06 -4.09 -27.00
CA SER B 235 20.29 -3.68 -25.63
C SER B 235 19.14 -4.22 -24.78
N TYR B 236 19.49 -4.85 -23.67
CA TYR B 236 18.54 -5.47 -22.74
C TYR B 236 18.71 -4.92 -21.33
N LEU B 237 17.69 -5.12 -20.49
CA LEU B 237 17.73 -4.71 -19.10
C LEU B 237 17.38 -5.93 -18.27
N TRP B 238 18.24 -6.25 -17.31
CA TRP B 238 18.06 -7.43 -16.47
C TRP B 238 17.95 -7.02 -15.01
N MET B 239 17.35 -7.91 -14.21
CA MET B 239 17.17 -7.65 -12.79
C MET B 239 17.43 -8.91 -12.00
N SER B 240 18.18 -8.76 -10.91
CA SER B 240 18.38 -9.84 -9.94
C SER B 240 17.97 -9.30 -8.59
N TYR B 241 17.53 -10.17 -7.69
CA TYR B 241 17.14 -9.71 -6.36
C TYR B 241 17.68 -10.59 -5.23
N SER B 242 17.78 -10.01 -4.03
CA SER B 242 18.21 -10.72 -2.84
C SER B 242 17.21 -10.51 -1.70
N ASP B 243 16.84 -11.61 -1.04
CA ASP B 243 15.97 -11.55 0.13
C ASP B 243 16.71 -11.88 1.43
N ASP B 244 18.04 -11.83 1.40
CA ASP B 244 18.86 -12.13 2.58
C ASP B 244 19.97 -11.11 2.78
N ASP B 245 19.62 -9.85 2.59
CA ASP B 245 20.52 -8.73 2.86
C ASP B 245 21.76 -8.71 1.96
N GLY B 246 21.61 -9.19 0.72
CA GLY B 246 22.66 -9.10 -0.30
C GLY B 246 23.66 -10.24 -0.32
N LYS B 247 23.35 -11.31 0.41
CA LYS B 247 24.27 -12.44 0.55
C LYS B 247 24.16 -13.40 -0.61
N THR B 248 22.93 -13.70 -1.03
CA THR B 248 22.68 -14.48 -2.23
C THR B 248 21.65 -13.76 -3.12
N TRP B 249 21.67 -14.10 -4.40
CA TRP B 249 20.88 -13.42 -5.42
C TRP B 249 20.18 -14.42 -6.33
N SER B 250 18.99 -14.04 -6.81
CA SER B 250 18.25 -14.83 -7.78
C SER B 250 18.99 -14.88 -9.11
N ALA B 251 18.53 -15.75 -10.00
CA ALA B 251 18.96 -15.77 -11.40
C ALA B 251 18.44 -14.50 -12.09
N PRO B 252 19.16 -14.02 -13.11
CA PRO B 252 18.72 -12.79 -13.80
C PRO B 252 17.32 -12.91 -14.42
N GLN B 253 16.50 -11.88 -14.22
CA GLN B 253 15.21 -11.76 -14.88
C GLN B 253 15.32 -10.72 -15.99
N ASP B 254 14.85 -11.08 -17.17
CA ASP B 254 14.83 -10.18 -18.32
C ASP B 254 13.62 -9.24 -18.27
N ILE B 255 13.82 -8.00 -17.79
CA ILE B 255 12.71 -7.06 -17.70
C ILE B 255 12.49 -6.18 -18.94
N THR B 256 13.36 -6.33 -19.92
CA THR B 256 13.28 -5.58 -21.18
C THR B 256 11.88 -5.52 -21.78
N PRO B 257 11.22 -6.69 -22.00
CA PRO B 257 9.96 -6.60 -22.76
C PRO B 257 8.83 -5.86 -22.03
N MET B 258 8.97 -5.64 -20.73
CA MET B 258 8.00 -4.86 -20.00
C MET B 258 8.14 -3.35 -20.23
N VAL B 259 9.34 -2.89 -20.59
CA VAL B 259 9.63 -1.45 -20.59
C VAL B 259 10.25 -0.89 -21.89
N LYS B 260 10.80 -1.74 -22.74
CA LYS B 260 11.44 -1.24 -23.98
C LYS B 260 10.45 -1.12 -25.13
N ALA B 261 10.28 0.10 -25.62
CA ALA B 261 9.36 0.36 -26.72
C ALA B 261 10.03 -0.03 -28.04
N ASP B 262 9.23 -0.27 -29.07
CA ASP B 262 9.71 -0.76 -30.37
C ASP B 262 10.67 0.21 -31.07
N TRP B 263 10.61 1.50 -30.70
CA TRP B 263 11.53 2.49 -31.29
C TRP B 263 12.88 2.62 -30.58
N MET B 264 12.94 2.22 -29.31
CA MET B 264 14.18 2.41 -28.53
C MET B 264 15.36 1.64 -29.08
N LYS B 265 16.51 2.31 -29.20
CA LYS B 265 17.75 1.62 -29.58
C LYS B 265 18.41 1.14 -28.28
N PHE B 266 19.22 1.99 -27.66
CA PHE B 266 19.66 1.72 -26.28
C PHE B 266 18.58 2.03 -25.23
N LEU B 267 18.47 1.16 -24.23
CA LEU B 267 17.74 1.43 -22.98
C LEU B 267 18.62 0.85 -21.87
N GLY B 268 19.03 1.70 -20.93
CA GLY B 268 20.00 1.27 -19.94
C GLY B 268 19.80 2.05 -18.68
N VAL B 269 20.33 1.55 -17.55
CA VAL B 269 20.18 2.28 -16.29
C VAL B 269 21.07 3.52 -16.18
N GLY B 270 20.62 4.47 -15.35
CA GLY B 270 21.47 5.52 -14.81
C GLY B 270 21.96 5.00 -13.46
N PRO B 271 23.20 4.50 -13.41
CA PRO B 271 23.70 3.72 -12.29
C PRO B 271 23.80 4.52 -10.98
N GLY B 272 23.79 3.81 -9.86
CA GLY B 272 23.71 4.42 -8.54
C GLY B 272 22.63 3.73 -7.76
N THR B 273 21.87 4.51 -7.00
CA THR B 273 20.89 3.92 -6.09
C THR B 273 19.51 4.50 -6.34
N GLY B 274 18.56 3.63 -6.64
CA GLY B 274 17.19 4.06 -6.92
C GLY B 274 16.51 4.39 -5.61
N ILE B 275 15.24 4.81 -5.69
CA ILE B 275 14.47 5.16 -4.50
C ILE B 275 13.13 4.47 -4.46
N VAL B 276 12.49 4.55 -3.30
CA VAL B 276 11.12 4.13 -3.16
C VAL B 276 10.37 5.36 -2.64
N LEU B 277 9.24 5.66 -3.27
CA LEU B 277 8.47 6.85 -2.90
C LEU B 277 7.88 6.62 -1.50
N ARG B 278 8.03 7.63 -0.65
CA ARG B 278 7.64 7.50 0.75
C ARG B 278 6.35 8.26 1.09
N ASN B 279 5.95 9.18 0.21
CA ASN B 279 4.72 9.95 0.40
C ASN B 279 3.89 10.08 -0.87
N GLY B 280 2.65 10.57 -0.74
CA GLY B 280 1.77 10.86 -1.89
C GLY B 280 0.97 9.67 -2.39
N PRO B 281 0.19 9.87 -3.46
CA PRO B 281 -0.67 8.83 -4.03
C PRO B 281 0.08 7.61 -4.55
N HIS B 282 1.37 7.78 -4.83
CA HIS B 282 2.17 6.72 -5.43
C HIS B 282 3.19 6.14 -4.44
N LYS B 283 2.98 6.38 -3.16
CA LYS B 283 3.85 5.87 -2.11
C LYS B 283 4.08 4.36 -2.30
N GLY B 284 5.31 3.92 -2.11
CA GLY B 284 5.67 2.50 -2.29
C GLY B 284 6.21 2.21 -3.69
N ARG B 285 6.15 3.21 -4.57
CA ARG B 285 6.66 3.05 -5.94
C ARG B 285 8.18 3.02 -5.97
N ILE B 286 8.72 2.03 -6.66
CA ILE B 286 10.16 1.91 -6.83
C ILE B 286 10.51 2.65 -8.12
N LEU B 287 11.46 3.58 -8.03
CA LEU B 287 11.91 4.37 -9.18
C LEU B 287 13.34 4.00 -9.55
N ILE B 288 13.55 3.63 -10.82
CA ILE B 288 14.88 3.29 -11.32
C ILE B 288 15.17 4.22 -12.51
N PRO B 289 16.21 5.07 -12.39
CA PRO B 289 16.62 5.95 -13.48
C PRO B 289 17.12 5.10 -14.64
N VAL B 290 16.73 5.48 -15.85
CA VAL B 290 17.18 4.79 -17.04
C VAL B 290 17.37 5.89 -18.10
N TYR B 291 17.97 5.56 -19.22
CA TYR B 291 17.99 6.50 -20.35
C TYR B 291 17.98 5.73 -21.66
N THR B 292 17.51 6.37 -22.72
CA THR B 292 17.36 5.69 -23.99
C THR B 292 18.09 6.43 -25.07
N THR B 293 18.30 5.76 -26.20
CA THR B 293 18.65 6.40 -27.47
C THR B 293 17.64 5.95 -28.55
N ASN B 294 17.57 6.71 -29.64
CA ASN B 294 16.73 6.36 -30.79
C ASN B 294 17.58 6.06 -32.02
N ASN B 295 16.92 5.65 -33.10
CA ASN B 295 17.60 5.27 -34.33
C ASN B 295 17.88 6.45 -35.27
N VAL B 296 17.28 7.61 -34.97
CA VAL B 296 17.55 8.86 -35.72
C VAL B 296 18.96 9.40 -35.44
N SER B 297 19.31 9.60 -34.17
CA SER B 297 20.63 10.15 -33.81
C SER B 297 21.43 9.36 -32.76
N HIS B 298 20.82 8.34 -32.18
CA HIS B 298 21.53 7.45 -31.23
C HIS B 298 22.34 8.27 -30.20
N LEU B 299 23.64 8.04 -30.10
CA LEU B 299 24.45 8.69 -29.04
C LEU B 299 24.87 10.11 -29.36
N ASP B 300 24.51 10.57 -30.55
CA ASP B 300 24.93 11.90 -30.99
C ASP B 300 23.92 12.99 -30.64
N GLY B 301 22.64 12.66 -30.60
CA GLY B 301 21.63 13.66 -30.32
C GLY B 301 20.34 13.17 -29.67
N SER B 302 20.35 11.98 -29.09
CA SER B 302 19.10 11.42 -28.57
C SER B 302 19.06 10.90 -27.13
N GLN B 303 20.17 10.90 -26.41
CA GLN B 303 20.17 10.29 -25.07
C GLN B 303 19.14 11.02 -24.21
N SER B 304 18.22 10.28 -23.59
CA SER B 304 17.07 10.88 -22.92
C SER B 304 16.78 10.15 -21.63
N SER B 305 16.77 10.88 -20.52
N SER B 305 16.77 10.89 -20.52
CA SER B 305 16.54 10.25 -19.22
CA SER B 305 16.50 10.31 -19.21
C SER B 305 15.05 10.09 -18.92
C SER B 305 15.02 10.04 -19.00
N ARG B 306 14.74 9.06 -18.15
CA ARG B 306 13.39 8.79 -17.67
C ARG B 306 13.57 7.83 -16.49
N VAL B 307 12.45 7.38 -15.92
CA VAL B 307 12.51 6.29 -14.96
C VAL B 307 11.68 5.11 -15.43
N ILE B 308 12.01 3.92 -14.95
CA ILE B 308 11.05 2.82 -14.97
C ILE B 308 10.61 2.66 -13.53
N TYR B 309 9.43 2.10 -13.33
CA TYR B 309 8.90 1.98 -11.97
C TYR B 309 8.11 0.68 -11.77
N SER B 310 7.97 0.28 -10.50
CA SER B 310 7.16 -0.85 -10.10
C SER B 310 6.32 -0.44 -8.90
N ASP B 311 5.03 -0.74 -8.97
CA ASP B 311 4.08 -0.43 -7.90
C ASP B 311 3.71 -1.71 -7.19
N ASP B 312 4.27 -2.83 -7.62
CA ASP B 312 3.94 -4.12 -7.00
C ASP B 312 5.18 -4.79 -6.43
N HIS B 313 6.01 -3.98 -5.77
CA HIS B 313 7.23 -4.44 -5.09
C HIS B 313 8.19 -5.22 -6.01
N GLY B 314 8.36 -4.71 -7.24
CA GLY B 314 9.34 -5.25 -8.16
C GLY B 314 8.91 -6.40 -9.06
N LYS B 315 7.64 -6.79 -9.00
CA LYS B 315 7.13 -7.90 -9.83
C LYS B 315 6.94 -7.50 -11.31
N THR B 316 6.35 -6.34 -11.55
CA THR B 316 6.15 -5.85 -12.92
C THR B 316 6.70 -4.43 -13.00
N TRP B 317 7.16 -4.06 -14.19
CA TRP B 317 7.85 -2.79 -14.39
C TRP B 317 7.18 -2.02 -15.52
N HIS B 318 7.23 -0.68 -15.43
CA HIS B 318 6.60 0.18 -16.43
C HIS B 318 7.55 1.34 -16.78
N ALA B 319 7.45 1.86 -17.99
CA ALA B 319 8.30 2.98 -18.36
C ALA B 319 7.49 4.24 -18.10
N GLY B 320 8.12 5.18 -17.42
CA GLY B 320 7.62 6.56 -17.42
C GLY B 320 7.92 7.19 -18.77
N GLU B 321 7.42 8.40 -18.99
CA GLU B 321 7.74 9.18 -20.20
C GLU B 321 9.12 9.80 -20.01
N ALA B 322 9.80 10.08 -21.13
CA ALA B 322 11.07 10.78 -21.03
C ALA B 322 10.81 12.24 -20.67
N VAL B 323 11.77 12.82 -19.95
CA VAL B 323 11.85 14.27 -19.71
C VAL B 323 11.74 15.01 -21.04
N ASN B 324 12.41 14.47 -22.08
CA ASN B 324 12.40 15.05 -23.45
C ASN B 324 11.13 14.86 -24.28
N ASP B 325 10.15 14.11 -23.78
CA ASP B 325 8.92 13.86 -24.54
C ASP B 325 8.00 15.09 -24.54
N ASN B 326 7.70 15.62 -25.73
CA ASN B 326 6.93 16.87 -25.86
C ASN B 326 7.58 18.02 -25.11
N ARG B 327 8.90 18.07 -25.14
CA ARG B 327 9.62 19.16 -24.48
C ARG B 327 9.87 20.26 -25.50
N GLN B 328 9.72 21.50 -25.09
CA GLN B 328 9.98 22.63 -25.98
C GLN B 328 11.46 22.99 -25.91
N VAL B 329 12.14 22.88 -27.05
CA VAL B 329 13.57 23.18 -27.13
C VAL B 329 13.79 24.16 -28.28
N ASP B 330 14.29 25.35 -27.93
CA ASP B 330 14.63 26.42 -28.88
C ASP B 330 13.67 26.46 -30.07
N GLY B 331 12.42 26.80 -29.78
CA GLY B 331 11.39 26.97 -30.81
C GLY B 331 10.38 25.84 -30.89
N GLN B 332 10.88 24.60 -30.82
CA GLN B 332 10.11 23.47 -31.30
C GLN B 332 10.08 22.30 -30.32
N LYS B 333 8.97 21.57 -30.35
CA LYS B 333 8.78 20.40 -29.52
C LYS B 333 9.66 19.27 -30.02
N ILE B 334 10.23 18.51 -29.10
CA ILE B 334 10.94 17.28 -29.47
C ILE B 334 10.27 16.08 -28.81
N HIS B 335 10.71 14.89 -29.20
CA HIS B 335 10.32 13.64 -28.53
C HIS B 335 11.57 12.78 -28.42
N SER B 336 11.69 12.00 -27.37
CA SER B 336 12.86 11.10 -27.20
C SER B 336 13.08 10.12 -28.37
N SER B 337 12.00 9.79 -29.08
CA SER B 337 12.08 8.78 -30.15
C SER B 337 12.56 9.37 -31.47
N THR B 338 12.54 10.69 -31.56
CA THR B 338 12.81 11.35 -32.85
C THR B 338 13.81 12.51 -32.76
N MET B 339 14.19 12.90 -31.55
CA MET B 339 15.11 14.07 -31.40
C MET B 339 16.51 13.83 -31.99
N ASN B 340 17.14 14.94 -32.38
CA ASN B 340 18.53 14.96 -32.77
C ASN B 340 19.06 16.32 -32.35
N ASN B 341 19.44 16.39 -31.09
CA ASN B 341 19.83 17.62 -30.46
C ASN B 341 20.81 17.30 -29.36
N ARG B 342 22.10 17.46 -29.67
CA ARG B 342 23.17 17.20 -28.71
C ARG B 342 22.95 17.86 -27.34
N ARG B 343 22.74 19.17 -27.32
CA ARG B 343 22.63 19.92 -26.07
C ARG B 343 21.35 19.63 -25.27
N ALA B 344 20.30 19.14 -25.93
CA ALA B 344 19.04 18.80 -25.23
C ALA B 344 19.01 17.35 -24.69
N GLN B 345 20.10 16.63 -24.89
CA GLN B 345 20.24 15.30 -24.32
C GLN B 345 20.30 15.35 -22.79
N ASN B 346 19.82 14.29 -22.16
CA ASN B 346 20.06 14.07 -20.74
C ASN B 346 20.20 12.57 -20.55
N THR B 347 21.11 12.16 -19.68
CA THR B 347 21.60 10.78 -19.78
C THR B 347 21.39 10.04 -18.47
N GLU B 348 22.46 9.55 -17.86
CA GLU B 348 22.39 9.02 -16.51
C GLU B 348 21.82 10.07 -15.59
N SER B 349 21.00 9.64 -14.64
CA SER B 349 20.35 10.57 -13.73
C SER B 349 20.21 9.95 -12.33
N THR B 350 19.93 10.81 -11.36
CA THR B 350 19.71 10.39 -9.99
C THR B 350 18.38 10.99 -9.52
N VAL B 351 17.59 10.19 -8.81
CA VAL B 351 16.20 10.52 -8.54
C VAL B 351 15.95 10.69 -7.03
N VAL B 352 15.17 11.72 -6.68
CA VAL B 352 14.86 12.05 -5.28
C VAL B 352 13.38 12.45 -5.18
N GLN B 353 12.71 11.99 -4.12
CA GLN B 353 11.38 12.50 -3.82
C GLN B 353 11.38 13.49 -2.65
N LEU B 354 10.64 14.57 -2.86
CA LEU B 354 10.50 15.64 -1.88
C LEU B 354 9.34 15.35 -0.94
N ASN B 355 9.31 16.05 0.19
CA ASN B 355 8.22 15.88 1.15
C ASN B 355 6.87 16.32 0.63
N ASN B 356 6.87 17.29 -0.29
CA ASN B 356 5.63 17.75 -0.93
C ASN B 356 5.10 16.78 -2.00
N GLY B 357 5.81 15.68 -2.20
CA GLY B 357 5.39 14.66 -3.18
C GLY B 357 6.07 14.73 -4.54
N ASP B 358 6.76 15.85 -4.81
CA ASP B 358 7.45 16.02 -6.10
C ASP B 358 8.65 15.08 -6.20
N VAL B 359 8.95 14.68 -7.44
CA VAL B 359 10.12 13.89 -7.74
C VAL B 359 11.02 14.77 -8.58
N LYS B 360 12.29 14.84 -8.19
CA LYS B 360 13.29 15.57 -8.94
C LYS B 360 14.23 14.58 -9.61
N LEU B 361 14.58 14.86 -10.86
CA LEU B 361 15.53 14.04 -11.59
C LEU B 361 16.74 14.89 -11.95
N PHE B 362 17.85 14.59 -11.30
CA PHE B 362 19.12 15.28 -11.54
C PHE B 362 19.85 14.55 -12.67
N MET B 363 19.98 15.21 -13.81
CA MET B 363 20.40 14.55 -15.06
C MET B 363 21.78 14.99 -15.58
N ARG B 364 22.63 14.01 -15.88
CA ARG B 364 23.90 14.25 -16.57
C ARG B 364 23.63 14.86 -17.92
N GLY B 365 24.38 15.89 -18.27
CA GLY B 365 24.13 16.58 -19.52
C GLY B 365 25.30 17.37 -20.01
N LEU B 366 25.05 18.18 -21.03
CA LEU B 366 26.11 18.85 -21.77
C LEU B 366 26.06 20.38 -21.69
N THR B 367 25.39 20.90 -20.65
CA THR B 367 25.28 22.36 -20.51
C THR B 367 26.39 22.98 -19.65
N GLY B 368 27.16 22.12 -18.97
CA GLY B 368 28.20 22.59 -18.05
C GLY B 368 27.73 22.77 -16.62
N ASP B 369 26.42 22.76 -16.42
CA ASP B 369 25.85 22.88 -15.08
C ASP B 369 24.72 21.89 -14.78
N LEU B 370 24.25 21.91 -13.54
CA LEU B 370 23.27 20.94 -13.09
C LEU B 370 21.87 21.13 -13.72
N GLN B 371 21.36 20.05 -14.31
CA GLN B 371 20.05 20.06 -14.92
C GLN B 371 19.08 19.21 -14.12
N VAL B 372 17.92 19.79 -13.79
CA VAL B 372 16.93 19.12 -12.97
C VAL B 372 15.54 19.16 -13.58
N ALA B 373 14.90 18.00 -13.66
CA ALA B 373 13.54 17.89 -14.14
C ALA B 373 12.64 17.59 -12.96
N THR B 374 11.37 17.99 -13.05
CA THR B 374 10.40 17.76 -11.98
C THR B 374 9.17 17.01 -12.47
N SER B 375 8.77 15.98 -11.73
N SER B 375 8.77 15.99 -11.72
CA SER B 375 7.51 15.29 -11.99
CA SER B 375 7.53 15.25 -11.97
C SER B 375 6.53 15.48 -10.85
C SER B 375 6.54 15.48 -10.84
N LYS B 376 5.28 15.74 -11.20
CA LYS B 376 4.19 15.96 -10.22
C LYS B 376 3.34 14.71 -10.01
N ASP B 377 3.60 13.66 -10.80
CA ASP B 377 2.80 12.44 -10.73
C ASP B 377 3.63 11.17 -10.47
N GLY B 378 4.59 11.26 -9.56
CA GLY B 378 5.37 10.10 -9.17
C GLY B 378 6.22 9.50 -10.30
N GLY B 379 6.76 10.34 -11.15
CA GLY B 379 7.75 9.92 -12.18
C GLY B 379 7.25 9.58 -13.58
N VAL B 380 5.93 9.62 -13.79
CA VAL B 380 5.37 9.23 -15.10
C VAL B 380 5.56 10.34 -16.16
N THR B 381 5.23 11.57 -15.82
CA THR B 381 5.41 12.70 -16.74
C THR B 381 6.25 13.77 -16.07
N TRP B 382 6.85 14.66 -16.86
CA TRP B 382 7.71 15.72 -16.33
C TRP B 382 7.23 17.10 -16.75
N GLU B 383 7.49 18.09 -15.91
CA GLU B 383 7.11 19.48 -16.18
C GLU B 383 7.85 20.05 -17.37
N LYS B 384 7.32 21.13 -17.92
CA LYS B 384 7.81 21.66 -19.18
C LYS B 384 9.25 22.20 -19.09
N ASP B 385 9.66 22.69 -17.95
CA ASP B 385 11.01 23.24 -17.87
C ASP B 385 12.04 22.36 -17.16
N ILE B 386 13.20 22.26 -17.79
CA ILE B 386 14.39 21.77 -17.13
C ILE B 386 15.05 22.96 -16.46
N LYS B 387 15.24 22.85 -15.14
CA LYS B 387 15.88 23.88 -14.35
C LYS B 387 17.41 23.73 -14.42
N ARG B 388 18.11 24.83 -14.66
CA ARG B 388 19.57 24.82 -14.58
C ARG B 388 20.07 25.56 -13.35
N TYR B 389 20.98 24.91 -12.62
CA TYR B 389 21.64 25.51 -11.47
C TYR B 389 23.12 25.75 -11.75
N PRO B 390 23.48 26.99 -12.15
CA PRO B 390 24.88 27.35 -12.49
C PRO B 390 25.86 27.25 -11.31
N GLN B 391 25.34 27.09 -10.09
CA GLN B 391 26.21 27.00 -8.91
C GLN B 391 26.69 25.58 -8.62
N VAL B 392 26.19 24.61 -9.39
CA VAL B 392 26.69 23.25 -9.36
C VAL B 392 27.19 22.88 -10.77
N LYS B 393 28.50 22.70 -10.90
CA LYS B 393 29.08 22.28 -12.18
C LYS B 393 28.75 20.82 -12.49
N ASP B 394 28.66 20.50 -13.77
CA ASP B 394 28.51 19.14 -14.26
C ASP B 394 29.37 19.00 -15.51
N VAL B 395 30.43 18.20 -15.41
CA VAL B 395 31.41 18.12 -16.50
C VAL B 395 31.11 17.01 -17.52
N TYR B 396 29.93 16.42 -17.36
CA TYR B 396 29.40 15.33 -18.21
C TYR B 396 29.86 13.99 -17.64
N VAL B 397 29.34 13.73 -16.44
CA VAL B 397 29.70 12.56 -15.66
C VAL B 397 28.52 12.29 -14.71
N GLN B 398 28.37 11.03 -14.33
CA GLN B 398 27.31 10.58 -13.42
C GLN B 398 27.38 11.35 -12.09
N MET B 399 26.25 11.39 -11.38
CA MET B 399 26.13 12.01 -10.06
C MET B 399 25.14 11.22 -9.23
N SER B 400 25.09 11.50 -7.93
CA SER B 400 24.10 10.90 -7.03
C SER B 400 23.58 11.95 -6.07
N ALA B 401 22.33 11.78 -5.67
CA ALA B 401 21.65 12.74 -4.81
C ALA B 401 20.68 12.01 -3.92
N ILE B 402 20.59 12.46 -2.68
CA ILE B 402 19.67 11.87 -1.73
C ILE B 402 18.93 12.95 -0.96
N HIS B 403 17.70 12.61 -0.59
CA HIS B 403 16.90 13.38 0.34
C HIS B 403 17.49 13.24 1.75
N THR B 404 17.42 14.32 2.53
CA THR B 404 17.83 14.28 3.93
C THR B 404 17.03 15.27 4.78
N MET B 405 16.67 14.83 5.98
CA MET B 405 16.09 15.71 6.99
C MET B 405 17.12 16.01 8.07
N HIS B 406 17.28 17.28 8.39
CA HIS B 406 18.17 17.71 9.48
C HIS B 406 17.49 18.76 10.36
N GLU B 407 17.17 18.37 11.59
CA GLU B 407 16.52 19.23 12.58
C GLU B 407 15.18 19.80 12.07
N GLY B 408 14.35 18.89 11.55
CA GLY B 408 13.03 19.26 11.02
C GLY B 408 13.06 20.02 9.70
N LYS B 409 14.24 20.14 9.11
CA LYS B 409 14.41 20.87 7.84
C LYS B 409 14.82 19.95 6.66
N GLU B 410 14.23 20.22 5.49
CA GLU B 410 14.43 19.36 4.33
C GLU B 410 15.58 19.82 3.43
N TYR B 411 16.48 18.90 3.11
CA TYR B 411 17.63 19.18 2.25
C TYR B 411 17.83 18.12 1.17
N ILE B 412 18.68 18.47 0.21
CA ILE B 412 19.23 17.51 -0.75
C ILE B 412 20.75 17.60 -0.76
N ILE B 413 21.39 16.44 -0.63
CA ILE B 413 22.82 16.29 -0.80
C ILE B 413 23.07 15.69 -2.19
N LEU B 414 23.96 16.33 -2.96
CA LEU B 414 24.34 15.85 -4.27
C LEU B 414 25.86 15.83 -4.37
N SER B 415 26.39 14.73 -4.92
CA SER B 415 27.83 14.59 -5.10
C SER B 415 28.19 14.35 -6.56
N ASN B 416 29.17 15.12 -7.04
CA ASN B 416 29.76 14.89 -8.35
C ASN B 416 31.14 15.55 -8.43
N ALA B 417 31.81 15.41 -9.58
CA ALA B 417 33.08 16.08 -9.85
C ALA B 417 32.92 17.59 -9.93
N GLY B 418 33.89 18.32 -9.40
CA GLY B 418 33.91 19.78 -9.46
C GLY B 418 34.53 20.37 -10.72
N GLY B 419 35.39 19.60 -11.39
CA GLY B 419 35.97 20.06 -12.65
C GLY B 419 37.37 20.65 -12.56
N PRO B 420 37.93 21.14 -13.69
CA PRO B 420 37.31 21.23 -15.01
C PRO B 420 37.11 19.86 -15.67
N LYS B 421 37.84 18.85 -15.21
CA LYS B 421 37.72 17.48 -15.71
C LYS B 421 37.07 16.61 -14.66
N ARG B 422 37.10 15.30 -14.87
CA ARG B 422 36.60 14.36 -13.87
C ARG B 422 37.58 14.33 -12.70
N GLU B 423 37.50 15.39 -11.90
CA GLU B 423 38.41 15.63 -10.81
C GLU B 423 37.76 16.49 -9.73
N ASN B 424 38.38 16.52 -8.55
CA ASN B 424 37.91 17.25 -7.37
C ASN B 424 36.45 16.99 -7.03
N GLY B 425 36.22 15.90 -6.30
CA GLY B 425 34.89 15.50 -5.88
C GLY B 425 34.28 16.48 -4.91
N MET B 426 33.03 16.86 -5.18
CA MET B 426 32.32 17.83 -4.36
C MET B 426 31.07 17.18 -3.77
N VAL B 427 30.73 17.61 -2.56
CA VAL B 427 29.44 17.25 -1.96
C VAL B 427 28.66 18.54 -1.75
N HIS B 428 27.63 18.73 -2.57
CA HIS B 428 26.82 19.95 -2.56
C HIS B 428 25.61 19.78 -1.65
N LEU B 429 25.31 20.82 -0.87
CA LEU B 429 24.13 20.81 0.01
C LEU B 429 23.13 21.88 -0.43
N ALA B 430 21.89 21.45 -0.64
CA ALA B 430 20.82 22.36 -1.04
C ALA B 430 19.71 22.33 -0.01
N ARG B 431 19.12 23.50 0.22
CA ARG B 431 17.86 23.58 0.96
C ARG B 431 16.72 23.48 -0.06
N VAL B 432 15.76 22.60 0.20
CA VAL B 432 14.56 22.56 -0.64
C VAL B 432 13.47 23.46 -0.07
N GLU B 433 13.03 24.40 -0.90
CA GLU B 433 11.97 25.33 -0.54
C GLU B 433 10.61 24.63 -0.62
N GLU B 434 9.59 25.26 -0.05
CA GLU B 434 8.24 24.70 -0.08
C GLU B 434 7.70 24.41 -1.50
N ASN B 435 8.13 25.18 -2.50
CA ASN B 435 7.71 24.94 -3.88
C ASN B 435 8.61 23.94 -4.63
N GLY B 436 9.59 23.38 -3.93
CA GLY B 436 10.50 22.42 -4.53
C GLY B 436 11.70 23.05 -5.21
N GLU B 437 11.76 24.38 -5.20
CA GLU B 437 12.96 25.07 -5.69
C GLU B 437 14.13 24.71 -4.77
N LEU B 438 15.32 24.67 -5.35
CA LEU B 438 16.51 24.35 -4.58
C LEU B 438 17.40 25.58 -4.42
N THR B 439 17.84 25.80 -3.19
CA THR B 439 18.76 26.87 -2.86
C THR B 439 20.06 26.24 -2.38
N TRP B 440 21.12 26.45 -3.15
CA TRP B 440 22.40 25.82 -2.88
C TRP B 440 23.19 26.55 -1.79
N LEU B 441 23.34 25.87 -0.66
CA LEU B 441 23.91 26.45 0.54
C LEU B 441 25.43 26.27 0.64
N LYS B 442 25.90 25.03 0.48
CA LYS B 442 27.33 24.70 0.60
C LYS B 442 27.81 23.82 -0.56
N HIS B 443 29.11 23.94 -0.87
CA HIS B 443 29.76 23.12 -1.90
C HIS B 443 31.10 22.64 -1.34
N ASN B 444 31.13 21.40 -0.86
CA ASN B 444 32.29 20.90 -0.09
C ASN B 444 33.15 19.86 -0.81
N PRO B 445 34.37 20.27 -1.26
CA PRO B 445 35.32 19.32 -1.84
C PRO B 445 35.56 18.14 -0.89
N ILE B 446 35.56 16.93 -1.44
CA ILE B 446 35.65 15.70 -0.65
C ILE B 446 36.81 14.80 -1.12
N GLN B 447 37.38 15.12 -2.29
CA GLN B 447 38.43 14.30 -2.89
C GLN B 447 39.14 15.02 -4.02
N LYS B 448 40.40 15.38 -3.76
CA LYS B 448 41.27 15.99 -4.77
C LYS B 448 41.67 14.93 -5.79
N GLY B 449 42.19 15.38 -6.93
CA GLY B 449 42.62 14.47 -7.98
C GLY B 449 41.42 13.84 -8.67
N GLU B 450 41.62 12.64 -9.21
CA GLU B 450 40.60 11.94 -10.00
C GLU B 450 39.31 11.68 -9.24
N PHE B 451 38.18 12.01 -9.86
CA PHE B 451 36.87 11.77 -9.29
C PHE B 451 35.84 11.60 -10.40
N ALA B 452 35.13 10.48 -10.38
CA ALA B 452 34.07 10.29 -11.36
C ALA B 452 32.76 9.82 -10.71
N TYR B 453 32.31 8.61 -11.02
CA TYR B 453 31.02 8.12 -10.53
C TYR B 453 31.00 8.01 -9.01
N ASN B 454 29.82 8.20 -8.43
CA ASN B 454 29.69 8.17 -6.99
C ASN B 454 28.28 7.80 -6.58
N SER B 455 28.13 7.27 -5.37
CA SER B 455 26.83 6.93 -4.83
C SER B 455 26.74 7.30 -3.35
N LEU B 456 25.65 7.97 -2.97
CA LEU B 456 25.41 8.44 -1.59
C LEU B 456 24.33 7.66 -0.85
N GLN B 457 24.51 7.52 0.47
CA GLN B 457 23.45 7.00 1.33
C GLN B 457 23.45 7.76 2.65
N GLU B 458 22.27 7.85 3.27
CA GLU B 458 22.14 8.39 4.62
C GLU B 458 22.39 7.24 5.59
N LEU B 459 23.11 7.52 6.67
CA LEU B 459 23.56 6.46 7.59
C LEU B 459 22.78 6.33 8.90
N GLY B 460 22.32 7.43 9.48
CA GLY B 460 21.41 7.32 10.63
C GLY B 460 21.52 8.32 11.76
N ASN B 461 22.60 9.10 11.78
CA ASN B 461 22.72 10.20 12.72
C ASN B 461 22.66 11.51 11.95
N GLY B 462 23.74 12.27 12.01
CA GLY B 462 23.97 13.36 11.08
C GLY B 462 25.07 12.92 10.12
N GLU B 463 25.18 11.61 9.92
CA GLU B 463 26.27 11.02 9.12
C GLU B 463 25.81 10.47 7.76
N TYR B 464 26.72 10.55 6.79
CA TYR B 464 26.46 10.15 5.42
C TYR B 464 27.64 9.39 4.84
N GLY B 465 27.35 8.39 4.01
CA GLY B 465 28.40 7.67 3.30
C GLY B 465 28.43 7.95 1.80
N ILE B 466 29.63 7.95 1.23
CA ILE B 466 29.83 8.05 -0.21
C ILE B 466 30.79 6.97 -0.71
N LEU B 467 30.39 6.28 -1.77
CA LEU B 467 31.27 5.36 -2.50
C LEU B 467 31.52 5.97 -3.86
N TYR B 468 32.78 6.15 -4.21
CA TYR B 468 33.13 6.89 -5.42
C TYR B 468 34.31 6.32 -6.22
N GLU B 469 34.45 6.81 -7.46
CA GLU B 469 35.54 6.45 -8.35
C GLU B 469 36.67 7.44 -8.17
N HIS B 470 37.89 6.93 -8.09
CA HIS B 470 39.11 7.74 -7.86
C HIS B 470 40.34 6.88 -8.14
N THR B 471 41.39 7.49 -8.69
CA THR B 471 42.68 6.82 -8.81
C THR B 471 43.82 7.67 -8.25
N GLU B 472 44.81 6.99 -7.69
CA GLU B 472 46.08 7.62 -7.29
C GLU B 472 47.17 6.57 -7.45
N LYS B 473 48.42 7.03 -7.61
CA LYS B 473 49.60 6.15 -7.64
C LYS B 473 49.57 5.11 -8.78
N GLY B 474 49.14 5.55 -9.97
CA GLY B 474 49.11 4.66 -11.15
C GLY B 474 48.00 3.63 -11.17
N GLN B 475 46.96 3.84 -10.36
CA GLN B 475 45.84 2.91 -10.30
C GLN B 475 45.08 2.93 -11.62
N ASN B 476 44.67 1.75 -12.08
CA ASN B 476 43.79 1.63 -13.25
C ASN B 476 42.42 2.25 -12.94
N ALA B 477 41.79 2.88 -13.94
CA ALA B 477 40.46 3.47 -13.75
C ALA B 477 39.42 2.36 -13.63
N TYR B 478 38.79 2.17 -12.47
CA TYR B 478 38.97 2.95 -11.25
C TYR B 478 39.18 2.06 -10.03
N THR B 479 39.67 2.66 -8.94
CA THR B 479 39.51 2.11 -7.60
C THR B 479 38.27 2.75 -6.97
N LEU B 480 37.42 1.93 -6.36
CA LEU B 480 36.22 2.41 -5.68
C LEU B 480 36.46 2.52 -4.19
N SER B 481 36.31 3.73 -3.67
CA SER B 481 36.62 4.04 -2.27
C SER B 481 35.44 4.68 -1.52
N PHE B 482 35.49 4.57 -0.20
CA PHE B 482 34.40 4.95 0.70
C PHE B 482 34.87 5.98 1.72
N ARG B 483 33.97 6.91 2.07
CA ARG B 483 34.20 7.92 3.09
C ARG B 483 32.89 8.23 3.79
N LYS B 484 32.96 8.45 5.10
CA LYS B 484 31.84 8.96 5.88
C LYS B 484 32.04 10.43 6.17
N PHE B 485 30.96 11.20 6.10
CA PHE B 485 30.99 12.57 6.57
C PHE B 485 29.77 12.86 7.43
N ASN B 486 29.73 14.06 8.02
CA ASN B 486 28.62 14.43 8.87
C ASN B 486 28.13 15.82 8.51
N TRP B 487 27.18 16.34 9.29
CA TRP B 487 26.62 17.67 9.02
C TRP B 487 27.67 18.78 9.12
N GLU B 488 28.67 18.58 9.98
CA GLU B 488 29.75 19.56 10.17
C GLU B 488 30.65 19.68 8.95
N PHE B 489 30.80 18.56 8.22
CA PHE B 489 31.43 18.61 6.91
C PHE B 489 30.52 19.34 5.92
N LEU B 490 29.23 19.03 5.96
CA LEU B 490 28.25 19.64 5.05
C LEU B 490 28.08 21.13 5.28
N ALA C 23 13.03 2.07 78.49
CA ALA C 23 11.63 2.18 78.00
C ALA C 23 11.53 2.78 76.60
N LEU C 24 12.36 3.80 76.34
CA LEU C 24 12.48 4.41 75.01
C LEU C 24 13.89 4.96 74.78
N THR C 25 14.70 4.23 74.03
CA THR C 25 16.08 4.62 73.73
C THR C 25 16.15 5.99 73.03
N GLU C 26 17.30 6.65 73.11
CA GLU C 26 17.55 7.88 72.33
C GLU C 26 17.62 7.52 70.85
N LYS C 27 17.49 8.51 69.96
CA LYS C 27 17.55 8.24 68.52
C LYS C 27 18.96 7.96 68.01
N THR C 28 19.07 6.92 67.19
CA THR C 28 20.28 6.56 66.48
C THR C 28 20.02 6.85 65.01
N ASP C 29 20.85 7.70 64.41
CA ASP C 29 20.69 8.06 63.00
C ASP C 29 21.29 6.98 62.12
N ILE C 30 20.48 6.45 61.19
CA ILE C 30 20.84 5.31 60.36
C ILE C 30 21.21 5.76 58.97
N PHE C 31 20.40 6.67 58.43
CA PHE C 31 20.69 7.27 57.16
C PHE C 31 20.69 8.76 57.43
N GLU C 32 21.88 9.37 57.42
CA GLU C 32 22.01 10.79 57.73
C GLU C 32 21.96 11.63 56.47
N SER C 33 21.09 12.63 56.46
CA SER C 33 21.01 13.55 55.34
C SER C 33 22.07 14.65 55.47
N GLY C 34 22.27 15.41 54.40
CA GLY C 34 23.15 16.57 54.42
C GLY C 34 22.50 17.71 55.20
N ARG C 35 23.24 18.80 55.34
CA ARG C 35 22.82 19.97 56.10
C ARG C 35 22.65 21.15 55.15
N ASN C 36 21.61 21.95 55.40
CA ASN C 36 21.39 23.22 54.71
C ASN C 36 21.49 23.16 53.18
N GLY C 37 20.94 22.09 52.60
CA GLY C 37 20.86 21.92 51.15
C GLY C 37 22.08 21.30 50.50
N ASN C 38 23.08 20.97 51.32
CA ASN C 38 24.34 20.42 50.82
C ASN C 38 24.35 18.91 51.01
N PRO C 39 25.12 18.19 50.17
CA PRO C 39 25.23 16.75 50.40
C PRO C 39 25.96 16.40 51.70
N ASN C 40 25.73 15.19 52.19
CA ASN C 40 26.47 14.72 53.34
C ASN C 40 27.86 14.22 52.93
N LYS C 41 28.54 13.61 53.89
CA LYS C 41 29.83 12.92 53.81
C LYS C 41 29.96 12.04 52.57
N ASP C 42 28.91 11.29 52.27
CA ASP C 42 28.91 10.33 51.17
C ASP C 42 28.47 10.92 49.84
N GLY C 43 28.17 12.22 49.82
CA GLY C 43 27.72 12.88 48.59
C GLY C 43 26.22 12.74 48.34
N ILE C 44 25.48 12.45 49.42
CA ILE C 44 24.05 12.17 49.35
C ILE C 44 23.31 13.30 50.02
N LYS C 45 22.37 13.91 49.30
CA LYS C 45 21.62 15.04 49.89
C LYS C 45 20.74 14.59 51.05
N SER C 46 19.98 13.53 50.83
CA SER C 46 18.97 13.11 51.81
C SER C 46 18.47 11.69 51.58
N TYR C 47 17.72 11.20 52.57
CA TYR C 47 17.09 9.90 52.53
C TYR C 47 15.62 10.05 52.87
N ARG C 48 14.81 9.14 52.34
CA ARG C 48 13.38 9.11 52.66
C ARG C 48 12.87 7.67 52.62
N ILE C 49 11.69 7.48 53.20
CA ILE C 49 10.85 6.28 53.00
C ILE C 49 11.44 5.06 53.70
N PRO C 50 11.42 5.05 55.04
CA PRO C 50 11.98 3.93 55.78
C PRO C 50 11.12 2.67 55.67
N ALA C 51 11.79 1.52 55.68
CA ALA C 51 11.15 0.22 55.84
C ALA C 51 12.04 -0.53 56.82
N LEU C 52 11.43 -1.11 57.84
CA LEU C 52 12.20 -1.82 58.86
C LEU C 52 11.78 -3.28 58.89
N LEU C 53 12.73 -4.19 58.79
CA LEU C 53 12.40 -5.59 58.76
C LEU C 53 13.27 -6.37 59.73
N LYS C 54 12.62 -7.07 60.65
CA LYS C 54 13.26 -8.02 61.55
C LYS C 54 13.23 -9.38 60.87
N THR C 55 14.39 -9.93 60.54
CA THR C 55 14.46 -11.20 59.83
C THR C 55 14.49 -12.40 60.77
N ASP C 56 14.36 -13.59 60.20
CA ASP C 56 14.43 -14.88 60.92
C ASP C 56 15.71 -15.04 61.76
N LYS C 57 16.81 -14.46 61.27
CA LYS C 57 18.10 -14.52 61.97
C LYS C 57 18.16 -13.53 63.11
N GLY C 58 17.18 -12.64 63.22
CA GLY C 58 17.19 -11.60 64.24
C GLY C 58 17.78 -10.28 63.74
N THR C 59 18.28 -10.30 62.51
CA THR C 59 18.86 -9.12 61.85
C THR C 59 17.79 -8.06 61.64
N LEU C 60 18.14 -6.80 61.87
CA LEU C 60 17.28 -5.71 61.44
C LEU C 60 17.77 -5.15 60.11
N ILE C 61 16.87 -5.11 59.13
CA ILE C 61 17.15 -4.49 57.84
C ILE C 61 16.41 -3.15 57.73
N ALA C 62 17.17 -2.08 57.48
CA ALA C 62 16.58 -0.75 57.33
C ALA C 62 16.69 -0.34 55.85
N GLY C 63 15.55 -0.18 55.19
CA GLY C 63 15.52 0.24 53.77
C GLY C 63 15.23 1.72 53.64
N ALA C 64 15.63 2.31 52.51
CA ALA C 64 15.39 3.73 52.25
C ALA C 64 15.59 4.10 50.77
N ASP C 65 14.94 5.18 50.34
CA ASP C 65 15.34 5.89 49.14
C ASP C 65 16.59 6.69 49.44
N GLU C 66 17.63 6.52 48.63
CA GLU C 66 18.85 7.32 48.77
C GLU C 66 18.92 8.40 47.69
N ARG C 67 18.76 9.66 48.07
CA ARG C 67 18.60 10.74 47.09
C ARG C 67 19.88 11.56 46.93
N ARG C 68 20.59 11.33 45.82
CA ARG C 68 21.90 11.94 45.62
C ARG C 68 21.85 13.43 45.30
N LEU C 69 20.91 13.83 44.43
CA LEU C 69 20.96 15.16 43.81
C LEU C 69 20.15 16.23 44.52
N HIS C 70 18.97 15.85 45.02
CA HIS C 70 18.04 16.77 45.66
C HIS C 70 17.00 15.99 46.46
N SER C 71 16.04 16.73 47.03
CA SER C 71 15.06 16.14 47.91
C SER C 71 13.65 16.07 47.30
N SER C 72 13.58 15.82 45.99
CA SER C 72 12.28 15.73 45.30
C SER C 72 11.84 14.28 45.08
N ASP C 73 10.66 14.10 44.47
CA ASP C 73 10.06 12.80 44.27
C ASP C 73 10.44 12.21 42.91
N TRP C 74 11.69 12.43 42.54
CA TRP C 74 12.26 11.96 41.27
C TRP C 74 13.77 12.23 41.32
N GLY C 75 14.46 12.07 40.20
CA GLY C 75 15.91 12.30 40.18
C GLY C 75 16.70 11.01 40.31
N ASP C 76 17.96 11.14 40.73
CA ASP C 76 18.85 10.01 40.99
C ASP C 76 18.60 9.44 42.38
N ILE C 77 17.86 8.32 42.42
CA ILE C 77 17.46 7.67 43.66
C ILE C 77 17.91 6.22 43.64
N GLY C 78 18.61 5.80 44.69
CA GLY C 78 19.04 4.40 44.84
C GLY C 78 18.18 3.73 45.88
N MET C 79 17.97 2.42 45.74
CA MET C 79 17.30 1.58 46.74
C MET C 79 18.39 0.94 47.60
N VAL C 80 18.45 1.32 48.87
CA VAL C 80 19.58 0.93 49.74
C VAL C 80 19.10 0.36 51.05
N ILE C 81 19.91 -0.50 51.64
CA ILE C 81 19.66 -0.96 53.01
C ILE C 81 20.93 -0.88 53.87
N ARG C 82 20.72 -0.89 55.19
CA ARG C 82 21.75 -1.21 56.16
C ARG C 82 21.19 -2.32 57.05
N ARG C 83 22.10 -3.10 57.63
CA ARG C 83 21.78 -4.25 58.48
C ARG C 83 22.35 -4.04 59.87
N SER C 84 21.58 -4.43 60.88
CA SER C 84 22.06 -4.44 62.25
C SER C 84 21.98 -5.86 62.78
N GLU C 85 23.09 -6.36 63.31
CA GLU C 85 23.11 -7.71 63.87
C GLU C 85 23.03 -7.71 65.40
N ASP C 86 22.76 -6.55 65.98
CA ASP C 86 22.68 -6.43 67.43
C ASP C 86 21.44 -5.67 67.88
N ASN C 87 20.32 -5.92 67.21
CA ASN C 87 19.01 -5.38 67.59
C ASN C 87 18.95 -3.85 67.55
N GLY C 88 19.70 -3.24 66.62
CA GLY C 88 19.57 -1.82 66.32
C GLY C 88 20.63 -0.91 66.94
N LYS C 89 21.54 -1.51 67.69
CA LYS C 89 22.62 -0.78 68.38
C LYS C 89 23.67 -0.24 67.41
N THR C 90 24.18 -1.10 66.53
CA THR C 90 25.11 -0.68 65.47
C THR C 90 24.59 -1.12 64.10
N TRP C 91 25.03 -0.45 63.05
CA TRP C 91 24.57 -0.74 61.69
C TRP C 91 25.75 -0.78 60.72
N GLY C 92 25.66 -1.67 59.73
CA GLY C 92 26.73 -1.87 58.75
C GLY C 92 26.75 -0.81 57.66
N ASP C 93 27.58 -1.04 56.65
CA ASP C 93 27.72 -0.10 55.53
C ASP C 93 26.49 -0.25 54.64
N ARG C 94 26.14 0.81 53.93
CA ARG C 94 25.02 0.75 52.98
C ARG C 94 25.20 -0.41 52.00
N VAL C 95 24.11 -1.12 51.75
CA VAL C 95 24.07 -2.13 50.69
C VAL C 95 23.09 -1.60 49.65
N THR C 96 23.54 -1.42 48.42
CA THR C 96 22.66 -0.87 47.41
C THR C 96 22.00 -2.02 46.66
N ILE C 97 20.68 -2.00 46.63
CA ILE C 97 19.87 -3.01 45.93
C ILE C 97 19.86 -2.67 44.44
N THR C 98 19.42 -1.46 44.13
CA THR C 98 19.25 -1.03 42.76
C THR C 98 19.59 0.45 42.65
N ASN C 99 20.35 0.81 41.63
CA ASN C 99 20.56 2.21 41.30
C ASN C 99 20.89 2.35 39.83
N LEU C 100 19.86 2.71 39.06
CA LEU C 100 19.92 2.84 37.62
C LEU C 100 20.74 4.06 37.25
N ARG C 101 21.55 3.95 36.20
CA ARG C 101 22.46 5.03 35.87
C ARG C 101 21.69 6.21 35.26
N ASP C 102 22.25 7.41 35.42
N ASP C 102 22.25 7.41 35.42
CA ASP C 102 21.61 8.64 34.93
CA ASP C 102 21.61 8.62 34.90
C ASP C 102 21.79 8.75 33.42
C ASP C 102 21.74 8.66 33.38
N ASN C 103 20.89 9.47 32.76
CA ASN C 103 21.02 9.78 31.34
C ASN C 103 22.11 10.87 31.25
N PRO C 104 23.31 10.50 30.76
CA PRO C 104 24.42 11.46 30.80
C PRO C 104 24.22 12.66 29.87
N LYS C 105 23.26 12.54 28.95
CA LYS C 105 23.00 13.57 27.93
C LYS C 105 21.81 14.46 28.30
N ALA C 106 21.24 14.22 29.48
CA ALA C 106 20.08 14.99 29.92
C ALA C 106 20.42 16.47 30.15
N SER C 107 19.59 17.32 29.56
CA SER C 107 19.72 18.77 29.67
C SER C 107 19.55 19.28 31.11
N ASP C 108 18.64 18.67 31.88
CA ASP C 108 18.49 19.00 33.30
C ASP C 108 18.75 17.74 34.14
N PRO C 109 19.91 17.67 34.81
CA PRO C 109 20.24 16.46 35.57
C PRO C 109 19.28 16.12 36.73
N SER C 110 18.59 17.13 37.27
N SER C 110 18.58 17.13 37.27
CA SER C 110 17.63 16.93 38.38
CA SER C 110 17.63 16.94 38.38
C SER C 110 16.40 16.12 37.99
C SER C 110 16.44 16.05 38.00
N ILE C 111 16.16 15.97 36.69
CA ILE C 111 15.07 15.14 36.16
C ILE C 111 15.64 14.20 35.09
N GLY C 112 16.96 14.03 35.14
CA GLY C 112 17.68 13.35 34.06
C GLY C 112 17.98 11.90 34.33
N SER C 113 17.25 11.29 35.27
CA SER C 113 17.52 9.89 35.61
C SER C 113 16.25 9.03 35.66
N PRO C 114 16.33 7.77 35.19
CA PRO C 114 15.30 6.77 35.48
C PRO C 114 15.13 6.69 37.00
N VAL C 115 13.89 6.54 37.44
CA VAL C 115 13.60 6.66 38.85
C VAL C 115 13.24 5.31 39.45
N ASN C 116 13.84 4.96 40.59
CA ASN C 116 13.22 4.02 41.53
C ASN C 116 12.84 4.80 42.76
N ILE C 117 11.72 4.44 43.38
CA ILE C 117 11.19 5.27 44.45
C ILE C 117 10.19 4.42 45.25
N ASP C 118 10.31 4.49 46.58
CA ASP C 118 9.37 3.85 47.54
C ASP C 118 9.52 2.34 47.59
N MET C 119 9.93 1.82 48.74
CA MET C 119 10.09 0.36 48.86
C MET C 119 9.19 -0.30 49.92
N VAL C 120 8.82 -1.56 49.67
CA VAL C 120 8.27 -2.44 50.72
C VAL C 120 9.23 -3.61 50.94
N LEU C 121 9.52 -3.92 52.19
CA LEU C 121 10.30 -5.11 52.54
C LEU C 121 9.39 -6.16 53.16
N VAL C 122 9.74 -7.43 53.00
CA VAL C 122 9.01 -8.53 53.65
C VAL C 122 9.87 -9.78 53.53
N GLN C 123 9.84 -10.65 54.55
CA GLN C 123 10.53 -11.93 54.42
C GLN C 123 9.54 -13.09 54.41
N ASP C 124 9.76 -14.05 53.51
CA ASP C 124 9.02 -15.29 53.50
C ASP C 124 9.59 -16.14 54.65
N PRO C 125 8.75 -16.46 55.66
CA PRO C 125 9.25 -17.15 56.85
C PRO C 125 9.71 -18.58 56.58
N GLU C 126 9.39 -19.10 55.41
CA GLU C 126 9.65 -20.49 55.04
C GLU C 126 10.94 -20.64 54.20
N THR C 127 11.02 -19.90 53.09
CA THR C 127 12.21 -19.94 52.25
C THR C 127 13.29 -18.99 52.74
N LYS C 128 12.90 -18.09 53.64
CA LYS C 128 13.81 -17.09 54.24
C LYS C 128 14.17 -15.97 53.25
N ARG C 129 13.59 -16.03 52.05
CA ARG C 129 13.85 -15.05 51.01
C ARG C 129 13.32 -13.68 51.44
N ILE C 130 14.12 -12.65 51.23
CA ILE C 130 13.68 -11.29 51.57
C ILE C 130 13.41 -10.55 50.28
N PHE C 131 12.30 -9.83 50.24
CA PHE C 131 11.85 -9.12 49.05
C PHE C 131 11.87 -7.62 49.29
N SER C 132 12.36 -6.87 48.31
CA SER C 132 12.16 -5.43 48.26
C SER C 132 11.36 -5.15 46.99
N ILE C 133 10.19 -4.52 47.14
CA ILE C 133 9.35 -4.19 45.99
C ILE C 133 9.23 -2.66 45.91
N TYR C 134 9.49 -2.08 44.74
CA TYR C 134 9.59 -0.63 44.61
C TYR C 134 9.14 -0.16 43.24
N ASP C 135 8.83 1.13 43.14
CA ASP C 135 8.35 1.68 41.86
C ASP C 135 9.50 1.88 40.91
N MET C 136 9.20 1.89 39.63
CA MET C 136 10.15 2.28 38.61
C MET C 136 9.42 3.17 37.60
N PHE C 137 10.08 4.26 37.17
CA PHE C 137 9.66 5.09 36.03
C PHE C 137 10.88 5.34 35.14
N PRO C 138 10.66 5.47 33.82
CA PRO C 138 11.78 5.93 32.98
C PRO C 138 12.19 7.35 33.37
N GLU C 139 13.24 7.87 32.74
CA GLU C 139 13.74 9.22 33.01
C GLU C 139 12.59 10.23 33.08
N GLY C 140 12.65 11.11 34.09
CA GLY C 140 11.62 12.15 34.23
C GLY C 140 11.27 12.45 35.67
N LYS C 141 10.03 12.92 35.89
CA LYS C 141 9.57 13.40 37.20
C LYS C 141 8.73 12.39 37.99
N GLY C 142 8.88 11.11 37.68
CA GLY C 142 8.19 10.08 38.45
C GLY C 142 6.70 10.19 38.30
N ILE C 143 5.99 10.09 39.42
CA ILE C 143 4.54 10.13 39.43
C ILE C 143 4.01 11.48 38.97
N PHE C 144 4.85 12.52 39.07
CA PHE C 144 4.52 13.89 38.67
C PHE C 144 4.91 14.21 37.22
N GLY C 145 5.38 13.19 36.52
CA GLY C 145 5.74 13.32 35.11
C GLY C 145 4.95 12.40 34.19
N MET C 146 3.85 11.82 34.67
CA MET C 146 3.13 10.81 33.86
C MET C 146 2.34 11.47 32.73
N SER C 147 2.33 10.85 31.56
CA SER C 147 1.66 11.44 30.40
C SER C 147 0.14 11.32 30.47
N SER C 148 -0.57 12.18 29.74
CA SER C 148 -2.02 12.07 29.67
C SER C 148 -2.48 10.86 28.87
N GLN C 149 -1.62 10.39 27.95
CA GLN C 149 -1.98 9.27 27.05
C GLN C 149 -1.24 7.98 27.36
N LYS C 150 -1.96 6.87 27.28
CA LYS C 150 -1.41 5.55 27.52
C LYS C 150 -0.48 5.12 26.39
N GLU C 151 0.61 4.46 26.75
CA GLU C 151 1.41 3.72 25.78
C GLU C 151 1.45 2.28 26.24
N GLU C 152 1.05 1.34 25.38
CA GLU C 152 1.14 -0.08 25.74
C GLU C 152 2.58 -0.44 26.11
N ALA C 153 2.73 -1.14 27.23
CA ALA C 153 4.06 -1.47 27.75
C ALA C 153 4.49 -2.92 27.51
N TYR C 154 3.50 -3.81 27.31
CA TYR C 154 3.75 -5.25 27.14
C TYR C 154 2.94 -5.83 25.97
N LYS C 155 3.50 -6.85 25.32
CA LYS C 155 2.81 -7.56 24.25
C LYS C 155 2.90 -9.05 24.54
N LYS C 156 1.77 -9.74 24.45
CA LYS C 156 1.77 -11.20 24.58
C LYS C 156 1.88 -11.81 23.19
N ILE C 157 2.91 -12.63 23.00
CA ILE C 157 3.18 -13.25 21.70
C ILE C 157 3.22 -14.76 21.88
N ASP C 158 2.21 -15.41 21.30
CA ASP C 158 2.03 -16.84 21.42
C ASP C 158 2.19 -17.31 22.87
N GLY C 159 1.43 -16.66 23.76
CA GLY C 159 1.43 -17.01 25.18
C GLY C 159 2.43 -16.30 26.09
N LYS C 160 3.54 -15.81 25.52
CA LYS C 160 4.63 -15.19 26.31
C LYS C 160 4.55 -13.67 26.37
N THR C 161 4.80 -13.10 27.54
CA THR C 161 4.73 -11.66 27.74
C THR C 161 6.11 -11.03 27.60
N TYR C 162 6.22 -10.08 26.68
CA TYR C 162 7.44 -9.36 26.44
C TYR C 162 7.21 -7.86 26.60
N GLN C 163 8.22 -7.16 27.09
CA GLN C 163 8.15 -5.72 27.20
C GLN C 163 8.34 -5.12 25.83
N ILE C 164 7.57 -4.07 25.56
CA ILE C 164 7.60 -3.38 24.28
C ILE C 164 8.68 -2.32 24.25
N LEU C 165 9.30 -2.15 23.09
CA LEU C 165 10.11 -0.98 22.84
C LEU C 165 9.53 -0.15 21.70
N TYR C 166 9.64 1.17 21.82
CA TYR C 166 9.29 2.07 20.73
C TYR C 166 10.56 2.61 20.10
N ARG C 167 10.59 2.57 18.76
CA ARG C 167 11.72 3.04 17.97
C ARG C 167 11.43 4.41 17.36
N GLU C 168 12.39 5.33 17.44
CA GLU C 168 12.16 6.69 16.93
C GLU C 168 11.71 6.61 15.46
N GLY C 169 10.67 7.38 15.14
CA GLY C 169 10.13 7.43 13.77
C GLY C 169 9.29 6.23 13.34
N GLU C 170 8.91 5.38 14.30
CA GLU C 170 8.07 4.23 14.01
C GLU C 170 6.90 4.06 14.99
N LYS C 171 5.75 3.65 14.47
CA LYS C 171 4.53 3.44 15.28
C LYS C 171 4.51 2.06 15.95
N GLY C 172 5.14 1.06 15.31
CA GLY C 172 5.03 -0.34 15.74
C GLY C 172 5.72 -0.70 17.04
N ALA C 173 5.25 -1.77 17.67
CA ALA C 173 5.80 -2.22 18.93
C ALA C 173 6.92 -3.26 18.70
N TYR C 174 8.17 -2.89 18.98
CA TYR C 174 9.27 -3.85 19.04
C TYR C 174 9.15 -4.58 20.37
N THR C 175 9.76 -5.76 20.49
CA THR C 175 9.77 -6.50 21.76
C THR C 175 11.15 -6.94 22.22
N ILE C 176 11.34 -6.98 23.53
CA ILE C 176 12.53 -7.52 24.15
C ILE C 176 12.26 -8.99 24.45
N ARG C 177 12.98 -9.87 23.77
CA ARG C 177 12.76 -11.29 23.94
C ARG C 177 13.92 -11.98 24.67
N GLU C 178 13.94 -13.31 24.59
CA GLU C 178 14.98 -14.11 25.24
C GLU C 178 16.37 -13.52 25.00
N ASN C 179 17.16 -13.50 26.06
CA ASN C 179 18.55 -12.98 26.03
C ASN C 179 18.65 -11.49 25.74
N GLY C 180 17.52 -10.79 25.79
CA GLY C 180 17.47 -9.34 25.58
C GLY C 180 17.46 -8.93 24.13
N THR C 181 17.33 -9.90 23.23
CA THR C 181 17.29 -9.62 21.78
C THR C 181 16.03 -8.84 21.39
N VAL C 182 16.23 -7.71 20.72
CA VAL C 182 15.14 -6.86 20.22
C VAL C 182 14.58 -7.47 18.93
N TYR C 183 13.28 -7.77 18.94
CA TYR C 183 12.59 -8.24 17.74
C TYR C 183 11.75 -7.14 17.12
N THR C 184 11.66 -7.13 15.80
CA THR C 184 10.85 -6.16 15.05
C THR C 184 9.37 -6.36 15.38
N PRO C 185 8.52 -5.35 15.09
CA PRO C 185 7.07 -5.56 15.24
C PRO C 185 6.53 -6.77 14.48
N ASP C 186 7.17 -7.10 13.36
N ASP C 186 7.14 -7.11 13.34
CA ASP C 186 6.79 -8.22 12.53
CA ASP C 186 6.68 -8.26 12.56
C ASP C 186 7.62 -9.48 12.83
C ASP C 186 7.33 -9.60 12.96
N GLY C 187 8.06 -9.58 14.08
CA GLY C 187 8.62 -10.82 14.65
C GLY C 187 10.01 -11.31 14.27
N LYS C 188 10.82 -10.44 13.68
CA LYS C 188 12.19 -10.81 13.31
C LYS C 188 13.23 -10.28 14.28
N ALA C 189 14.21 -11.13 14.60
CA ALA C 189 15.34 -10.75 15.44
C ALA C 189 16.14 -9.64 14.78
N THR C 190 16.48 -8.61 15.54
CA THR C 190 17.38 -7.57 15.07
C THR C 190 18.76 -7.84 15.65
N ASP C 191 19.72 -6.97 15.36
CA ASP C 191 21.03 -7.09 15.97
C ASP C 191 21.15 -6.19 17.20
N TYR C 192 20.00 -5.67 17.65
CA TYR C 192 19.93 -4.89 18.89
C TYR C 192 19.63 -5.78 20.06
N ARG C 193 20.13 -5.39 21.23
CA ARG C 193 20.06 -6.20 22.42
C ARG C 193 19.91 -5.31 23.66
N VAL C 194 19.04 -5.72 24.58
CA VAL C 194 18.94 -5.07 25.88
C VAL C 194 19.66 -5.87 26.97
N VAL C 195 20.34 -5.16 27.87
CA VAL C 195 20.90 -5.81 29.06
C VAL C 195 19.72 -6.17 29.98
N VAL C 196 19.28 -7.41 29.84
CA VAL C 196 18.18 -7.91 30.69
C VAL C 196 18.73 -8.64 31.90
N ASP C 197 20.02 -8.98 31.85
CA ASP C 197 20.70 -9.61 32.96
C ASP C 197 21.90 -8.75 33.37
N PRO C 198 21.63 -7.66 34.11
CA PRO C 198 22.66 -6.70 34.46
C PRO C 198 23.71 -7.31 35.39
N VAL C 199 24.93 -6.82 35.30
CA VAL C 199 26.03 -7.38 36.09
C VAL C 199 26.83 -6.36 36.89
N LYS C 200 26.63 -5.07 36.60
CA LYS C 200 27.36 -4.02 37.29
C LYS C 200 26.85 -3.84 38.72
N PRO C 201 27.68 -3.24 39.60
CA PRO C 201 27.24 -2.88 40.96
C PRO C 201 25.96 -2.06 40.92
N ALA C 202 25.01 -2.41 41.79
CA ALA C 202 23.69 -1.75 41.86
C ALA C 202 22.85 -1.94 40.59
N TYR C 203 23.30 -2.86 39.72
CA TYR C 203 22.63 -3.18 38.46
C TYR C 203 22.39 -1.94 37.58
N SER C 204 23.33 -1.01 37.65
CA SER C 204 23.27 0.28 36.96
C SER C 204 23.28 0.14 35.45
N ASP C 205 23.60 -1.07 34.98
CA ASP C 205 23.59 -1.36 33.56
C ASP C 205 22.24 -1.85 33.05
N LYS C 206 21.29 -2.09 33.94
CA LYS C 206 19.98 -2.61 33.47
C LYS C 206 19.33 -1.71 32.43
N GLY C 207 18.84 -2.31 31.35
CA GLY C 207 18.22 -1.58 30.25
C GLY C 207 19.18 -1.00 29.21
N ASP C 208 20.48 -1.19 29.42
CA ASP C 208 21.45 -0.72 28.42
C ASP C 208 21.10 -1.33 27.08
N LEU C 209 21.16 -0.50 26.04
CA LEU C 209 20.84 -0.89 24.68
C LEU C 209 22.14 -1.03 23.87
N TYR C 210 22.36 -2.24 23.34
CA TYR C 210 23.50 -2.55 22.50
C TYR C 210 23.09 -2.84 21.08
N LYS C 211 23.96 -2.50 20.13
CA LYS C 211 23.90 -3.02 18.75
C LYS C 211 25.14 -3.90 18.60
N GLY C 212 24.94 -5.22 18.68
CA GLY C 212 26.05 -6.17 18.86
C GLY C 212 26.93 -5.82 20.05
N ASP C 213 28.17 -5.42 19.76
CA ASP C 213 29.18 -5.14 20.78
C ASP C 213 29.22 -3.70 21.29
N GLN C 214 28.48 -2.81 20.62
CA GLN C 214 28.55 -1.37 20.87
C GLN C 214 27.40 -0.92 21.78
N LEU C 215 27.75 -0.38 22.94
CA LEU C 215 26.79 0.26 23.83
C LEU C 215 26.28 1.54 23.16
N LEU C 216 24.97 1.62 22.92
CA LEU C 216 24.37 2.77 22.22
C LEU C 216 23.65 3.76 23.13
N GLY C 217 22.90 3.27 24.12
CA GLY C 217 22.21 4.13 25.07
C GLY C 217 21.51 3.28 26.10
N ASN C 218 20.33 3.74 26.53
CA ASN C 218 19.53 2.98 27.50
C ASN C 218 18.03 3.14 27.24
N ILE C 219 17.32 2.01 27.32
CA ILE C 219 15.86 1.98 27.04
C ILE C 219 14.99 2.76 28.04
N TYR C 220 15.59 3.16 29.17
CA TYR C 220 14.90 3.95 30.20
C TYR C 220 15.13 5.45 30.05
N PHE C 221 15.99 5.82 29.10
CA PHE C 221 16.23 7.23 28.77
C PHE C 221 15.10 7.78 27.90
N THR C 222 14.72 9.03 28.14
CA THR C 222 13.61 9.63 27.43
C THR C 222 13.96 10.89 26.65
N THR C 223 15.13 11.47 26.93
CA THR C 223 15.56 12.69 26.23
C THR C 223 16.97 12.55 25.67
N ASN C 224 17.27 13.31 24.61
CA ASN C 224 18.61 13.35 24.03
C ASN C 224 19.20 11.94 23.90
N LYS C 225 18.36 11.03 23.41
CA LYS C 225 18.70 9.61 23.31
C LYS C 225 19.79 9.35 22.28
N THR C 226 20.68 8.42 22.62
CA THR C 226 21.76 8.02 21.73
C THR C 226 21.47 6.66 21.13
N SER C 227 20.43 5.98 21.62
CA SER C 227 19.95 4.75 21.00
C SER C 227 18.55 4.93 20.40
N PRO C 228 18.15 4.03 19.49
CA PRO C 228 16.86 4.23 18.84
C PRO C 228 15.63 3.84 19.68
N PHE C 229 15.84 3.20 20.84
CA PHE C 229 14.75 2.47 21.52
C PHE C 229 14.43 2.95 22.93
N ARG C 230 13.15 2.88 23.29
CA ARG C 230 12.74 3.23 24.64
C ARG C 230 11.51 2.39 25.04
N ILE C 231 11.37 2.17 26.34
CA ILE C 231 10.17 1.50 26.85
C ILE C 231 8.97 2.45 26.85
N ALA C 232 7.75 1.90 27.02
CA ALA C 232 6.58 2.73 27.22
C ALA C 232 6.75 3.69 28.40
N LYS C 233 6.25 4.91 28.22
CA LYS C 233 6.23 5.88 29.29
C LYS C 233 5.08 5.53 30.24
N ASP C 234 5.43 4.96 31.39
CA ASP C 234 4.44 4.44 32.31
C ASP C 234 5.05 4.28 33.71
N SER C 235 4.19 3.84 34.61
CA SER C 235 4.54 3.50 35.97
C SER C 235 4.78 2.00 36.02
N TYR C 236 5.87 1.58 36.64
CA TYR C 236 6.22 0.15 36.75
C TYR C 236 6.46 -0.24 38.19
N LEU C 237 6.43 -1.56 38.44
CA LEU C 237 6.71 -2.13 39.75
C LEU C 237 7.81 -3.17 39.59
N TRP C 238 8.84 -3.04 40.41
CA TRP C 238 10.00 -3.93 40.35
C TRP C 238 10.17 -4.67 41.66
N MET C 239 10.85 -5.81 41.62
CA MET C 239 11.14 -6.56 42.84
C MET C 239 12.56 -7.09 42.84
N SER C 240 13.24 -6.99 43.98
CA SER C 240 14.54 -7.63 44.13
C SER C 240 14.52 -8.46 45.39
N TYR C 241 15.29 -9.53 45.39
CA TYR C 241 15.26 -10.44 46.52
C TYR C 241 16.66 -10.82 47.01
N SER C 242 16.72 -11.24 48.27
CA SER C 242 17.94 -11.63 48.91
C SER C 242 17.73 -12.95 49.63
N ASP C 243 18.70 -13.84 49.47
CA ASP C 243 18.69 -15.16 50.12
C ASP C 243 19.79 -15.26 51.16
N ASP C 244 20.42 -14.13 51.46
CA ASP C 244 21.51 -14.10 52.44
C ASP C 244 21.36 -13.02 53.50
N ASP C 245 20.12 -12.86 53.97
CA ASP C 245 19.82 -11.98 55.08
C ASP C 245 20.11 -10.51 54.73
N GLY C 246 20.02 -10.17 53.44
CA GLY C 246 20.08 -8.78 53.00
C GLY C 246 21.46 -8.32 52.58
N LYS C 247 22.43 -9.24 52.60
CA LYS C 247 23.81 -8.94 52.16
C LYS C 247 23.94 -8.74 50.65
N THR C 248 23.32 -9.60 49.87
CA THR C 248 23.31 -9.46 48.40
C THR C 248 21.91 -9.60 47.84
N TRP C 249 21.72 -9.03 46.65
CA TRP C 249 20.41 -8.95 46.02
C TRP C 249 20.45 -9.36 44.56
N SER C 250 19.35 -9.95 44.12
CA SER C 250 19.14 -10.32 42.75
C SER C 250 19.03 -9.08 41.90
N ALA C 251 19.19 -9.25 40.59
CA ALA C 251 18.82 -8.22 39.63
C ALA C 251 17.32 -7.92 39.77
N PRO C 252 16.89 -6.69 39.41
CA PRO C 252 15.45 -6.40 39.50
C PRO C 252 14.61 -7.26 38.57
N GLN C 253 13.48 -7.73 39.10
N GLN C 253 13.52 -7.82 39.09
CA GLN C 253 12.46 -8.44 38.33
CA GLN C 253 12.51 -8.45 38.24
C GLN C 253 11.33 -7.46 38.08
C GLN C 253 11.34 -7.49 38.06
N ASP C 254 10.95 -7.28 36.82
CA ASP C 254 9.82 -6.43 36.48
C ASP C 254 8.54 -7.23 36.71
N ILE C 255 7.86 -6.96 37.82
CA ILE C 255 6.60 -7.65 38.13
C ILE C 255 5.32 -6.99 37.61
N THR C 256 5.44 -5.79 37.03
CA THR C 256 4.30 -5.02 36.53
C THR C 256 3.24 -5.81 35.75
N PRO C 257 3.64 -6.61 34.74
CA PRO C 257 2.60 -7.26 33.94
C PRO C 257 1.74 -8.27 34.70
N MET C 258 2.22 -8.72 35.86
CA MET C 258 1.48 -9.67 36.67
C MET C 258 0.31 -9.02 37.40
N VAL C 259 0.43 -7.73 37.67
CA VAL C 259 -0.51 -7.04 38.58
C VAL C 259 -1.18 -5.79 38.02
N LYS C 260 -0.61 -5.18 37.00
CA LYS C 260 -1.11 -3.88 36.52
C LYS C 260 -2.14 -4.04 35.40
N ALA C 261 -3.38 -3.63 35.68
CA ALA C 261 -4.49 -3.77 34.74
C ALA C 261 -4.40 -2.70 33.64
N ASP C 262 -5.12 -2.90 32.54
CA ASP C 262 -4.99 -2.03 31.38
C ASP C 262 -5.48 -0.60 31.63
N TRP C 263 -6.32 -0.42 32.64
CA TRP C 263 -6.84 0.92 32.97
C TRP C 263 -5.96 1.70 33.94
N MET C 264 -5.04 1.02 34.60
CA MET C 264 -4.28 1.64 35.72
C MET C 264 -3.32 2.66 35.18
N LYS C 265 -3.31 3.86 35.78
CA LYS C 265 -2.31 4.86 35.40
C LYS C 265 -1.10 4.61 36.29
N PHE C 266 -1.12 5.14 37.52
CA PHE C 266 -0.09 4.80 38.51
C PHE C 266 -0.45 3.50 39.22
N LEU C 267 0.58 2.68 39.44
CA LEU C 267 0.52 1.56 40.39
C LEU C 267 1.84 1.56 41.14
N GLY C 268 1.76 1.78 42.44
CA GLY C 268 2.97 1.88 43.26
C GLY C 268 2.74 1.34 44.65
N VAL C 269 3.84 1.09 45.38
CA VAL C 269 3.76 0.48 46.72
C VAL C 269 3.33 1.51 47.77
N GLY C 270 2.64 1.03 48.82
CA GLY C 270 2.49 1.76 50.04
C GLY C 270 3.70 1.41 50.89
N PRO C 271 4.68 2.33 50.94
CA PRO C 271 5.97 1.91 51.48
C PRO C 271 5.98 1.57 52.98
N GLY C 272 6.86 0.64 53.33
CA GLY C 272 6.98 0.14 54.69
C GLY C 272 7.33 -1.33 54.62
N THR C 273 6.66 -2.12 55.45
CA THR C 273 7.02 -3.52 55.59
C THR C 273 5.74 -4.31 55.46
N GLY C 274 5.69 -5.20 54.48
CA GLY C 274 4.52 -6.05 54.25
C GLY C 274 4.45 -7.17 55.26
N ILE C 275 3.48 -8.08 55.08
CA ILE C 275 3.30 -9.19 56.01
C ILE C 275 3.12 -10.51 55.28
N VAL C 276 3.19 -11.59 56.04
CA VAL C 276 2.91 -12.92 55.55
C VAL C 276 1.80 -13.44 56.46
N LEU C 277 0.70 -13.85 55.88
CA LEU C 277 -0.44 -14.31 56.69
C LEU C 277 0.00 -15.47 57.54
N ARG C 278 -0.37 -15.43 58.81
CA ARG C 278 0.12 -16.42 59.78
C ARG C 278 -0.95 -17.42 60.21
N ASN C 279 -2.16 -17.23 59.72
CA ASN C 279 -3.27 -18.15 60.04
C ASN C 279 -4.31 -18.21 58.94
N GLY C 280 -5.18 -19.21 58.99
CA GLY C 280 -6.32 -19.31 58.09
C GLY C 280 -6.03 -19.96 56.75
N PRO C 281 -7.06 -20.05 55.88
CA PRO C 281 -7.01 -20.74 54.59
C PRO C 281 -5.87 -20.26 53.70
N HIS C 282 -5.40 -19.03 53.93
CA HIS C 282 -4.38 -18.41 53.07
C HIS C 282 -3.06 -18.15 53.80
N LYS C 283 -2.83 -18.89 54.88
CA LYS C 283 -1.58 -18.82 55.61
C LYS C 283 -0.41 -18.99 54.65
N GLY C 284 0.59 -18.13 54.80
CA GLY C 284 1.75 -18.16 53.92
C GLY C 284 1.70 -17.13 52.81
N ARG C 285 0.52 -16.57 52.57
CA ARG C 285 0.35 -15.55 51.54
C ARG C 285 1.15 -14.30 51.91
N ILE C 286 1.90 -13.77 50.95
CA ILE C 286 2.60 -12.52 51.16
C ILE C 286 1.70 -11.32 50.72
N LEU C 287 1.52 -10.35 51.58
CA LEU C 287 0.71 -9.16 51.25
C LEU C 287 1.57 -7.91 51.13
N ILE C 288 1.43 -7.19 50.02
CA ILE C 288 2.22 -5.96 49.78
C ILE C 288 1.25 -4.82 49.52
N PRO C 289 1.17 -3.82 50.43
CA PRO C 289 0.27 -2.71 50.16
C PRO C 289 0.68 -1.98 48.87
N VAL C 290 -0.30 -1.63 48.06
CA VAL C 290 -0.07 -0.82 46.85
C VAL C 290 -1.23 0.18 46.70
N TYR C 291 -1.13 1.09 45.74
CA TYR C 291 -2.22 1.97 45.36
C TYR C 291 -2.13 2.37 43.91
N THR C 292 -3.28 2.72 43.34
CA THR C 292 -3.37 3.06 41.90
C THR C 292 -3.97 4.42 41.66
N THR C 293 -3.81 4.95 40.44
CA THR C 293 -4.67 6.01 39.99
C THR C 293 -5.27 5.58 38.68
N ASN C 294 -6.26 6.32 38.22
CA ASN C 294 -6.90 6.06 36.93
C ASN C 294 -6.70 7.24 36.01
N ASN C 295 -7.15 7.09 34.76
CA ASN C 295 -7.06 8.16 33.77
C ASN C 295 -8.16 9.19 33.85
N VAL C 296 -9.18 8.94 34.68
CA VAL C 296 -10.30 9.85 34.82
C VAL C 296 -9.89 11.05 35.67
N SER C 297 -9.27 10.78 36.81
CA SER C 297 -8.96 11.85 37.77
C SER C 297 -7.56 11.79 38.39
N HIS C 298 -6.81 10.74 38.04
CA HIS C 298 -5.40 10.56 38.42
C HIS C 298 -5.14 10.93 39.90
N LEU C 299 -4.20 11.83 40.16
CA LEU C 299 -3.86 12.17 41.55
C LEU C 299 -4.85 13.10 42.26
N ASP C 300 -5.83 13.59 41.51
CA ASP C 300 -6.83 14.52 42.02
C ASP C 300 -8.00 13.83 42.70
N GLY C 301 -8.35 12.63 42.26
CA GLY C 301 -9.52 11.95 42.82
C GLY C 301 -9.62 10.46 42.69
N SER C 302 -8.51 9.79 42.34
CA SER C 302 -8.59 8.33 42.13
C SER C 302 -7.64 7.48 42.95
N GLN C 303 -6.78 8.08 43.77
CA GLN C 303 -5.85 7.27 44.57
C GLN C 303 -6.62 6.24 45.38
N SER C 304 -6.30 4.96 45.18
CA SER C 304 -7.06 3.83 45.76
C SER C 304 -6.11 2.73 46.25
N SER C 305 -6.23 2.40 47.53
CA SER C 305 -5.46 1.31 48.14
C SER C 305 -5.99 -0.08 47.76
N ARG C 306 -5.06 -1.03 47.77
CA ARG C 306 -5.35 -2.46 47.60
C ARG C 306 -4.07 -3.16 48.00
N VAL C 307 -4.03 -4.49 47.95
CA VAL C 307 -2.78 -5.21 48.11
C VAL C 307 -2.50 -6.06 46.86
N ILE C 308 -1.23 -6.29 46.56
CA ILE C 308 -0.85 -7.40 45.67
C ILE C 308 -0.34 -8.52 46.56
N TYR C 309 -0.39 -9.74 46.07
CA TYR C 309 -0.10 -10.88 46.94
C TYR C 309 0.51 -12.02 46.15
N SER C 310 1.18 -12.92 46.88
CA SER C 310 1.78 -14.11 46.33
C SER C 310 1.50 -15.31 47.25
N ASP C 311 1.00 -16.38 46.63
CA ASP C 311 0.77 -17.65 47.32
C ASP C 311 1.85 -18.67 47.00
N ASP C 312 2.80 -18.33 46.14
CA ASP C 312 3.86 -19.27 45.83
C ASP C 312 5.27 -18.79 46.24
N HIS C 313 5.35 -18.18 47.42
CA HIS C 313 6.61 -17.76 48.03
C HIS C 313 7.33 -16.68 47.20
N GLY C 314 6.56 -15.79 46.59
CA GLY C 314 7.13 -14.63 45.93
C GLY C 314 7.46 -14.83 44.46
N LYS C 315 7.15 -16.02 43.93
CA LYS C 315 7.46 -16.31 42.52
C LYS C 315 6.51 -15.62 41.53
N THR C 316 5.21 -15.67 41.81
CA THR C 316 4.19 -14.99 41.03
C THR C 316 3.33 -14.09 41.95
N TRP C 317 2.82 -13.01 41.37
CA TRP C 317 2.10 -11.97 42.10
C TRP C 317 0.74 -11.69 41.46
N HIS C 318 -0.24 -11.36 42.30
CA HIS C 318 -1.61 -11.14 41.88
C HIS C 318 -2.16 -9.87 42.52
N ALA C 319 -3.00 -9.14 41.79
CA ALA C 319 -3.68 -7.97 42.36
C ALA C 319 -4.95 -8.37 43.09
N GLY C 320 -5.06 -8.00 44.38
CA GLY C 320 -6.35 -7.98 45.08
C GLY C 320 -7.21 -6.86 44.47
N GLU C 321 -8.50 -6.86 44.81
CA GLU C 321 -9.40 -5.77 44.40
C GLU C 321 -9.17 -4.53 45.25
N ALA C 322 -9.50 -3.34 44.72
CA ALA C 322 -9.36 -2.10 45.50
C ALA C 322 -10.41 -2.00 46.60
N VAL C 323 -10.04 -1.39 47.71
CA VAL C 323 -11.04 -1.06 48.75
C VAL C 323 -12.19 -0.24 48.13
N ASN C 324 -11.84 0.63 47.19
CA ASN C 324 -12.83 1.46 46.51
C ASN C 324 -13.64 0.76 45.40
N ASP C 325 -13.37 -0.51 45.13
CA ASP C 325 -14.14 -1.23 44.08
C ASP C 325 -15.52 -1.60 44.62
N ASN C 326 -16.58 -1.07 44.00
CA ASN C 326 -17.98 -1.28 44.43
C ASN C 326 -18.27 -0.72 45.83
N ARG C 327 -17.57 0.36 46.16
CA ARG C 327 -17.78 1.07 47.41
C ARG C 327 -18.89 2.13 47.23
N GLN C 328 -19.85 2.16 48.15
CA GLN C 328 -20.91 3.17 48.15
C GLN C 328 -20.40 4.40 48.87
N VAL C 329 -20.38 5.53 48.17
CA VAL C 329 -19.93 6.81 48.71
C VAL C 329 -20.81 7.90 48.13
N ASP C 330 -21.23 8.82 48.98
CA ASP C 330 -22.05 9.95 48.57
C ASP C 330 -23.23 9.44 47.71
N GLY C 331 -23.96 8.45 48.24
CA GLY C 331 -25.10 7.86 47.53
C GLY C 331 -24.80 6.63 46.68
N GLN C 332 -23.89 6.76 45.70
CA GLN C 332 -23.70 5.74 44.67
C GLN C 332 -22.39 4.94 44.78
N LYS C 333 -22.30 3.88 43.98
CA LYS C 333 -21.17 2.97 43.96
C LYS C 333 -20.08 3.52 43.05
N ILE C 334 -18.83 3.44 43.53
CA ILE C 334 -17.68 3.81 42.73
C ILE C 334 -16.80 2.59 42.41
N HIS C 335 -15.82 2.77 41.54
CA HIS C 335 -14.80 1.75 41.22
C HIS C 335 -13.50 2.54 41.14
N SER C 336 -12.40 1.92 41.56
CA SER C 336 -11.07 2.55 41.53
C SER C 336 -10.67 2.97 40.12
N SER C 337 -11.19 2.27 39.12
CA SER C 337 -10.84 2.56 37.72
C SER C 337 -11.58 3.75 37.16
N THR C 338 -12.66 4.18 37.81
CA THR C 338 -13.50 5.26 37.27
C THR C 338 -13.81 6.41 38.22
N MET C 339 -13.33 6.33 39.46
CA MET C 339 -13.77 7.29 40.46
C MET C 339 -13.15 8.66 40.22
N ASN C 340 -13.87 9.69 40.67
CA ASN C 340 -13.36 11.05 40.74
C ASN C 340 -13.94 11.65 42.00
N ASN C 341 -13.32 11.31 43.13
CA ASN C 341 -13.81 11.73 44.45
C ASN C 341 -12.62 11.93 45.38
N ARG C 342 -12.21 13.18 45.56
CA ARG C 342 -11.02 13.52 46.34
C ARG C 342 -11.06 12.86 47.72
N ARG C 343 -12.18 13.01 48.41
CA ARG C 343 -12.25 12.61 49.80
C ARG C 343 -12.46 11.12 49.97
N ALA C 344 -12.84 10.43 48.89
CA ALA C 344 -13.00 8.96 48.94
C ALA C 344 -11.69 8.25 48.61
N GLN C 345 -10.64 9.01 48.30
CA GLN C 345 -9.34 8.40 48.04
C GLN C 345 -8.78 7.71 49.26
N ASN C 346 -7.98 6.68 49.00
CA ASN C 346 -7.10 6.11 50.02
C ASN C 346 -5.78 5.74 49.35
N THR C 347 -4.65 6.00 50.00
CA THR C 347 -3.40 5.95 49.24
C THR C 347 -2.44 4.89 49.77
N GLU C 348 -1.30 5.34 50.29
CA GLU C 348 -0.36 4.45 50.93
C GLU C 348 -1.06 3.82 52.11
N SER C 349 -0.72 2.58 52.42
CA SER C 349 -1.41 1.88 53.51
C SER C 349 -0.49 0.88 54.19
N THR C 350 -0.87 0.49 55.40
CA THR C 350 -0.14 -0.54 56.12
C THR C 350 -1.14 -1.67 56.44
N VAL C 351 -0.64 -2.90 56.44
CA VAL C 351 -1.53 -4.07 56.43
C VAL C 351 -1.21 -4.98 57.63
N VAL C 352 -2.27 -5.45 58.29
CA VAL C 352 -2.10 -6.30 59.48
C VAL C 352 -3.14 -7.43 59.42
N GLN C 353 -2.73 -8.65 59.80
CA GLN C 353 -3.67 -9.77 59.99
C GLN C 353 -3.99 -9.99 61.46
N LEU C 354 -5.27 -10.21 61.76
CA LEU C 354 -5.72 -10.51 63.12
C LEU C 354 -5.72 -12.00 63.36
N ASN C 355 -5.78 -12.40 64.62
CA ASN C 355 -5.83 -13.81 64.99
C ASN C 355 -7.05 -14.57 64.43
N ASN C 356 -8.16 -13.86 64.19
CA ASN C 356 -9.36 -14.44 63.58
C ASN C 356 -9.26 -14.62 62.05
N GLY C 357 -8.14 -14.22 61.46
CA GLY C 357 -7.94 -14.36 60.01
C GLY C 357 -8.21 -13.13 59.17
N ASP C 358 -8.90 -12.15 59.76
CA ASP C 358 -9.24 -10.93 59.05
C ASP C 358 -8.01 -10.04 58.82
N VAL C 359 -8.03 -9.34 57.70
CA VAL C 359 -6.92 -8.47 57.33
C VAL C 359 -7.39 -7.03 57.45
N LYS C 360 -6.62 -6.21 58.16
CA LYS C 360 -6.93 -4.80 58.34
C LYS C 360 -6.00 -3.89 57.53
N LEU C 361 -6.59 -2.94 56.83
CA LEU C 361 -5.82 -2.03 55.98
C LEU C 361 -5.97 -0.61 56.47
N PHE C 362 -4.92 -0.08 57.07
CA PHE C 362 -4.92 1.29 57.57
C PHE C 362 -4.43 2.15 56.42
N MET C 363 -5.29 3.05 55.94
CA MET C 363 -4.99 3.80 54.71
C MET C 363 -4.82 5.29 54.93
N ARG C 364 -3.72 5.83 54.42
CA ARG C 364 -3.52 7.28 54.35
C ARG C 364 -4.67 7.89 53.57
N GLY C 365 -5.23 8.95 54.12
CA GLY C 365 -6.40 9.56 53.51
C GLY C 365 -6.56 11.03 53.84
N LEU C 366 -7.67 11.59 53.39
CA LEU C 366 -7.93 13.03 53.48
C LEU C 366 -9.14 13.37 54.36
N THR C 367 -9.43 12.53 55.35
CA THR C 367 -10.53 12.84 56.28
C THR C 367 -10.09 13.51 57.58
N GLY C 368 -8.78 13.55 57.82
CA GLY C 368 -8.23 14.11 59.05
C GLY C 368 -8.11 13.06 60.16
N ASP C 369 -8.69 11.88 59.93
CA ASP C 369 -8.60 10.79 60.90
C ASP C 369 -8.36 9.41 60.26
N LEU C 370 -8.10 8.43 61.11
CA LEU C 370 -7.71 7.09 60.68
C LEU C 370 -8.82 6.29 59.99
N GLN C 371 -8.49 5.80 58.79
CA GLN C 371 -9.39 5.00 57.97
C GLN C 371 -8.87 3.56 57.86
N VAL C 372 -9.74 2.61 58.18
CA VAL C 372 -9.37 1.18 58.24
C VAL C 372 -10.37 0.36 57.44
N ALA C 373 -9.88 -0.41 56.46
CA ALA C 373 -10.74 -1.33 55.73
C ALA C 373 -10.47 -2.74 56.22
N THR C 374 -11.44 -3.63 56.03
CA THR C 374 -11.32 -5.05 56.41
C THR C 374 -11.54 -6.02 55.25
N SER C 375 -10.65 -6.99 55.15
CA SER C 375 -10.82 -8.11 54.23
C SER C 375 -10.98 -9.42 55.00
N LYS C 376 -11.95 -10.23 54.59
CA LYS C 376 -12.22 -11.51 55.22
C LYS C 376 -11.77 -12.69 54.35
N ASP C 377 -11.22 -12.36 53.18
CA ASP C 377 -10.70 -13.37 52.26
C ASP C 377 -9.18 -13.29 51.96
N GLY C 378 -8.42 -12.79 52.93
CA GLY C 378 -6.97 -12.80 52.79
C GLY C 378 -6.42 -11.72 51.88
N GLY C 379 -7.12 -10.58 51.83
CA GLY C 379 -6.67 -9.39 51.07
C GLY C 379 -7.25 -9.26 49.67
N VAL C 380 -8.03 -10.27 49.23
CA VAL C 380 -8.61 -10.24 47.86
C VAL C 380 -9.74 -9.22 47.68
N THR C 381 -10.72 -9.21 48.59
CA THR C 381 -11.81 -8.21 48.51
C THR C 381 -11.96 -7.54 49.86
N TRP C 382 -12.65 -6.41 49.89
CA TRP C 382 -12.76 -5.59 51.08
C TRP C 382 -14.23 -5.43 51.42
N GLU C 383 -14.52 -5.37 52.72
CA GLU C 383 -15.90 -5.23 53.20
C GLU C 383 -16.48 -3.83 52.91
N LYS C 384 -17.80 -3.75 52.98
CA LYS C 384 -18.58 -2.60 52.58
C LYS C 384 -18.19 -1.28 53.26
N ASP C 385 -17.89 -1.32 54.55
CA ASP C 385 -17.69 -0.08 55.29
C ASP C 385 -16.24 0.15 55.66
N ILE C 386 -15.77 1.38 55.43
CA ILE C 386 -14.49 1.81 55.96
C ILE C 386 -14.74 2.41 57.35
N LYS C 387 -14.15 1.78 58.36
CA LYS C 387 -14.30 2.20 59.73
C LYS C 387 -13.36 3.37 59.99
N ARG C 388 -13.87 4.42 60.64
CA ARG C 388 -13.03 5.59 60.94
C ARG C 388 -12.84 5.76 62.44
N TYR C 389 -11.64 6.18 62.81
CA TYR C 389 -11.30 6.36 64.22
C TYR C 389 -10.82 7.78 64.44
N PRO C 390 -11.70 8.66 64.95
CA PRO C 390 -11.35 10.04 65.28
C PRO C 390 -10.29 10.15 66.39
N GLN C 391 -10.10 9.06 67.14
CA GLN C 391 -9.09 8.97 68.21
C GLN C 391 -7.65 9.09 67.68
N VAL C 392 -7.48 8.78 66.39
CA VAL C 392 -6.17 8.81 65.74
C VAL C 392 -6.23 9.78 64.58
N LYS C 393 -5.44 10.86 64.65
CA LYS C 393 -5.44 11.83 63.57
C LYS C 393 -4.64 11.29 62.37
N ASP C 394 -5.01 11.73 61.18
CA ASP C 394 -4.25 11.39 59.99
C ASP C 394 -4.07 12.70 59.24
N VAL C 395 -2.84 13.21 59.22
CA VAL C 395 -2.56 14.50 58.59
C VAL C 395 -2.18 14.34 57.10
N TYR C 396 -2.51 13.15 56.57
CA TYR C 396 -2.25 12.79 55.17
C TYR C 396 -0.76 12.56 55.00
N VAL C 397 -0.32 11.45 55.59
CA VAL C 397 1.07 11.01 55.59
C VAL C 397 1.06 9.49 55.82
N GLN C 398 2.11 8.81 55.34
CA GLN C 398 2.25 7.37 55.51
C GLN C 398 2.21 7.07 57.00
N MET C 399 1.75 5.86 57.33
CA MET C 399 1.81 5.30 58.68
C MET C 399 2.33 3.87 58.60
N SER C 400 2.59 3.25 59.74
CA SER C 400 2.85 1.81 59.80
C SER C 400 2.12 1.24 61.01
N ALA C 401 1.77 -0.04 60.94
CA ALA C 401 1.06 -0.69 62.04
C ALA C 401 1.43 -2.12 62.05
N ILE C 402 1.49 -2.70 63.26
CA ILE C 402 1.85 -4.08 63.38
C ILE C 402 0.93 -4.77 64.38
N HIS C 403 0.78 -6.08 64.19
CA HIS C 403 0.12 -6.96 65.13
C HIS C 403 1.06 -7.27 66.27
N THR C 404 0.51 -7.38 67.47
CA THR C 404 1.30 -7.85 68.60
C THR C 404 0.44 -8.49 69.68
N MET C 405 1.04 -9.44 70.39
CA MET C 405 0.39 -10.09 71.54
C MET C 405 1.08 -9.64 72.82
N HIS C 406 0.30 -9.40 73.86
CA HIS C 406 0.86 -9.14 75.18
C HIS C 406 0.05 -9.90 76.22
N GLU C 407 0.74 -10.82 76.90
CA GLU C 407 0.19 -11.61 77.99
C GLU C 407 -1.16 -12.23 77.63
N GLY C 408 -1.19 -12.89 76.48
CA GLY C 408 -2.40 -13.54 75.99
C GLY C 408 -3.41 -12.68 75.25
N LYS C 409 -3.20 -11.36 75.21
CA LYS C 409 -4.16 -10.44 74.59
C LYS C 409 -3.64 -9.84 73.28
N GLU C 410 -4.55 -9.65 72.32
CA GLU C 410 -4.21 -9.16 70.99
C GLU C 410 -4.28 -7.63 70.86
N TYR C 411 -3.27 -7.05 70.22
CA TYR C 411 -3.20 -5.62 70.05
C TYR C 411 -2.65 -5.23 68.69
N ILE C 412 -2.87 -3.98 68.32
CA ILE C 412 -2.19 -3.36 67.19
C ILE C 412 -1.50 -2.07 67.64
N ILE C 413 -0.25 -1.90 67.21
CA ILE C 413 0.50 -0.68 67.44
C ILE C 413 0.57 0.06 66.10
N LEU C 414 0.21 1.34 66.11
CA LEU C 414 0.26 2.17 64.91
C LEU C 414 1.03 3.46 65.17
N SER C 415 1.94 3.81 64.27
CA SER C 415 2.66 5.07 64.43
C SER C 415 2.44 5.97 63.25
N ASN C 416 2.22 7.25 63.55
CA ASN C 416 2.17 8.29 62.55
C ASN C 416 2.32 9.67 63.19
N ALA C 417 2.39 10.71 62.35
CA ALA C 417 2.47 12.07 62.83
C ALA C 417 1.23 12.43 63.66
N GLY C 418 1.43 13.12 64.77
CA GLY C 418 0.31 13.57 65.63
C GLY C 418 -0.35 14.84 65.12
N GLY C 419 0.42 15.64 64.38
CA GLY C 419 -0.11 16.86 63.78
C GLY C 419 0.20 18.10 64.61
N PRO C 420 -0.28 19.28 64.17
CA PRO C 420 -1.14 19.57 63.01
C PRO C 420 -0.52 19.30 61.64
N LYS C 421 0.80 19.42 61.52
CA LYS C 421 1.49 19.14 60.27
C LYS C 421 2.22 17.80 60.41
N ARG C 422 3.30 17.62 59.67
CA ARG C 422 4.06 16.39 59.75
C ARG C 422 5.10 16.50 60.87
N GLU C 423 4.60 16.33 62.08
CA GLU C 423 5.34 16.64 63.30
C GLU C 423 4.73 15.86 64.45
N ASN C 424 5.48 15.74 65.54
CA ASN C 424 4.96 15.10 66.75
C ASN C 424 4.64 13.63 66.54
N GLY C 425 5.67 12.83 66.33
CA GLY C 425 5.52 11.38 66.16
C GLY C 425 4.77 10.76 67.32
N MET C 426 3.83 9.88 67.00
CA MET C 426 3.03 9.20 68.02
C MET C 426 3.07 7.70 67.78
N VAL C 427 2.98 6.94 68.86
CA VAL C 427 2.76 5.48 68.81
C VAL C 427 1.45 5.23 69.53
N HIS C 428 0.48 4.71 68.79
CA HIS C 428 -0.87 4.49 69.28
C HIS C 428 -1.06 3.02 69.56
N LEU C 429 -1.77 2.69 70.64
CA LEU C 429 -2.04 1.30 70.96
C LEU C 429 -3.54 1.02 70.99
N ALA C 430 -3.92 -0.05 70.29
CA ALA C 430 -5.31 -0.51 70.25
C ALA C 430 -5.44 -1.96 70.67
N ARG C 431 -6.46 -2.24 71.48
N ARG C 431 -6.47 -2.23 71.48
CA ARG C 431 -6.85 -3.62 71.76
CA ARG C 431 -6.91 -3.59 71.74
C ARG C 431 -7.80 -4.07 70.65
C ARG C 431 -7.75 -4.03 70.56
N VAL C 432 -7.58 -5.27 70.13
CA VAL C 432 -8.48 -5.80 69.11
C VAL C 432 -9.58 -6.65 69.76
N GLU C 433 -10.80 -6.23 69.50
CA GLU C 433 -11.99 -6.86 70.07
C GLU C 433 -12.34 -8.10 69.25
N GLU C 434 -13.05 -9.05 69.86
CA GLU C 434 -13.44 -10.28 69.16
C GLU C 434 -14.22 -9.97 67.89
N ASN C 435 -14.83 -8.79 67.88
CA ASN C 435 -15.49 -8.17 66.75
C ASN C 435 -14.59 -7.97 65.52
N GLY C 436 -13.31 -7.75 65.76
CA GLY C 436 -12.41 -7.20 64.74
C GLY C 436 -12.28 -5.70 64.93
N GLU C 437 -13.16 -5.14 65.78
CA GLU C 437 -13.15 -3.71 66.06
C GLU C 437 -11.94 -3.37 66.92
N LEU C 438 -11.50 -2.11 66.84
CA LEU C 438 -10.33 -1.66 67.59
C LEU C 438 -10.72 -0.69 68.69
N THR C 439 -10.10 -0.87 69.86
CA THR C 439 -10.26 0.08 70.94
C THR C 439 -8.91 0.73 71.24
N TRP C 440 -8.85 2.05 71.01
CA TRP C 440 -7.62 2.81 71.19
C TRP C 440 -7.44 3.12 72.66
N LEU C 441 -6.33 2.61 73.21
CA LEU C 441 -6.04 2.66 74.63
C LEU C 441 -5.10 3.80 75.00
N LYS C 442 -4.01 3.93 74.24
CA LYS C 442 -2.94 4.86 74.55
C LYS C 442 -2.40 5.57 73.32
N HIS C 443 -1.92 6.80 73.52
CA HIS C 443 -1.34 7.61 72.47
C HIS C 443 -0.06 8.27 73.03
N ASN C 444 1.10 7.74 72.62
CA ASN C 444 2.38 8.11 73.22
C ASN C 444 3.32 8.87 72.28
N PRO C 445 3.69 10.12 72.64
CA PRO C 445 4.66 10.86 71.84
C PRO C 445 6.02 10.15 71.79
N ILE C 446 6.60 10.08 70.59
CA ILE C 446 7.87 9.38 70.42
C ILE C 446 8.95 10.29 69.79
N GLN C 447 8.51 11.34 69.08
CA GLN C 447 9.44 12.27 68.47
C GLN C 447 8.81 13.64 68.27
N LYS C 448 9.25 14.60 69.09
CA LYS C 448 8.85 16.00 68.94
C LYS C 448 9.52 16.58 67.70
N GLY C 449 8.91 17.60 67.12
CA GLY C 449 9.44 18.21 65.90
C GLY C 449 9.02 17.41 64.67
N GLU C 450 9.74 17.59 63.57
CA GLU C 450 9.42 16.96 62.29
C GLU C 450 9.30 15.45 62.42
N PHE C 451 8.23 14.89 61.87
CA PHE C 451 8.00 13.45 61.90
C PHE C 451 7.09 13.10 60.73
N ALA C 452 7.53 12.16 59.89
CA ALA C 452 6.76 11.79 58.71
C ALA C 452 6.74 10.28 58.57
N TYR C 453 7.32 9.73 57.49
CA TYR C 453 7.22 8.30 57.24
C TYR C 453 7.91 7.47 58.32
N ASN C 454 7.35 6.28 58.60
CA ASN C 454 7.89 5.41 59.66
C ASN C 454 7.57 3.95 59.43
N SER C 455 8.34 3.08 60.06
CA SER C 455 8.18 1.64 59.92
C SER C 455 8.44 0.95 61.26
N LEU C 456 7.45 0.20 61.73
CA LEU C 456 7.52 -0.51 63.01
C LEU C 456 7.85 -1.97 62.84
N GLN C 457 8.57 -2.54 63.82
CA GLN C 457 8.78 -3.98 63.94
C GLN C 457 8.83 -4.35 65.43
N GLU C 458 8.24 -5.51 65.74
CA GLU C 458 8.44 -6.15 67.03
C GLU C 458 9.81 -6.82 67.04
N LEU C 459 10.56 -6.62 68.12
CA LEU C 459 11.93 -7.12 68.21
C LEU C 459 12.04 -8.39 69.05
N GLY C 460 11.02 -8.65 69.86
CA GLY C 460 11.02 -9.82 70.74
C GLY C 460 11.18 -9.38 72.17
N ASN C 461 10.91 -10.30 73.09
CA ASN C 461 11.02 -10.05 74.53
C ASN C 461 10.44 -8.70 74.98
N GLY C 462 9.26 -8.36 74.43
CA GLY C 462 8.53 -7.16 74.83
C GLY C 462 9.03 -5.82 74.32
N GLU C 463 9.94 -5.85 73.35
CA GLU C 463 10.49 -4.62 72.76
C GLU C 463 10.11 -4.46 71.29
N TYR C 464 10.15 -3.21 70.84
CA TYR C 464 9.72 -2.82 69.50
C TYR C 464 10.69 -1.82 68.89
N GLY C 465 10.89 -1.92 67.58
CA GLY C 465 11.75 -0.99 66.82
C GLY C 465 10.94 -0.05 65.94
N ILE C 466 11.47 1.15 65.71
CA ILE C 466 10.87 2.09 64.76
C ILE C 466 11.96 2.86 64.00
N LEU C 467 11.81 2.94 62.68
CA LEU C 467 12.69 3.73 61.83
C LEU C 467 11.77 4.79 61.25
N TYR C 468 12.18 6.05 61.31
CA TYR C 468 11.26 7.14 60.96
C TYR C 468 11.96 8.36 60.40
N GLU C 469 11.20 9.17 59.67
CA GLU C 469 11.70 10.40 59.06
C GLU C 469 11.60 11.52 60.07
N HIS C 470 12.72 12.21 60.26
CA HIS C 470 12.78 13.35 61.17
C HIS C 470 13.93 14.25 60.70
N THR C 471 13.86 15.53 61.05
CA THR C 471 14.98 16.44 60.84
C THR C 471 15.12 17.40 62.01
N GLU C 472 16.34 17.82 62.24
CA GLU C 472 16.62 18.94 63.14
C GLU C 472 17.89 19.62 62.68
N LYS C 473 18.10 20.86 63.12
CA LYS C 473 19.39 21.54 62.97
C LYS C 473 19.81 21.70 61.51
N GLY C 474 18.84 22.04 60.66
CA GLY C 474 19.07 22.29 59.23
C GLY C 474 19.35 21.06 58.36
N GLN C 475 19.00 19.88 58.87
CA GLN C 475 19.16 18.63 58.11
C GLN C 475 18.17 18.62 56.96
N ASN C 476 18.65 18.21 55.79
CA ASN C 476 17.79 18.05 54.61
C ASN C 476 16.72 16.99 54.91
N ALA C 477 15.54 17.13 54.32
CA ALA C 477 14.46 16.16 54.53
C ALA C 477 14.75 14.86 53.76
N TYR C 478 15.01 13.74 54.44
CA TYR C 478 15.06 13.60 55.89
C TYR C 478 16.30 12.84 56.32
N THR C 479 16.57 12.85 57.61
CA THR C 479 17.42 11.86 58.23
C THR C 479 16.54 10.74 58.78
N LEU C 480 16.92 9.47 58.57
CA LEU C 480 16.17 8.34 59.10
C LEU C 480 16.83 7.84 60.38
N SER C 481 16.07 7.87 61.47
CA SER C 481 16.60 7.51 62.79
C SER C 481 15.85 6.32 63.37
N PHE C 482 16.48 5.63 64.33
CA PHE C 482 15.92 4.40 64.90
C PHE C 482 15.72 4.54 66.42
N ARG C 483 14.61 4.02 66.92
CA ARG C 483 14.37 3.92 68.36
C ARG C 483 13.84 2.53 68.72
N LYS C 484 14.08 2.13 69.97
CA LYS C 484 13.54 0.92 70.55
C LYS C 484 12.70 1.31 71.76
N PHE C 485 11.52 0.71 71.88
CA PHE C 485 10.67 0.92 73.04
C PHE C 485 10.07 -0.39 73.54
N ASN C 486 9.57 -0.39 74.78
CA ASN C 486 8.96 -1.59 75.36
C ASN C 486 7.52 -1.37 75.78
N TRP C 487 6.90 -2.42 76.32
CA TRP C 487 5.49 -2.39 76.67
C TRP C 487 5.11 -1.26 77.64
N GLU C 488 6.08 -0.84 78.45
CA GLU C 488 5.83 0.21 79.46
C GLU C 488 5.74 1.61 78.86
N PHE C 489 6.50 1.85 77.79
CA PHE C 489 6.31 3.07 76.99
C PHE C 489 4.92 3.06 76.36
N LEU C 490 4.54 1.91 75.81
CA LEU C 490 3.23 1.71 75.17
C LEU C 490 2.03 1.90 76.08
N SER C 491 2.13 1.40 77.32
CA SER C 491 1.03 1.41 78.29
C SER C 491 1.08 2.61 79.25
N LYS C 492 1.47 3.77 78.74
CA LYS C 492 1.70 4.95 79.59
C LYS C 492 0.56 5.96 79.51
N ALA D 23 -28.54 0.28 -15.54
CA ALA D 23 -29.85 -0.13 -14.96
C ALA D 23 -29.86 0.00 -13.44
N LEU D 24 -31.02 0.40 -12.93
CA LEU D 24 -31.27 0.53 -11.50
C LEU D 24 -32.72 0.09 -11.29
N THR D 25 -32.92 -0.98 -10.53
CA THR D 25 -34.27 -1.46 -10.23
C THR D 25 -35.02 -0.49 -9.31
N GLU D 26 -36.34 -0.58 -9.31
CA GLU D 26 -37.16 0.26 -8.45
C GLU D 26 -37.03 -0.16 -6.99
N LYS D 27 -37.21 0.82 -6.10
CA LYS D 27 -37.21 0.62 -4.66
C LYS D 27 -38.13 -0.53 -4.24
N THR D 28 -37.60 -1.46 -3.46
CA THR D 28 -38.40 -2.55 -2.89
C THR D 28 -38.29 -2.55 -1.37
N ASP D 29 -39.43 -2.38 -0.70
CA ASP D 29 -39.48 -2.28 0.76
C ASP D 29 -39.43 -3.66 1.43
N ILE D 30 -38.43 -3.86 2.28
CA ILE D 30 -38.17 -5.16 2.91
C ILE D 30 -38.67 -5.18 4.36
N PHE D 31 -38.37 -4.11 5.08
CA PHE D 31 -38.86 -3.93 6.44
C PHE D 31 -39.62 -2.62 6.43
N GLU D 32 -40.93 -2.71 6.64
CA GLU D 32 -41.80 -1.54 6.52
C GLU D 32 -42.07 -0.91 7.88
N SER D 33 -41.87 0.40 7.98
CA SER D 33 -42.14 1.14 9.20
C SER D 33 -43.55 1.71 9.24
N GLY D 34 -44.02 2.08 10.43
CA GLY D 34 -45.33 2.68 10.57
C GLY D 34 -45.37 4.08 9.98
N ARG D 35 -46.52 4.73 10.12
CA ARG D 35 -46.74 6.07 9.58
C ARG D 35 -47.04 7.03 10.70
N ASN D 36 -46.53 8.25 10.58
CA ASN D 36 -46.87 9.37 11.47
C ASN D 36 -46.79 9.08 12.98
N GLY D 37 -45.83 8.25 13.35
CA GLY D 37 -45.61 7.93 14.76
C GLY D 37 -46.46 6.77 15.24
N ASN D 38 -47.12 6.08 14.31
CA ASN D 38 -47.99 4.95 14.62
C ASN D 38 -47.33 3.61 14.32
N PRO D 39 -47.80 2.51 14.94
CA PRO D 39 -47.26 1.22 14.56
C PRO D 39 -47.71 0.82 13.15
N ASN D 40 -46.98 -0.10 12.53
CA ASN D 40 -47.41 -0.68 11.26
C ASN D 40 -48.46 -1.79 11.50
N LYS D 41 -48.76 -2.56 10.47
CA LYS D 41 -49.74 -3.66 10.56
C LYS D 41 -49.38 -4.76 11.56
N ASP D 42 -48.08 -4.90 11.86
CA ASP D 42 -47.60 -5.92 12.80
C ASP D 42 -47.43 -5.38 14.20
N GLY D 43 -47.82 -4.12 14.41
CA GLY D 43 -47.62 -3.45 15.68
C GLY D 43 -46.16 -3.05 15.92
N ILE D 44 -45.42 -2.86 14.83
CA ILE D 44 -44.02 -2.42 14.89
C ILE D 44 -43.92 -0.95 14.46
N LYS D 45 -43.23 -0.14 15.25
CA LYS D 45 -43.05 1.28 14.93
C LYS D 45 -42.11 1.50 13.74
N SER D 46 -40.89 0.97 13.84
CA SER D 46 -39.90 1.21 12.79
C SER D 46 -38.80 0.16 12.79
N TYR D 47 -37.99 0.22 11.73
CA TYR D 47 -36.83 -0.64 11.57
C TYR D 47 -35.63 0.22 11.28
N ARG D 48 -34.48 -0.24 11.75
CA ARG D 48 -33.23 0.44 11.45
C ARG D 48 -32.11 -0.56 11.28
N ILE D 49 -30.97 -0.05 10.79
CA ILE D 49 -29.68 -0.76 10.79
C ILE D 49 -29.64 -1.97 9.84
N PRO D 50 -29.68 -1.69 8.52
CA PRO D 50 -29.68 -2.76 7.54
C PRO D 50 -28.37 -3.53 7.53
N ALA D 51 -28.47 -4.85 7.41
CA ALA D 51 -27.32 -5.69 7.10
C ALA D 51 -27.71 -6.64 5.96
N LEU D 52 -26.88 -6.71 4.93
CA LEU D 52 -27.23 -7.52 3.76
C LEU D 52 -26.15 -8.56 3.52
N LEU D 53 -26.54 -9.84 3.55
CA LEU D 53 -25.60 -10.92 3.31
C LEU D 53 -25.98 -11.82 2.14
N LYS D 54 -25.17 -11.81 1.08
CA LYS D 54 -25.29 -12.82 0.03
C LYS D 54 -24.52 -14.08 0.43
N THR D 55 -25.25 -15.16 0.69
CA THR D 55 -24.65 -16.41 1.18
C THR D 55 -24.00 -17.23 0.05
N ASP D 56 -23.52 -18.42 0.41
CA ASP D 56 -22.94 -19.38 -0.54
C ASP D 56 -23.97 -19.92 -1.54
N LYS D 57 -25.23 -19.98 -1.12
CA LYS D 57 -26.31 -20.55 -1.93
C LYS D 57 -26.94 -19.53 -2.85
N GLY D 58 -26.55 -18.28 -2.69
CA GLY D 58 -27.08 -17.19 -3.51
C GLY D 58 -28.18 -16.42 -2.82
N THR D 59 -28.63 -16.95 -1.69
CA THR D 59 -29.66 -16.33 -0.84
C THR D 59 -29.21 -14.98 -0.31
N LEU D 60 -30.14 -14.04 -0.24
CA LEU D 60 -29.90 -12.76 0.41
C LEU D 60 -30.56 -12.73 1.78
N ILE D 61 -29.74 -12.53 2.82
CA ILE D 61 -30.26 -12.29 4.17
C ILE D 61 -30.23 -10.80 4.46
N ALA D 62 -31.42 -10.25 4.74
CA ALA D 62 -31.57 -8.87 5.15
C ALA D 62 -31.82 -8.84 6.65
N GLY D 63 -30.93 -8.19 7.39
CA GLY D 63 -31.03 -8.10 8.84
C GLY D 63 -31.36 -6.69 9.29
N ALA D 64 -32.03 -6.57 10.44
CA ALA D 64 -32.48 -5.27 10.95
C ALA D 64 -32.71 -5.25 12.47
N ASP D 65 -32.66 -4.04 13.02
CA ASP D 65 -33.19 -3.74 14.35
C ASP D 65 -34.70 -3.58 14.17
N GLU D 66 -35.49 -4.39 14.88
CA GLU D 66 -36.95 -4.24 14.86
C GLU D 66 -37.43 -3.51 16.11
N ARG D 67 -37.87 -2.28 15.95
CA ARG D 67 -38.27 -1.43 17.08
C ARG D 67 -39.78 -1.44 17.30
N ARG D 68 -40.22 -2.20 18.30
CA ARG D 68 -41.65 -2.38 18.53
C ARG D 68 -42.33 -1.08 18.99
N LEU D 69 -41.82 -0.43 20.02
CA LEU D 69 -42.57 0.61 20.72
C LEU D 69 -42.30 2.06 20.30
N HIS D 70 -41.06 2.35 19.90
CA HIS D 70 -40.68 3.71 19.54
C HIS D 70 -39.43 3.70 18.68
N SER D 71 -39.06 4.85 18.14
N SER D 71 -39.10 4.86 18.13
CA SER D 71 -37.92 4.96 17.24
CA SER D 71 -37.94 4.99 17.27
C SER D 71 -36.67 5.53 17.92
C SER D 71 -36.82 5.68 18.05
N SER D 72 -36.32 4.97 19.08
CA SER D 72 -35.17 5.42 19.86
C SER D 72 -34.05 4.39 19.83
N ASP D 73 -32.89 4.78 20.36
CA ASP D 73 -31.70 3.93 20.44
C ASP D 73 -31.72 3.04 21.69
N TRP D 74 -32.92 2.58 22.03
CA TRP D 74 -33.15 1.69 23.16
C TRP D 74 -34.60 1.17 23.06
N GLY D 75 -35.09 0.55 24.13
CA GLY D 75 -36.43 0.00 24.13
C GLY D 75 -36.44 -1.48 23.80
N ASP D 76 -37.62 -1.99 23.46
CA ASP D 76 -37.80 -3.37 23.02
C ASP D 76 -37.39 -3.48 21.55
N ILE D 77 -36.20 -4.05 21.32
CA ILE D 77 -35.64 -4.20 19.98
C ILE D 77 -35.30 -5.68 19.75
N GLY D 78 -35.79 -6.24 18.65
CA GLY D 78 -35.42 -7.59 18.25
C GLY D 78 -34.46 -7.57 17.06
N MET D 79 -33.61 -8.58 17.00
CA MET D 79 -32.71 -8.80 15.87
C MET D 79 -33.42 -9.74 14.90
N VAL D 80 -33.79 -9.21 13.75
CA VAL D 80 -34.61 -9.97 12.80
C VAL D 80 -33.91 -10.08 11.46
N ILE D 81 -34.23 -11.14 10.72
CA ILE D 81 -33.80 -11.28 9.33
C ILE D 81 -34.95 -11.68 8.39
N ARG D 82 -34.82 -11.31 7.11
N ARG D 82 -34.83 -11.32 7.11
CA ARG D 82 -35.65 -11.84 6.04
CA ARG D 82 -35.67 -11.85 6.03
C ARG D 82 -34.75 -12.47 4.98
C ARG D 82 -34.78 -12.42 4.93
N ARG D 83 -35.28 -13.44 4.24
CA ARG D 83 -34.53 -14.12 3.20
C ARG D 83 -35.18 -13.98 1.84
N SER D 84 -34.36 -13.72 0.82
CA SER D 84 -34.77 -13.81 -0.58
C SER D 84 -33.98 -14.91 -1.26
N GLU D 85 -34.68 -15.84 -1.89
CA GLU D 85 -34.01 -16.92 -2.59
C GLU D 85 -33.92 -16.65 -4.09
N ASP D 86 -34.43 -15.49 -4.50
CA ASP D 86 -34.49 -15.13 -5.91
C ASP D 86 -33.79 -13.79 -6.20
N ASN D 87 -32.65 -13.57 -5.53
CA ASN D 87 -31.82 -12.38 -5.76
C ASN D 87 -32.52 -11.06 -5.44
N GLY D 88 -33.37 -11.07 -4.42
CA GLY D 88 -33.98 -9.85 -3.91
C GLY D 88 -35.34 -9.50 -4.46
N LYS D 89 -35.89 -10.39 -5.29
CA LYS D 89 -37.20 -10.18 -5.91
C LYS D 89 -38.33 -10.35 -4.88
N THR D 90 -38.35 -11.50 -4.20
CA THR D 90 -39.34 -11.78 -3.16
C THR D 90 -38.65 -12.19 -1.86
N TRP D 91 -39.28 -11.86 -0.72
CA TRP D 91 -38.69 -12.13 0.59
C TRP D 91 -39.65 -12.89 1.50
N GLY D 92 -39.14 -13.89 2.22
CA GLY D 92 -39.93 -14.68 3.16
C GLY D 92 -40.37 -13.89 4.38
N ASP D 93 -40.94 -14.58 5.37
CA ASP D 93 -41.37 -13.96 6.62
C ASP D 93 -40.20 -13.65 7.54
N ARG D 94 -40.34 -12.62 8.37
CA ARG D 94 -39.31 -12.25 9.35
C ARG D 94 -38.95 -13.44 10.26
N VAL D 95 -37.66 -13.69 10.41
CA VAL D 95 -37.12 -14.66 11.39
C VAL D 95 -36.45 -13.87 12.52
N THR D 96 -36.83 -14.17 13.76
CA THR D 96 -36.25 -13.48 14.91
C THR D 96 -35.06 -14.26 15.44
N ILE D 97 -33.89 -13.64 15.41
CA ILE D 97 -32.69 -14.24 15.98
C ILE D 97 -32.77 -14.17 17.50
N THR D 98 -33.01 -12.96 18.01
CA THR D 98 -32.99 -12.71 19.44
C THR D 98 -33.95 -11.58 19.77
N ASN D 99 -34.76 -11.80 20.80
CA ASN D 99 -35.67 -10.78 21.28
C ASN D 99 -35.90 -11.04 22.75
N LEU D 100 -35.16 -10.31 23.60
CA LEU D 100 -35.20 -10.53 25.05
C LEU D 100 -36.51 -9.98 25.60
N ARG D 101 -37.08 -10.66 26.59
CA ARG D 101 -38.39 -10.25 27.12
C ARG D 101 -38.31 -8.93 27.91
N ASP D 102 -39.37 -8.13 27.83
CA ASP D 102 -39.41 -6.86 28.55
C ASP D 102 -39.49 -7.08 30.07
N ASN D 103 -39.11 -6.07 30.83
CA ASN D 103 -39.35 -6.09 32.27
C ASN D 103 -40.85 -5.76 32.46
N PRO D 104 -41.64 -6.75 32.94
CA PRO D 104 -43.09 -6.53 32.96
C PRO D 104 -43.49 -5.57 34.08
N LYS D 105 -42.54 -5.22 34.95
CA LYS D 105 -42.82 -4.29 36.04
C LYS D 105 -42.19 -2.91 35.87
N ALA D 106 -41.50 -2.68 34.76
CA ALA D 106 -40.85 -1.39 34.52
C ALA D 106 -41.89 -0.25 34.50
N SER D 107 -41.57 0.85 35.17
CA SER D 107 -42.49 1.99 35.26
C SER D 107 -42.65 2.68 33.91
N ASP D 108 -41.54 2.81 33.18
CA ASP D 108 -41.58 3.38 31.84
C ASP D 108 -41.17 2.34 30.81
N PRO D 109 -42.15 1.72 30.14
CA PRO D 109 -41.94 0.66 29.13
C PRO D 109 -41.00 1.04 27.96
N SER D 110 -40.95 2.33 27.62
CA SER D 110 -40.08 2.82 26.55
C SER D 110 -38.60 2.62 26.88
N ILE D 111 -38.30 2.46 28.16
CA ILE D 111 -36.95 2.16 28.62
C ILE D 111 -36.89 0.88 29.49
N GLY D 112 -37.89 0.01 29.35
CA GLY D 112 -38.05 -1.10 30.30
C GLY D 112 -37.74 -2.47 29.74
N SER D 113 -36.91 -2.51 28.70
CA SER D 113 -36.51 -3.77 28.10
C SER D 113 -34.98 -3.85 28.05
N PRO D 114 -34.40 -5.01 28.43
CA PRO D 114 -33.02 -5.27 28.06
C PRO D 114 -32.88 -5.07 26.54
N VAL D 115 -31.77 -4.48 26.12
CA VAL D 115 -31.58 -4.01 24.74
C VAL D 115 -30.61 -4.90 23.95
N ASN D 116 -31.00 -5.28 22.73
CA ASN D 116 -30.05 -5.72 21.69
C ASN D 116 -30.14 -4.69 20.62
N ILE D 117 -29.00 -4.32 20.03
CA ILE D 117 -28.95 -3.17 19.13
C ILE D 117 -27.72 -3.26 18.19
N ASP D 118 -27.93 -2.94 16.91
CA ASP D 118 -26.88 -2.96 15.85
C ASP D 118 -26.30 -4.35 15.57
N MET D 119 -26.45 -4.86 14.34
CA MET D 119 -25.90 -6.17 14.02
C MET D 119 -24.90 -6.12 12.88
N VAL D 120 -24.01 -7.09 12.89
CA VAL D 120 -23.13 -7.34 11.76
C VAL D 120 -23.34 -8.79 11.33
N LEU D 121 -23.46 -9.00 10.03
CA LEU D 121 -23.62 -10.33 9.46
C LEU D 121 -22.37 -10.72 8.70
N VAL D 122 -22.01 -12.00 8.74
CA VAL D 122 -20.89 -12.52 7.98
C VAL D 122 -21.06 -14.03 7.85
N GLN D 123 -20.55 -14.59 6.75
CA GLN D 123 -20.51 -16.04 6.54
C GLN D 123 -19.09 -16.56 6.43
N ASP D 124 -18.79 -17.62 7.16
CA ASP D 124 -17.55 -18.34 6.98
C ASP D 124 -17.68 -19.16 5.71
N PRO D 125 -16.75 -18.98 4.75
CA PRO D 125 -16.90 -19.64 3.45
C PRO D 125 -16.48 -21.11 3.47
N GLU D 126 -15.80 -21.54 4.53
CA GLU D 126 -15.39 -22.94 4.66
C GLU D 126 -16.52 -23.75 5.29
N THR D 127 -16.97 -23.32 6.47
CA THR D 127 -18.00 -24.03 7.23
C THR D 127 -19.42 -23.64 6.82
N LYS D 128 -19.55 -22.54 6.09
CA LYS D 128 -20.85 -21.97 5.67
C LYS D 128 -21.71 -21.48 6.85
N ARG D 129 -21.21 -21.56 8.08
CA ARG D 129 -21.88 -20.99 9.24
C ARG D 129 -22.06 -19.48 9.05
N ILE D 130 -23.23 -18.98 9.41
CA ILE D 130 -23.56 -17.57 9.30
C ILE D 130 -23.64 -16.98 10.70
N PHE D 131 -22.97 -15.84 10.91
CA PHE D 131 -22.89 -15.24 12.24
C PHE D 131 -23.64 -13.91 12.27
N SER D 132 -24.35 -13.67 13.37
CA SER D 132 -24.87 -12.34 13.66
C SER D 132 -24.24 -11.89 14.99
N ILE D 133 -23.58 -10.73 14.96
CA ILE D 133 -22.96 -10.15 16.14
C ILE D 133 -23.59 -8.79 16.42
N TYR D 134 -24.01 -8.59 17.67
CA TYR D 134 -24.81 -7.42 18.00
C TYR D 134 -24.53 -7.00 19.44
N ASP D 135 -24.92 -5.77 19.77
CA ASP D 135 -24.74 -5.24 21.12
C ASP D 135 -25.84 -5.75 22.06
N MET D 136 -25.53 -5.77 23.35
CA MET D 136 -26.52 -6.05 24.40
C MET D 136 -26.25 -5.15 25.57
N PHE D 137 -27.35 -4.67 26.15
CA PHE D 137 -27.32 -3.92 27.40
C PHE D 137 -28.44 -4.46 28.29
N PRO D 138 -28.24 -4.47 29.61
CA PRO D 138 -29.37 -4.72 30.51
C PRO D 138 -30.42 -3.62 30.34
N GLU D 139 -31.60 -3.79 30.95
CA GLU D 139 -32.72 -2.84 30.84
C GLU D 139 -32.25 -1.39 30.98
N GLY D 140 -32.67 -0.52 30.04
CA GLY D 140 -32.36 0.89 30.17
C GLY D 140 -32.24 1.63 28.86
N LYS D 141 -31.42 2.68 28.83
CA LYS D 141 -31.29 3.52 27.64
C LYS D 141 -30.10 3.19 26.71
N GLY D 142 -29.62 1.95 26.78
CA GLY D 142 -28.54 1.49 25.88
C GLY D 142 -27.27 2.28 26.08
N ILE D 143 -26.63 2.71 24.99
CA ILE D 143 -25.37 3.47 25.08
C ILE D 143 -25.59 4.82 25.79
N PHE D 144 -26.83 5.31 25.75
CA PHE D 144 -27.19 6.61 26.33
C PHE D 144 -27.58 6.52 27.80
N GLY D 145 -27.45 5.31 28.37
CA GLY D 145 -27.75 5.12 29.78
C GLY D 145 -26.59 4.56 30.59
N MET D 146 -25.37 4.60 30.04
CA MET D 146 -24.22 3.96 30.70
C MET D 146 -23.79 4.75 31.93
N SER D 147 -23.43 4.06 33.00
CA SER D 147 -23.03 4.75 34.24
C SER D 147 -21.63 5.37 34.13
N SER D 148 -21.37 6.38 34.98
CA SER D 148 -20.05 6.99 35.05
C SER D 148 -19.02 6.04 35.66
N GLN D 149 -19.52 5.02 36.37
CA GLN D 149 -18.69 4.10 37.15
C GLN D 149 -18.73 2.68 36.63
N LYS D 150 -17.57 2.02 36.62
CA LYS D 150 -17.49 0.64 36.15
C LYS D 150 -18.03 -0.36 37.19
N GLU D 151 -18.72 -1.40 36.73
CA GLU D 151 -18.96 -2.59 37.58
C GLU D 151 -18.34 -3.79 36.90
N GLU D 152 -17.55 -4.56 37.65
CA GLU D 152 -16.93 -5.75 37.08
C GLU D 152 -18.00 -6.70 36.60
N ALA D 153 -17.85 -7.22 35.38
CA ALA D 153 -18.85 -8.11 34.79
C ALA D 153 -18.50 -9.60 34.85
N TYR D 154 -17.20 -9.91 34.91
CA TYR D 154 -16.71 -11.29 34.92
C TYR D 154 -15.68 -11.52 36.02
N LYS D 155 -15.60 -12.77 36.48
CA LYS D 155 -14.58 -13.16 37.46
C LYS D 155 -13.95 -14.49 37.01
N LYS D 156 -12.63 -14.59 37.06
CA LYS D 156 -11.92 -15.83 36.75
C LYS D 156 -11.72 -16.63 38.02
N ILE D 157 -12.19 -17.88 37.99
CA ILE D 157 -12.00 -18.79 39.13
C ILE D 157 -11.49 -20.14 38.59
N ASP D 158 -10.31 -20.52 39.06
CA ASP D 158 -9.62 -21.74 38.63
C ASP D 158 -9.69 -21.98 37.12
N GLY D 159 -9.18 -21.00 36.37
CA GLY D 159 -9.08 -21.10 34.92
C GLY D 159 -10.39 -20.96 34.17
N LYS D 160 -11.46 -20.65 34.90
CA LYS D 160 -12.78 -20.52 34.30
C LYS D 160 -13.32 -19.10 34.51
N THR D 161 -13.80 -18.48 33.44
CA THR D 161 -14.43 -17.15 33.52
C THR D 161 -15.94 -17.28 33.73
N TYR D 162 -16.45 -16.68 34.80
CA TYR D 162 -17.90 -16.68 35.05
C TYR D 162 -18.43 -15.26 34.97
N GLN D 163 -19.68 -15.11 34.53
CA GLN D 163 -20.38 -13.83 34.61
C GLN D 163 -20.77 -13.60 36.07
N ILE D 164 -20.58 -12.36 36.51
CA ILE D 164 -20.87 -11.94 37.88
C ILE D 164 -22.34 -11.56 37.98
N LEU D 165 -22.94 -11.81 39.15
CA LEU D 165 -24.22 -11.26 39.51
C LEU D 165 -24.08 -10.47 40.80
N TYR D 166 -24.77 -9.34 40.84
CA TYR D 166 -24.84 -8.52 42.05
C TYR D 166 -26.19 -8.73 42.70
N ARG D 167 -26.17 -8.71 44.03
CA ARG D 167 -27.36 -8.91 44.83
C ARG D 167 -27.66 -7.66 45.64
N GLU D 168 -28.91 -7.21 45.60
CA GLU D 168 -29.34 -6.05 46.37
C GLU D 168 -28.93 -6.22 47.84
N GLY D 169 -28.26 -5.21 48.38
CA GLY D 169 -27.84 -5.21 49.79
C GLY D 169 -26.47 -5.79 50.09
N GLU D 170 -25.83 -6.37 49.06
CA GLU D 170 -24.56 -7.06 49.26
C GLU D 170 -23.52 -6.50 48.31
N LYS D 171 -22.27 -6.40 48.78
CA LYS D 171 -21.17 -5.83 48.00
C LYS D 171 -20.53 -6.84 47.04
N GLY D 172 -20.49 -8.10 47.46
CA GLY D 172 -19.70 -9.12 46.80
C GLY D 172 -20.24 -9.61 45.48
N ALA D 173 -19.37 -10.25 44.70
CA ALA D 173 -19.73 -10.76 43.39
C ALA D 173 -20.17 -12.21 43.48
N TYR D 174 -21.45 -12.46 43.19
CA TYR D 174 -21.94 -13.81 42.95
C TYR D 174 -21.53 -14.22 41.54
N THR D 175 -21.52 -15.51 41.26
CA THR D 175 -21.14 -16.00 39.94
C THR D 175 -22.14 -17.02 39.39
N ILE D 176 -22.23 -17.09 38.06
CA ILE D 176 -23.08 -18.04 37.35
C ILE D 176 -22.16 -19.13 36.85
N ARG D 177 -22.29 -20.34 37.39
CA ARG D 177 -21.37 -21.42 37.04
C ARG D 177 -22.03 -22.53 36.21
N GLU D 178 -21.53 -23.76 36.36
N GLU D 178 -21.54 -23.76 36.41
CA GLU D 178 -22.04 -24.88 35.56
CA GLU D 178 -22.08 -24.96 35.74
C GLU D 178 -23.54 -25.07 35.82
C GLU D 178 -23.61 -24.99 35.84
N ASN D 179 -24.26 -25.37 34.74
CA ASN D 179 -25.73 -25.52 34.71
C ASN D 179 -26.54 -24.25 34.95
N GLY D 180 -25.84 -23.11 35.06
CA GLY D 180 -26.47 -21.84 35.39
C GLY D 180 -26.61 -21.64 36.89
N THR D 181 -26.10 -22.57 37.68
CA THR D 181 -26.23 -22.49 39.14
C THR D 181 -25.48 -21.27 39.64
N VAL D 182 -26.15 -20.50 40.48
CA VAL D 182 -25.58 -19.27 41.04
C VAL D 182 -24.80 -19.60 42.32
N TYR D 183 -23.55 -19.11 42.38
CA TYR D 183 -22.66 -19.36 43.51
C TYR D 183 -22.43 -18.08 44.32
N THR D 184 -22.29 -18.21 45.65
CA THR D 184 -22.04 -17.08 46.53
C THR D 184 -20.67 -16.44 46.25
N PRO D 185 -20.45 -15.21 46.72
CA PRO D 185 -19.11 -14.60 46.64
C PRO D 185 -18.03 -15.52 47.21
N ASP D 186 -18.37 -16.22 48.29
CA ASP D 186 -17.46 -17.14 48.98
C ASP D 186 -17.31 -18.52 48.32
N GLY D 187 -18.06 -18.79 47.26
CA GLY D 187 -17.87 -20.03 46.48
C GLY D 187 -18.79 -21.20 46.75
N LYS D 188 -19.91 -20.95 47.45
CA LYS D 188 -20.90 -22.01 47.72
C LYS D 188 -22.09 -21.94 46.77
N ALA D 189 -22.54 -23.11 46.32
CA ALA D 189 -23.73 -23.20 45.48
C ALA D 189 -24.96 -22.67 46.22
N THR D 190 -25.90 -22.09 45.49
CA THR D 190 -27.15 -21.58 46.06
C THR D 190 -28.35 -22.29 45.43
N ASP D 191 -29.55 -21.97 45.91
CA ASP D 191 -30.81 -22.50 45.36
C ASP D 191 -31.21 -21.80 44.07
N TYR D 192 -30.50 -20.74 43.73
CA TYR D 192 -30.81 -19.92 42.54
C TYR D 192 -30.05 -20.40 41.31
N ARG D 193 -30.67 -20.21 40.15
CA ARG D 193 -30.07 -20.59 38.88
C ARG D 193 -30.54 -19.66 37.79
N VAL D 194 -29.73 -19.55 36.75
CA VAL D 194 -30.00 -18.71 35.60
C VAL D 194 -30.28 -19.57 34.39
N VAL D 195 -31.22 -19.13 33.54
CA VAL D 195 -31.42 -19.76 32.26
C VAL D 195 -30.22 -19.39 31.36
N VAL D 196 -29.34 -20.37 31.19
CA VAL D 196 -28.13 -20.20 30.39
C VAL D 196 -28.24 -20.97 29.07
N ASP D 197 -29.26 -21.82 28.99
CA ASP D 197 -29.59 -22.51 27.75
C ASP D 197 -31.07 -22.26 27.41
N PRO D 198 -31.40 -21.02 26.96
CA PRO D 198 -32.76 -20.58 26.71
C PRO D 198 -33.47 -21.45 25.65
N VAL D 199 -34.77 -21.63 25.80
CA VAL D 199 -35.54 -22.56 24.96
C VAL D 199 -36.72 -21.91 24.26
N LYS D 200 -37.17 -20.77 24.76
CA LYS D 200 -38.38 -20.12 24.24
C LYS D 200 -38.12 -19.45 22.88
N PRO D 201 -39.20 -19.19 22.10
CA PRO D 201 -39.04 -18.49 20.81
C PRO D 201 -38.31 -17.15 20.97
N ALA D 202 -37.36 -16.89 20.07
CA ALA D 202 -36.50 -15.69 20.12
C ALA D 202 -35.56 -15.64 21.34
N TYR D 203 -35.49 -16.77 22.05
CA TYR D 203 -34.66 -16.94 23.27
C TYR D 203 -35.02 -15.90 24.33
N SER D 204 -36.31 -15.59 24.39
CA SER D 204 -36.84 -14.57 25.24
C SER D 204 -36.74 -14.96 26.73
N ASP D 205 -36.34 -16.20 26.99
CA ASP D 205 -36.14 -16.68 28.35
C ASP D 205 -34.70 -16.50 28.85
N LYS D 206 -33.80 -16.06 27.97
CA LYS D 206 -32.40 -15.91 28.37
C LYS D 206 -32.29 -15.01 29.60
N GLY D 207 -31.56 -15.48 30.61
CA GLY D 207 -31.27 -14.70 31.80
C GLY D 207 -32.34 -14.81 32.86
N ASP D 208 -33.40 -15.56 32.57
CA ASP D 208 -34.43 -15.78 33.59
C ASP D 208 -33.80 -16.38 34.82
N LEU D 209 -34.23 -15.88 35.98
CA LEU D 209 -33.69 -16.28 37.27
C LEU D 209 -34.71 -17.15 37.98
N TYR D 210 -34.31 -18.39 38.30
CA TYR D 210 -35.15 -19.34 39.06
C TYR D 210 -34.56 -19.59 40.43
N LYS D 211 -35.44 -19.86 41.39
CA LYS D 211 -35.04 -20.53 42.62
C LYS D 211 -35.87 -21.81 42.63
N GLY D 212 -35.18 -22.94 42.45
CA GLY D 212 -35.86 -24.22 42.22
C GLY D 212 -36.55 -24.19 40.88
N ASP D 213 -37.87 -24.39 40.87
CA ASP D 213 -38.65 -24.32 39.63
C ASP D 213 -39.56 -23.08 39.59
N GLN D 214 -39.36 -22.16 40.51
CA GLN D 214 -40.10 -20.91 40.52
C GLN D 214 -39.35 -19.82 39.75
N LEU D 215 -39.95 -19.36 38.67
CA LEU D 215 -39.43 -18.20 37.95
C LEU D 215 -39.55 -16.98 38.84
N LEU D 216 -38.43 -16.30 39.09
CA LEU D 216 -38.45 -15.14 39.99
C LEU D 216 -38.28 -13.79 39.29
N GLY D 217 -37.52 -13.77 38.20
CA GLY D 217 -37.28 -12.52 37.48
C GLY D 217 -36.24 -12.74 36.41
N ASN D 218 -35.40 -11.71 36.17
CA ASN D 218 -34.41 -11.77 35.10
C ASN D 218 -33.18 -10.93 35.43
N ILE D 219 -32.01 -11.51 35.13
CA ILE D 219 -30.72 -10.90 35.50
C ILE D 219 -30.42 -9.64 34.68
N TYR D 220 -31.17 -9.45 33.60
CA TYR D 220 -31.04 -8.27 32.76
C TYR D 220 -31.98 -7.12 33.19
N PHE D 221 -32.83 -7.38 34.17
CA PHE D 221 -33.75 -6.35 34.67
C PHE D 221 -33.00 -5.50 35.70
N THR D 222 -33.25 -4.20 35.67
CA THR D 222 -32.49 -3.24 36.49
C THR D 222 -33.40 -2.39 37.41
N THR D 223 -34.71 -2.40 37.16
CA THR D 223 -35.68 -1.65 37.97
C THR D 223 -36.85 -2.53 38.45
N ASN D 224 -37.40 -2.20 39.61
CA ASN D 224 -38.55 -2.92 40.18
C ASN D 224 -38.38 -4.45 40.12
N LYS D 225 -37.19 -4.91 40.47
CA LYS D 225 -36.81 -6.32 40.31
C LYS D 225 -37.61 -7.21 41.24
N THR D 226 -37.95 -8.39 40.75
CA THR D 226 -38.66 -9.40 41.57
C THR D 226 -37.71 -10.55 41.92
N SER D 227 -36.50 -10.51 41.38
CA SER D 227 -35.43 -11.41 41.80
C SER D 227 -34.28 -10.63 42.47
N PRO D 228 -33.46 -11.33 43.27
CA PRO D 228 -32.35 -10.71 43.98
C PRO D 228 -31.11 -10.31 43.15
N PHE D 229 -31.04 -10.72 41.89
CA PHE D 229 -29.77 -10.69 41.16
C PHE D 229 -29.80 -9.97 39.83
N ARG D 230 -28.69 -9.32 39.50
CA ARG D 230 -28.54 -8.65 38.21
C ARG D 230 -27.08 -8.72 37.74
N ILE D 231 -26.89 -8.65 36.44
CA ILE D 231 -25.55 -8.61 35.88
C ILE D 231 -25.03 -7.20 36.05
N ALA D 232 -23.72 -7.03 35.81
CA ALA D 232 -23.08 -5.73 35.81
C ALA D 232 -23.75 -4.81 34.78
N LYS D 233 -23.92 -3.56 35.16
CA LYS D 233 -24.38 -2.56 34.25
C LYS D 233 -23.21 -2.19 33.36
N ASP D 234 -23.27 -2.65 32.11
CA ASP D 234 -22.20 -2.44 31.15
C ASP D 234 -22.74 -2.71 29.75
N SER D 235 -21.84 -2.58 28.77
CA SER D 235 -22.11 -2.81 27.37
C SER D 235 -21.52 -4.18 27.02
N TYR D 236 -22.31 -4.98 26.32
CA TYR D 236 -21.92 -6.35 26.00
C TYR D 236 -21.99 -6.61 24.50
N LEU D 237 -21.32 -7.69 24.07
CA LEU D 237 -21.32 -8.13 22.70
C LEU D 237 -21.78 -9.57 22.67
N TRP D 238 -22.84 -9.81 21.92
CA TRP D 238 -23.42 -11.16 21.78
C TRP D 238 -23.24 -11.65 20.36
N MET D 239 -23.33 -12.96 20.19
CA MET D 239 -23.27 -13.56 18.87
C MET D 239 -24.26 -14.72 18.77
N SER D 240 -24.94 -14.80 17.63
CA SER D 240 -25.76 -15.96 17.27
C SER D 240 -25.35 -16.44 15.89
N TYR D 241 -25.54 -17.73 15.62
CA TYR D 241 -25.14 -18.27 14.32
C TYR D 241 -26.20 -19.19 13.71
N SER D 242 -26.13 -19.35 12.39
N SER D 242 -26.12 -19.34 12.39
CA SER D 242 -27.05 -20.23 11.66
CA SER D 242 -27.02 -20.21 11.63
C SER D 242 -26.29 -21.15 10.71
C SER D 242 -26.20 -21.18 10.79
N ASP D 243 -26.65 -22.43 10.75
CA ASP D 243 -26.05 -23.46 9.92
C ASP D 243 -27.04 -23.98 8.87
N ASP D 244 -28.07 -23.18 8.56
CA ASP D 244 -29.08 -23.55 7.56
C ASP D 244 -29.55 -22.37 6.70
N ASP D 245 -28.60 -21.52 6.30
CA ASP D 245 -28.89 -20.42 5.36
C ASP D 245 -29.85 -19.38 5.97
N GLY D 246 -29.87 -19.28 7.30
CA GLY D 246 -30.57 -18.21 8.00
C GLY D 246 -31.95 -18.54 8.53
N LYS D 247 -32.37 -19.79 8.37
CA LYS D 247 -33.73 -20.20 8.76
C LYS D 247 -33.87 -20.32 10.27
N THR D 248 -32.85 -20.88 10.93
CA THR D 248 -32.84 -20.98 12.39
C THR D 248 -31.49 -20.49 12.94
N TRP D 249 -31.51 -20.06 14.19
CA TRP D 249 -30.35 -19.44 14.84
C TRP D 249 -30.10 -20.06 16.21
N SER D 250 -28.84 -20.23 16.58
CA SER D 250 -28.45 -20.67 17.92
C SER D 250 -28.93 -19.70 19.00
N ALA D 251 -28.84 -20.12 20.25
CA ALA D 251 -29.01 -19.23 21.41
C ALA D 251 -27.81 -18.31 21.48
N PRO D 252 -28.01 -17.06 21.95
CA PRO D 252 -26.91 -16.07 21.90
C PRO D 252 -25.71 -16.47 22.75
N GLN D 253 -24.52 -16.25 22.19
CA GLN D 253 -23.26 -16.46 22.87
C GLN D 253 -22.71 -15.10 23.32
N ASP D 254 -22.32 -15.00 24.58
CA ASP D 254 -21.73 -13.76 25.11
C ASP D 254 -20.24 -13.74 24.81
N ILE D 255 -19.87 -12.96 23.80
CA ILE D 255 -18.48 -12.94 23.38
C ILE D 255 -17.63 -11.84 24.07
N THR D 256 -18.28 -11.02 24.89
CA THR D 256 -17.65 -9.86 25.53
C THR D 256 -16.32 -10.18 26.23
N PRO D 257 -16.31 -11.20 27.12
CA PRO D 257 -15.10 -11.46 27.90
C PRO D 257 -13.84 -11.79 27.05
N MET D 258 -14.04 -12.23 25.81
CA MET D 258 -12.92 -12.51 24.90
C MET D 258 -12.29 -11.27 24.30
N VAL D 259 -13.02 -10.16 24.26
CA VAL D 259 -12.59 -9.02 23.44
C VAL D 259 -12.61 -7.66 24.16
N LYS D 260 -13.31 -7.57 25.29
CA LYS D 260 -13.44 -6.28 26.00
C LYS D 260 -12.38 -6.09 27.07
N ALA D 261 -11.55 -5.07 26.91
CA ALA D 261 -10.50 -4.79 27.88
C ALA D 261 -11.13 -4.12 29.09
N ASP D 262 -10.43 -4.17 30.22
CA ASP D 262 -10.95 -3.62 31.49
C ASP D 262 -11.21 -2.10 31.42
N TRP D 263 -10.48 -1.39 30.54
CA TRP D 263 -10.68 0.04 30.38
C TRP D 263 -11.89 0.46 29.52
N MET D 264 -12.35 -0.46 28.66
CA MET D 264 -13.38 -0.09 27.67
C MET D 264 -14.70 0.23 28.35
N LYS D 265 -15.31 1.33 27.94
CA LYS D 265 -16.66 1.66 28.40
C LYS D 265 -17.67 0.97 27.48
N PHE D 266 -18.05 1.66 26.41
CA PHE D 266 -18.77 1.02 25.30
C PHE D 266 -17.83 0.20 24.43
N LEU D 267 -18.32 -0.97 24.02
CA LEU D 267 -17.73 -1.77 22.95
C LEU D 267 -18.91 -2.27 22.12
N GLY D 268 -18.98 -1.89 20.85
CA GLY D 268 -20.14 -2.22 20.05
C GLY D 268 -19.77 -2.37 18.60
N VAL D 269 -20.62 -3.06 17.84
CA VAL D 269 -20.34 -3.30 16.43
C VAL D 269 -20.52 -2.07 15.55
N GLY D 270 -19.79 -2.07 14.43
CA GLY D 270 -20.04 -1.15 13.33
C GLY D 270 -20.95 -1.92 12.39
N PRO D 271 -22.27 -1.62 12.45
CA PRO D 271 -23.29 -2.44 11.78
C PRO D 271 -23.13 -2.56 10.27
N GLY D 272 -23.61 -3.67 9.72
CA GLY D 272 -23.44 -4.00 8.30
C GLY D 272 -22.96 -5.42 8.08
N THR D 273 -22.03 -5.59 7.17
CA THR D 273 -21.60 -6.94 6.82
C THR D 273 -20.09 -7.08 6.97
N GLY D 274 -19.68 -8.01 7.83
CA GLY D 274 -18.27 -8.36 8.01
C GLY D 274 -17.69 -8.99 6.77
N ILE D 275 -16.38 -9.31 6.83
CA ILE D 275 -15.69 -10.02 5.75
C ILE D 275 -14.88 -11.19 6.26
N VAL D 276 -14.50 -12.06 5.34
CA VAL D 276 -13.54 -13.10 5.62
C VAL D 276 -12.38 -12.84 4.67
N LEU D 277 -11.16 -12.87 5.20
CA LEU D 277 -9.99 -12.59 4.38
C LEU D 277 -9.79 -13.73 3.38
N ARG D 278 -9.56 -13.38 2.13
CA ARG D 278 -9.47 -14.37 1.06
C ARG D 278 -8.02 -14.61 0.59
N ASN D 279 -7.09 -13.75 1.01
CA ASN D 279 -5.68 -13.90 0.65
C ASN D 279 -4.71 -13.58 1.79
N GLY D 280 -3.44 -13.91 1.58
CA GLY D 280 -2.37 -13.55 2.51
C GLY D 280 -2.24 -14.54 3.66
N PRO D 281 -1.35 -14.23 4.60
CA PRO D 281 -1.02 -15.13 5.71
C PRO D 281 -2.20 -15.38 6.64
N HIS D 282 -3.16 -14.47 6.64
CA HIS D 282 -4.32 -14.56 7.55
C HIS D 282 -5.61 -14.95 6.86
N LYS D 283 -5.50 -15.52 5.66
CA LYS D 283 -6.66 -16.00 4.91
C LYS D 283 -7.56 -16.86 5.79
N GLY D 284 -8.86 -16.64 5.69
CA GLY D 284 -9.86 -17.36 6.50
C GLY D 284 -10.31 -16.59 7.74
N ARG D 285 -9.57 -15.54 8.07
CA ARG D 285 -9.89 -14.69 9.24
C ARG D 285 -11.17 -13.92 9.04
N ILE D 286 -12.08 -14.03 10.00
CA ILE D 286 -13.32 -13.30 9.99
C ILE D 286 -13.06 -11.94 10.64
N LEU D 287 -13.45 -10.87 9.96
CA LEU D 287 -13.29 -9.50 10.47
C LEU D 287 -14.63 -8.83 10.79
N ILE D 288 -14.79 -8.40 12.05
CA ILE D 288 -15.99 -7.67 12.47
C ILE D 288 -15.63 -6.26 12.97
N PRO D 289 -16.12 -5.20 12.28
CA PRO D 289 -15.92 -3.83 12.73
C PRO D 289 -16.63 -3.62 14.06
N VAL D 290 -15.91 -2.97 14.97
CA VAL D 290 -16.44 -2.60 16.29
C VAL D 290 -15.90 -1.19 16.60
N TYR D 291 -16.43 -0.55 17.64
CA TYR D 291 -15.82 0.67 18.14
C TYR D 291 -16.04 0.79 19.64
N THR D 292 -15.15 1.52 20.30
CA THR D 292 -15.21 1.62 21.76
C THR D 292 -15.27 3.06 22.20
N THR D 293 -15.64 3.26 23.46
CA THR D 293 -15.39 4.51 24.13
C THR D 293 -14.57 4.19 25.38
N ASN D 294 -13.97 5.24 25.95
CA ASN D 294 -13.25 5.13 27.19
C ASN D 294 -13.97 5.96 28.29
N ASN D 295 -13.52 5.82 29.53
CA ASN D 295 -14.06 6.53 30.69
C ASN D 295 -13.58 7.97 30.83
N VAL D 296 -12.60 8.37 30.01
CA VAL D 296 -12.09 9.75 30.07
C VAL D 296 -13.03 10.73 29.37
N SER D 297 -13.40 10.42 28.12
CA SER D 297 -14.27 11.32 27.38
C SER D 297 -15.50 10.66 26.79
N HIS D 298 -15.59 9.32 26.87
CA HIS D 298 -16.78 8.57 26.40
C HIS D 298 -17.23 9.02 24.99
N LEU D 299 -18.51 9.30 24.79
CA LEU D 299 -19.03 9.70 23.48
C LEU D 299 -18.66 11.11 23.01
N ASP D 300 -17.92 11.86 23.84
CA ASP D 300 -17.57 13.25 23.49
C ASP D 300 -16.20 13.38 22.80
N GLY D 301 -15.30 12.43 23.04
CA GLY D 301 -13.94 12.51 22.49
C GLY D 301 -13.17 11.21 22.35
N SER D 302 -13.85 10.07 22.42
CA SER D 302 -13.12 8.81 22.46
C SER D 302 -13.57 7.68 21.55
N GLN D 303 -14.66 7.87 20.82
CA GLN D 303 -15.11 6.79 19.94
C GLN D 303 -13.99 6.41 18.98
N SER D 304 -13.65 5.13 18.92
CA SER D 304 -12.46 4.67 18.21
C SER D 304 -12.76 3.34 17.52
N SER D 305 -12.58 3.31 16.20
N SER D 305 -12.58 3.31 16.19
CA SER D 305 -12.83 2.09 15.43
CA SER D 305 -12.80 2.09 15.41
C SER D 305 -11.70 1.06 15.57
C SER D 305 -11.69 1.06 15.61
N ARG D 306 -12.08 -0.21 15.43
CA ARG D 306 -11.14 -1.33 15.34
C ARG D 306 -11.90 -2.51 14.78
N VAL D 307 -11.25 -3.66 14.70
CA VAL D 307 -11.97 -4.89 14.40
C VAL D 307 -11.77 -5.92 15.50
N ILE D 308 -12.74 -6.83 15.62
CA ILE D 308 -12.51 -8.07 16.33
C ILE D 308 -12.39 -9.14 15.25
N TYR D 309 -11.69 -10.23 15.54
CA TYR D 309 -11.43 -11.25 14.54
C TYR D 309 -11.47 -12.68 15.12
N SER D 310 -11.73 -13.65 14.25
CA SER D 310 -11.67 -15.06 14.61
C SER D 310 -10.90 -15.79 13.50
N ASP D 311 -9.94 -16.63 13.90
CA ASP D 311 -9.09 -17.40 12.99
C ASP D 311 -9.47 -18.87 13.07
N ASP D 312 -10.43 -19.19 13.93
CA ASP D 312 -10.89 -20.58 14.09
C ASP D 312 -12.38 -20.75 13.79
N HIS D 313 -12.82 -20.13 12.69
CA HIS D 313 -14.19 -20.23 12.19
C HIS D 313 -15.27 -19.77 13.19
N GLY D 314 -14.97 -18.71 13.92
CA GLY D 314 -15.93 -18.10 14.84
C GLY D 314 -16.05 -18.70 16.22
N LYS D 315 -15.14 -19.61 16.57
CA LYS D 315 -15.13 -20.23 17.90
C LYS D 315 -14.66 -19.29 19.00
N THR D 316 -13.49 -18.68 18.79
CA THR D 316 -12.96 -17.70 19.73
C THR D 316 -12.68 -16.38 18.99
N TRP D 317 -12.66 -15.28 19.75
CA TRP D 317 -12.58 -13.97 19.15
C TRP D 317 -11.46 -13.17 19.85
N HIS D 318 -10.84 -12.28 19.09
CA HIS D 318 -9.75 -11.45 19.59
C HIS D 318 -9.97 -10.00 19.14
N ALA D 319 -9.49 -9.05 19.94
CA ALA D 319 -9.57 -7.64 19.59
C ALA D 319 -8.28 -7.26 18.89
N GLY D 320 -8.41 -6.66 17.71
CA GLY D 320 -7.29 -5.95 17.10
C GLY D 320 -7.06 -4.63 17.84
N GLU D 321 -5.95 -3.96 17.53
CA GLU D 321 -5.67 -2.62 18.09
C GLU D 321 -6.61 -1.59 17.47
N ALA D 322 -6.87 -0.50 18.19
CA ALA D 322 -7.65 0.56 17.59
C ALA D 322 -6.80 1.29 16.56
N VAL D 323 -7.46 1.85 15.53
CA VAL D 323 -6.83 2.79 14.61
C VAL D 323 -6.17 3.93 15.39
N ASN D 324 -6.82 4.38 16.47
CA ASN D 324 -6.30 5.48 17.30
C ASN D 324 -5.19 5.16 18.31
N ASP D 325 -4.80 3.87 18.45
CA ASP D 325 -3.75 3.48 19.40
C ASP D 325 -2.36 3.90 18.90
N ASN D 326 -1.66 4.71 19.68
CA ASN D 326 -0.36 5.29 19.25
C ASN D 326 -0.47 6.05 17.92
N ARG D 327 -1.60 6.71 17.73
CA ARG D 327 -1.84 7.53 16.54
C ARG D 327 -1.30 8.94 16.76
N GLN D 328 -0.73 9.54 15.72
CA GLN D 328 -0.19 10.88 15.85
C GLN D 328 -1.26 11.89 15.45
N VAL D 329 -1.67 12.72 16.40
CA VAL D 329 -2.70 13.74 16.16
C VAL D 329 -2.19 15.08 16.67
N ASP D 330 -1.89 15.99 15.74
CA ASP D 330 -1.38 17.34 16.06
C ASP D 330 -0.07 17.28 16.86
N GLY D 331 0.93 16.62 16.28
CA GLY D 331 2.23 16.41 16.93
C GLY D 331 2.18 15.79 18.32
N GLN D 332 1.18 14.96 18.59
CA GLN D 332 0.97 14.39 19.93
C GLN D 332 0.29 13.01 19.83
N LYS D 333 0.86 12.01 20.48
CA LYS D 333 0.37 10.62 20.35
C LYS D 333 -0.85 10.43 21.24
N ILE D 334 -1.86 9.71 20.73
CA ILE D 334 -3.04 9.39 21.56
C ILE D 334 -3.16 7.89 21.70
N HIS D 335 -4.07 7.47 22.59
CA HIS D 335 -4.47 6.06 22.70
C HIS D 335 -5.99 6.02 22.84
N SER D 336 -6.63 4.99 22.30
CA SER D 336 -8.11 4.86 22.42
C SER D 336 -8.61 4.79 23.87
N SER D 337 -7.73 4.41 24.79
CA SER D 337 -8.15 4.24 26.20
C SER D 337 -8.10 5.56 26.97
N THR D 338 -7.43 6.55 26.38
CA THR D 338 -7.15 7.79 27.09
C THR D 338 -7.45 9.06 26.30
N MET D 339 -7.74 8.91 25.01
CA MET D 339 -7.98 10.10 24.18
C MET D 339 -9.21 10.92 24.59
N ASN D 340 -9.13 12.23 24.29
CA ASN D 340 -10.26 13.13 24.41
C ASN D 340 -10.09 14.17 23.32
N ASN D 341 -10.59 13.82 22.15
CA ASN D 341 -10.41 14.60 20.92
C ASN D 341 -11.55 14.25 19.99
N ARG D 342 -12.56 15.12 19.96
CA ARG D 342 -13.74 14.94 19.10
C ARG D 342 -13.41 14.64 17.63
N ARG D 343 -12.60 15.48 17.01
CA ARG D 343 -12.28 15.34 15.59
C ARG D 343 -11.43 14.12 15.24
N ALA D 344 -10.69 13.59 16.23
CA ALA D 344 -9.89 12.37 16.02
C ALA D 344 -10.69 11.07 16.24
N GLN D 345 -11.95 11.20 16.64
CA GLN D 345 -12.81 10.03 16.79
C GLN D 345 -13.00 9.32 15.45
N ASN D 346 -13.25 8.02 15.52
CA ASN D 346 -13.71 7.26 14.36
C ASN D 346 -14.62 6.18 14.92
N THR D 347 -15.71 5.87 14.24
CA THR D 347 -16.80 5.18 14.94
C THR D 347 -17.15 3.89 14.22
N GLU D 348 -18.40 3.78 13.76
CA GLU D 348 -18.80 2.64 12.96
C GLU D 348 -17.98 2.65 11.70
N SER D 349 -17.64 1.47 11.21
CA SER D 349 -16.75 1.42 10.06
C SER D 349 -17.13 0.25 9.17
N THR D 350 -16.60 0.24 7.95
CA THR D 350 -16.81 -0.86 7.05
C THR D 350 -15.45 -1.37 6.59
N VAL D 351 -15.32 -2.69 6.43
CA VAL D 351 -14.02 -3.31 6.26
C VAL D 351 -13.88 -4.06 4.91
N VAL D 352 -12.76 -3.83 4.22
CA VAL D 352 -12.48 -4.46 2.93
C VAL D 352 -11.02 -4.96 2.85
N GLN D 353 -10.82 -6.15 2.27
CA GLN D 353 -9.47 -6.61 1.96
C GLN D 353 -9.14 -6.49 0.47
N LEU D 354 -7.95 -5.98 0.19
CA LEU D 354 -7.46 -5.82 -1.17
C LEU D 354 -6.75 -7.11 -1.62
N ASN D 355 -6.54 -7.22 -2.92
CA ASN D 355 -5.81 -8.36 -3.48
C ASN D 355 -4.35 -8.47 -3.02
N ASN D 356 -3.74 -7.32 -2.74
CA ASN D 356 -2.38 -7.27 -2.21
C ASN D 356 -2.30 -7.68 -0.73
N GLY D 357 -3.44 -7.97 -0.12
CA GLY D 357 -3.48 -8.42 1.27
C GLY D 357 -3.78 -7.38 2.34
N ASP D 358 -3.76 -6.10 1.97
CA ASP D 358 -4.06 -5.00 2.89
C ASP D 358 -5.52 -4.96 3.25
N VAL D 359 -5.80 -4.54 4.49
CA VAL D 359 -7.16 -4.33 4.96
C VAL D 359 -7.41 -2.82 5.06
N LYS D 360 -8.50 -2.37 4.44
CA LYS D 360 -8.91 -0.98 4.50
C LYS D 360 -10.11 -0.85 5.42
N LEU D 361 -10.07 0.13 6.30
CA LEU D 361 -11.18 0.39 7.22
C LEU D 361 -11.75 1.78 6.96
N PHE D 362 -12.96 1.80 6.41
CA PHE D 362 -13.67 3.03 6.09
C PHE D 362 -14.51 3.43 7.31
N MET D 363 -14.15 4.56 7.90
CA MET D 363 -14.66 4.93 9.24
C MET D 363 -15.53 6.17 9.26
N ARG D 364 -16.70 6.06 9.89
CA ARG D 364 -17.56 7.22 10.15
C ARG D 364 -16.83 8.19 11.07
N GLY D 365 -16.91 9.48 10.76
CA GLY D 365 -16.14 10.45 11.51
C GLY D 365 -16.65 11.86 11.37
N LEU D 366 -15.86 12.80 11.87
CA LEU D 366 -16.32 14.17 12.02
C LEU D 366 -15.54 15.19 11.18
N THR D 367 -14.96 14.73 10.08
CA THR D 367 -14.14 15.61 9.24
C THR D 367 -14.92 16.12 8.03
N GLY D 368 -16.14 15.61 7.84
CA GLY D 368 -16.93 15.99 6.66
C GLY D 368 -16.61 15.22 5.39
N ASP D 369 -15.54 14.42 5.41
CA ASP D 369 -15.18 13.57 4.27
C ASP D 369 -14.76 12.16 4.68
N LEU D 370 -14.55 11.30 3.68
CA LEU D 370 -14.20 9.90 3.89
C LEU D 370 -12.84 9.68 4.57
N GLN D 371 -12.89 9.00 5.72
CA GLN D 371 -11.68 8.61 6.44
C GLN D 371 -11.39 7.12 6.32
N VAL D 372 -10.14 6.79 5.98
CA VAL D 372 -9.76 5.40 5.69
C VAL D 372 -8.48 5.02 6.37
N ALA D 373 -8.51 3.92 7.11
CA ALA D 373 -7.30 3.38 7.75
C ALA D 373 -6.84 2.11 7.07
N THR D 374 -5.54 1.88 7.08
CA THR D 374 -4.96 0.70 6.45
C THR D 374 -4.22 -0.21 7.44
N SER D 375 -4.53 -1.51 7.40
CA SER D 375 -3.79 -2.54 8.14
C SER D 375 -2.96 -3.46 7.21
N LYS D 376 -1.69 -3.68 7.57
CA LYS D 376 -0.79 -4.57 6.82
C LYS D 376 -0.71 -5.99 7.40
N ASP D 377 -1.34 -6.22 8.55
CA ASP D 377 -1.24 -7.53 9.22
C ASP D 377 -2.59 -8.16 9.53
N GLY D 378 -3.51 -8.06 8.57
CA GLY D 378 -4.81 -8.71 8.69
C GLY D 378 -5.72 -8.09 9.75
N GLY D 379 -5.60 -6.79 9.98
CA GLY D 379 -6.52 -6.05 10.85
C GLY D 379 -6.11 -5.86 12.31
N VAL D 380 -4.93 -6.36 12.67
CA VAL D 380 -4.43 -6.26 14.04
C VAL D 380 -3.88 -4.87 14.38
N THR D 381 -3.03 -4.33 13.53
CA THR D 381 -2.50 -2.99 13.75
C THR D 381 -2.79 -2.13 12.53
N TRP D 382 -2.72 -0.81 12.69
CA TRP D 382 -3.02 0.11 11.59
C TRP D 382 -1.87 1.04 11.30
N GLU D 383 -1.74 1.43 10.04
CA GLU D 383 -0.72 2.38 9.59
C GLU D 383 -0.88 3.72 10.27
N LYS D 384 0.22 4.48 10.32
CA LYS D 384 0.23 5.76 10.99
C LYS D 384 -0.76 6.79 10.43
N ASP D 385 -0.97 6.80 9.13
CA ASP D 385 -1.86 7.82 8.57
C ASP D 385 -3.27 7.33 8.31
N ILE D 386 -4.22 8.20 8.66
CA ILE D 386 -5.59 8.05 8.22
C ILE D 386 -5.72 8.92 6.98
N LYS D 387 -6.10 8.29 5.87
CA LYS D 387 -6.25 8.98 4.60
C LYS D 387 -7.63 9.64 4.54
N ARG D 388 -7.66 10.90 4.13
CA ARG D 388 -8.93 11.56 3.86
C ARG D 388 -9.14 11.75 2.36
N TYR D 389 -10.35 11.45 1.92
CA TYR D 389 -10.75 11.61 0.53
C TYR D 389 -11.87 12.65 0.43
N PRO D 390 -11.50 13.90 0.07
CA PRO D 390 -12.52 14.96 -0.02
C PRO D 390 -13.57 14.74 -1.12
N GLN D 391 -13.37 13.74 -1.97
CA GLN D 391 -14.31 13.46 -3.06
C GLN D 391 -15.46 12.51 -2.68
N VAL D 392 -15.41 11.96 -1.46
CA VAL D 392 -16.56 11.26 -0.90
C VAL D 392 -16.94 11.98 0.40
N LYS D 393 -18.13 12.59 0.40
CA LYS D 393 -18.65 13.27 1.57
C LYS D 393 -19.01 12.25 2.65
N ASP D 394 -18.86 12.62 3.92
CA ASP D 394 -19.35 11.82 5.06
C ASP D 394 -20.01 12.78 6.04
N VAL D 395 -21.32 12.62 6.23
CA VAL D 395 -22.07 13.58 7.05
C VAL D 395 -22.25 13.10 8.48
N TYR D 396 -21.40 12.14 8.85
CA TYR D 396 -21.44 11.50 10.17
C TYR D 396 -22.62 10.52 10.24
N VAL D 397 -22.45 9.43 9.52
CA VAL D 397 -23.43 8.37 9.36
C VAL D 397 -22.71 7.12 8.87
N GLN D 398 -23.27 5.95 9.20
CA GLN D 398 -22.75 4.65 8.78
C GLN D 398 -22.65 4.59 7.25
N MET D 399 -21.76 3.71 6.78
CA MET D 399 -21.57 3.47 5.34
C MET D 399 -21.28 1.98 5.13
N SER D 400 -21.28 1.53 3.88
CA SER D 400 -20.80 0.18 3.58
C SER D 400 -19.93 0.17 2.35
N ALA D 401 -19.04 -0.81 2.27
CA ALA D 401 -18.10 -0.93 1.16
C ALA D 401 -17.78 -2.38 0.94
N ILE D 402 -17.60 -2.74 -0.32
CA ILE D 402 -17.25 -4.10 -0.67
C ILE D 402 -16.17 -4.12 -1.75
N HIS D 403 -15.41 -5.21 -1.76
CA HIS D 403 -14.46 -5.48 -2.81
C HIS D 403 -15.17 -6.03 -4.04
N THR D 404 -14.75 -5.59 -5.22
CA THR D 404 -15.27 -6.13 -6.47
C THR D 404 -14.21 -6.18 -7.58
N MET D 405 -14.31 -7.24 -8.40
CA MET D 405 -13.49 -7.37 -9.59
C MET D 405 -14.40 -7.26 -10.81
N HIS D 406 -14.06 -6.34 -11.70
CA HIS D 406 -14.76 -6.19 -12.98
C HIS D 406 -13.76 -6.21 -14.14
N GLU D 407 -13.85 -7.24 -14.97
CA GLU D 407 -12.95 -7.46 -16.11
C GLU D 407 -11.48 -7.46 -15.72
N GLY D 408 -11.16 -8.26 -14.70
CA GLY D 408 -9.79 -8.40 -14.20
C GLY D 408 -9.19 -7.15 -13.57
N LYS D 409 -10.04 -6.17 -13.28
CA LYS D 409 -9.62 -4.96 -12.57
C LYS D 409 -10.25 -4.86 -11.18
N GLU D 410 -9.47 -4.37 -10.22
CA GLU D 410 -9.88 -4.35 -8.83
C GLU D 410 -10.53 -3.02 -8.44
N TYR D 411 -11.68 -3.09 -7.77
CA TYR D 411 -12.44 -1.91 -7.40
C TYR D 411 -12.99 -1.99 -5.99
N ILE D 412 -13.38 -0.82 -5.48
CA ILE D 412 -14.21 -0.73 -4.28
C ILE D 412 -15.48 0.08 -4.56
N ILE D 413 -16.60 -0.49 -4.13
CA ILE D 413 -17.90 0.17 -4.14
C ILE D 413 -18.22 0.59 -2.69
N LEU D 414 -18.52 1.89 -2.51
CA LEU D 414 -18.89 2.46 -1.22
C LEU D 414 -20.21 3.22 -1.35
N SER D 415 -21.17 2.91 -0.48
CA SER D 415 -22.43 3.66 -0.44
C SER D 415 -22.61 4.42 0.87
N ASN D 416 -23.05 5.68 0.74
CA ASN D 416 -23.47 6.50 1.88
C ASN D 416 -24.31 7.70 1.43
N ALA D 417 -24.76 8.50 2.38
CA ALA D 417 -25.51 9.71 2.09
C ALA D 417 -24.61 10.80 1.50
N GLY D 418 -25.10 11.46 0.45
CA GLY D 418 -24.38 12.53 -0.20
C GLY D 418 -24.42 13.84 0.56
N GLY D 419 -25.47 14.04 1.36
CA GLY D 419 -25.59 15.26 2.17
C GLY D 419 -26.44 16.34 1.52
N PRO D 420 -26.55 17.52 2.17
CA PRO D 420 -25.86 17.99 3.39
C PRO D 420 -26.30 17.29 4.68
N LYS D 421 -27.50 16.74 4.70
CA LYS D 421 -28.01 15.99 5.83
C LYS D 421 -28.00 14.51 5.50
N ARG D 422 -28.68 13.70 6.29
CA ARG D 422 -28.82 12.27 5.98
C ARG D 422 -29.80 12.12 4.82
N GLU D 423 -29.28 12.36 3.62
CA GLU D 423 -30.08 12.40 2.40
C GLU D 423 -29.24 12.15 1.15
N ASN D 424 -29.92 11.86 0.04
CA ASN D 424 -29.28 11.63 -1.25
C ASN D 424 -28.26 10.51 -1.23
N GLY D 425 -28.75 9.27 -1.30
CA GLY D 425 -27.92 8.08 -1.30
C GLY D 425 -27.02 8.01 -2.51
N MET D 426 -25.73 7.78 -2.26
CA MET D 426 -24.72 7.76 -3.31
C MET D 426 -24.03 6.41 -3.30
N VAL D 427 -23.84 5.84 -4.49
CA VAL D 427 -22.98 4.67 -4.65
C VAL D 427 -21.71 5.10 -5.37
N HIS D 428 -20.59 5.01 -4.65
CA HIS D 428 -19.30 5.52 -5.13
C HIS D 428 -18.46 4.37 -5.67
N LEU D 429 -17.70 4.65 -6.73
CA LEU D 429 -16.79 3.67 -7.31
C LEU D 429 -15.35 4.17 -7.24
N ALA D 430 -14.46 3.31 -6.74
CA ALA D 430 -13.05 3.63 -6.67
C ALA D 430 -12.24 2.56 -7.37
N ARG D 431 -11.20 2.99 -8.08
CA ARG D 431 -10.24 2.03 -8.59
C ARG D 431 -9.17 1.85 -7.51
N VAL D 432 -8.91 0.61 -7.12
CA VAL D 432 -7.78 0.37 -6.22
C VAL D 432 -6.48 0.19 -7.00
N GLU D 433 -5.55 1.07 -6.68
CA GLU D 433 -4.22 1.07 -7.26
C GLU D 433 -3.39 0.00 -6.59
N GLU D 434 -2.28 -0.38 -7.24
CA GLU D 434 -1.43 -1.46 -6.75
C GLU D 434 -0.88 -1.24 -5.32
N ASN D 435 -0.76 0.04 -4.91
CA ASN D 435 -0.29 0.36 -3.58
C ASN D 435 -1.41 0.47 -2.53
N GLY D 436 -2.65 0.27 -2.97
CA GLY D 436 -3.79 0.32 -2.07
C GLY D 436 -4.49 1.66 -2.06
N GLU D 437 -3.82 2.69 -2.57
CA GLU D 437 -4.45 4.00 -2.75
C GLU D 437 -5.70 3.85 -3.61
N LEU D 438 -6.69 4.70 -3.35
CA LEU D 438 -7.98 4.62 -4.03
C LEU D 438 -8.18 5.82 -4.96
N THR D 439 -8.65 5.53 -6.17
CA THR D 439 -8.91 6.54 -7.18
C THR D 439 -10.40 6.64 -7.40
N TRP D 440 -11.01 7.70 -6.87
CA TRP D 440 -12.45 7.84 -6.95
C TRP D 440 -12.91 8.24 -8.35
N LEU D 441 -13.46 7.26 -9.06
CA LEU D 441 -13.83 7.40 -10.46
C LEU D 441 -15.19 8.07 -10.65
N LYS D 442 -16.25 7.47 -10.10
CA LYS D 442 -17.62 7.95 -10.27
C LYS D 442 -18.39 8.05 -8.93
N HIS D 443 -19.31 9.01 -8.85
CA HIS D 443 -20.20 9.18 -7.70
C HIS D 443 -21.64 9.23 -8.17
N ASN D 444 -22.40 8.17 -7.89
CA ASN D 444 -23.73 7.99 -8.47
C ASN D 444 -24.87 7.99 -7.46
N PRO D 445 -25.77 9.00 -7.54
CA PRO D 445 -26.98 9.05 -6.70
C PRO D 445 -27.87 7.83 -6.93
N ILE D 446 -28.39 7.27 -5.84
CA ILE D 446 -29.22 6.08 -5.91
C ILE D 446 -30.59 6.25 -5.22
N GLN D 447 -30.74 7.33 -4.45
CA GLN D 447 -31.98 7.58 -3.70
C GLN D 447 -32.09 9.03 -3.23
N LYS D 448 -33.07 9.74 -3.78
CA LYS D 448 -33.40 11.11 -3.37
C LYS D 448 -34.06 11.12 -1.99
N GLY D 449 -34.05 12.26 -1.32
CA GLY D 449 -34.66 12.38 0.00
C GLY D 449 -33.85 11.68 1.08
N GLU D 450 -34.49 11.35 2.20
CA GLU D 450 -33.83 10.70 3.33
C GLU D 450 -33.03 9.45 2.93
N PHE D 451 -31.80 9.36 3.43
CA PHE D 451 -30.94 8.21 3.22
C PHE D 451 -29.95 8.13 4.38
N ALA D 452 -29.99 7.03 5.13
CA ALA D 452 -29.06 6.86 6.24
C ALA D 452 -28.26 5.55 6.12
N TYR D 453 -28.45 4.59 7.03
CA TYR D 453 -27.60 3.40 7.04
C TYR D 453 -27.83 2.51 5.83
N ASN D 454 -26.81 1.75 5.45
CA ASN D 454 -26.91 0.92 4.27
C ASN D 454 -25.93 -0.25 4.27
N SER D 455 -26.26 -1.28 3.51
CA SER D 455 -25.39 -2.46 3.39
C SER D 455 -25.36 -3.00 1.95
N LEU D 456 -24.17 -3.05 1.36
CA LEU D 456 -23.97 -3.57 -0.02
C LEU D 456 -23.60 -5.05 -0.07
N GLN D 457 -23.97 -5.71 -1.17
CA GLN D 457 -23.45 -7.05 -1.50
C GLN D 457 -23.19 -7.20 -3.00
N GLU D 458 -22.26 -8.08 -3.34
CA GLU D 458 -22.00 -8.47 -4.73
C GLU D 458 -22.90 -9.66 -5.05
N LEU D 459 -23.71 -9.49 -6.10
CA LEU D 459 -24.70 -10.49 -6.46
C LEU D 459 -24.21 -11.50 -7.49
N GLY D 460 -23.24 -11.10 -8.30
CA GLY D 460 -22.73 -11.94 -9.37
C GLY D 460 -23.16 -11.39 -10.72
N ASN D 461 -22.42 -11.76 -11.76
CA ASN D 461 -22.67 -11.32 -13.12
C ASN D 461 -22.84 -9.81 -13.28
N GLY D 462 -21.88 -9.06 -12.74
CA GLY D 462 -21.81 -7.61 -12.89
C GLY D 462 -22.90 -6.81 -12.20
N GLU D 463 -23.65 -7.46 -11.30
CA GLU D 463 -24.75 -6.82 -10.57
C GLU D 463 -24.53 -6.84 -9.06
N TYR D 464 -25.17 -5.88 -8.38
CA TYR D 464 -24.98 -5.64 -6.95
C TYR D 464 -26.32 -5.31 -6.28
N GLY D 465 -26.39 -5.54 -4.97
CA GLY D 465 -27.56 -5.19 -4.18
C GLY D 465 -27.24 -4.21 -3.07
N ILE D 466 -28.22 -3.38 -2.72
CA ILE D 466 -28.10 -2.49 -1.57
C ILE D 466 -29.38 -2.45 -0.75
N LEU D 467 -29.23 -2.60 0.56
CA LEU D 467 -30.32 -2.45 1.51
C LEU D 467 -30.04 -1.21 2.33
N TYR D 468 -30.97 -0.26 2.34
CA TYR D 468 -30.74 1.04 2.94
C TYR D 468 -31.90 1.59 3.75
N GLU D 469 -31.61 2.63 4.53
CA GLU D 469 -32.58 3.33 5.34
C GLU D 469 -33.14 4.51 4.55
N HIS D 470 -34.45 4.56 4.38
CA HIS D 470 -35.13 5.66 3.67
C HIS D 470 -36.53 5.84 4.24
N THR D 471 -37.03 7.08 4.20
CA THR D 471 -38.45 7.33 4.48
C THR D 471 -39.06 8.22 3.41
N GLU D 472 -40.34 8.00 3.16
CA GLU D 472 -41.19 8.89 2.36
C GLU D 472 -42.62 8.71 2.82
N LYS D 473 -43.48 9.69 2.51
CA LYS D 473 -44.92 9.62 2.82
C LYS D 473 -45.24 9.47 4.33
N GLY D 474 -44.48 10.17 5.17
CA GLY D 474 -44.74 10.17 6.61
C GLY D 474 -44.22 8.98 7.40
N GLN D 475 -43.55 8.05 6.72
CA GLN D 475 -43.00 6.83 7.33
C GLN D 475 -42.06 7.13 8.49
N ASN D 476 -42.17 6.35 9.58
CA ASN D 476 -41.25 6.46 10.73
C ASN D 476 -39.82 6.08 10.35
N ALA D 477 -38.83 6.71 10.98
CA ALA D 477 -37.44 6.37 10.70
C ALA D 477 -37.10 4.99 11.26
N TYR D 478 -36.89 3.97 10.42
CA TYR D 478 -36.86 4.05 8.95
C TYR D 478 -37.64 2.90 8.32
N THR D 479 -37.92 3.01 7.02
CA THR D 479 -38.25 1.85 6.22
C THR D 479 -36.98 1.40 5.51
N LEU D 480 -36.70 0.09 5.55
CA LEU D 480 -35.51 -0.46 4.90
C LEU D 480 -35.88 -1.03 3.53
N SER D 481 -35.27 -0.47 2.49
CA SER D 481 -35.57 -0.81 1.09
C SER D 481 -34.37 -1.44 0.40
N PHE D 482 -34.64 -2.19 -0.67
CA PHE D 482 -33.62 -2.92 -1.42
C PHE D 482 -33.64 -2.57 -2.91
N ARG D 483 -32.47 -2.32 -3.48
CA ARG D 483 -32.31 -2.04 -4.92
C ARG D 483 -31.18 -2.86 -5.53
N LYS D 484 -31.34 -3.22 -6.80
CA LYS D 484 -30.28 -3.83 -7.59
C LYS D 484 -29.72 -2.82 -8.58
N PHE D 485 -28.42 -2.93 -8.85
CA PHE D 485 -27.76 -2.11 -9.86
C PHE D 485 -26.59 -2.88 -10.46
N ASN D 486 -26.21 -2.50 -11.68
CA ASN D 486 -25.18 -3.22 -12.41
C ASN D 486 -24.00 -2.31 -12.72
N TRP D 487 -22.99 -2.85 -13.40
CA TRP D 487 -21.80 -2.08 -13.69
C TRP D 487 -22.07 -0.81 -14.50
N GLU D 488 -23.01 -0.88 -15.44
CA GLU D 488 -23.37 0.26 -16.28
C GLU D 488 -23.91 1.45 -15.48
N PHE D 489 -24.60 1.16 -14.36
CA PHE D 489 -25.01 2.21 -13.43
C PHE D 489 -23.81 2.76 -12.66
N LEU D 490 -22.91 1.88 -12.23
CA LEU D 490 -21.69 2.26 -11.53
C LEU D 490 -20.73 3.04 -12.42
N SER D 491 -20.45 2.49 -13.59
CA SER D 491 -19.47 3.05 -14.52
C SER D 491 -19.89 4.40 -15.11
N LYS D 492 -21.20 4.62 -15.26
CA LYS D 492 -21.71 5.84 -15.87
C LYS D 492 -22.45 6.72 -14.86
C1 ZMR E . 1.26 8.71 -56.87
O1A ZMR E . 2.46 8.43 -56.95
O1B ZMR E . 0.51 8.88 -57.84
C2 ZMR E . 0.68 8.82 -55.46
C3 ZMR E . -0.67 9.08 -55.29
C4 ZMR E . -1.35 9.26 -53.91
C5 ZMR E . -0.29 9.34 -52.79
N5 ZMR E . -0.85 8.99 -51.46
C10 ZMR E . -0.57 9.76 -50.41
O10 ZMR E . 0.15 10.77 -50.47
C11 ZMR E . -1.17 9.30 -49.07
C6 ZMR E . 0.96 8.46 -53.09
O6 ZMR E . 1.56 8.67 -54.42
C7 ZMR E . 2.14 8.70 -52.12
O7 ZMR E . 2.44 10.11 -52.06
C8 ZMR E . 3.41 7.93 -52.51
O8 ZMR E . 3.18 6.50 -52.56
C9 ZMR E . 4.56 8.26 -51.55
O9 ZMR E . 5.75 7.63 -52.00
NE ZMR E . -1.96 10.57 -54.08
CZ ZMR E . -3.23 10.86 -53.89
NH1 ZMR E . -4.07 9.94 -53.46
NH2 ZMR E . -3.64 12.13 -54.11
CL CL F . -10.22 24.61 -33.73
C1 ZMR G . 31.39 7.19 -18.58
O1A ZMR G . 31.22 8.24 -19.23
O1B ZMR G . 32.19 7.07 -17.62
C2 ZMR G . 30.55 5.98 -18.94
C3 ZMR G . 30.69 4.80 -18.20
C4 ZMR G . 29.91 3.52 -18.50
C5 ZMR G . 29.16 3.65 -19.83
N5 ZMR G . 28.01 2.74 -19.88
C10 ZMR G . 27.77 2.02 -20.98
O10 ZMR G . 28.48 2.03 -21.98
C11 ZMR G . 26.53 1.11 -20.92
C6 ZMR G . 28.64 5.09 -20.07
O6 ZMR G . 29.70 6.10 -19.99
C7 ZMR G . 28.00 5.30 -21.46
O7 ZMR G . 28.90 4.85 -22.48
C8 ZMR G . 27.60 6.75 -21.73
O8 ZMR G . 26.66 7.23 -20.76
C9 ZMR G . 27.04 6.85 -23.16
O9 ZMR G . 26.88 8.23 -23.52
NE ZMR G . 30.97 2.51 -18.60
CZ ZMR G . 31.03 1.37 -17.92
NH1 ZMR G . 30.06 1.01 -17.08
NH2 ZMR G . 32.09 0.58 -18.11
CL CL H . 27.05 -20.64 -29.93
C1 ZMR I . 4.87 12.21 50.56
O1A ZMR I . 3.70 12.61 50.60
O1B ZMR I . 5.76 12.49 51.38
C2 ZMR I . 5.23 11.32 49.37
C3 ZMR I . 6.53 10.81 49.29
C4 ZMR I . 7.00 9.92 48.14
C5 ZMR I . 5.96 9.90 47.00
N5 ZMR I . 6.12 8.72 46.13
C10 ZMR I . 6.09 8.87 44.82
O10 ZMR I . 5.96 9.97 44.26
C11 ZMR I . 6.23 7.59 44.00
C6 ZMR I . 4.49 9.99 47.50
O6 ZMR I . 4.28 11.07 48.43
C7 ZMR I . 3.45 10.31 46.41
O7 ZMR I . 3.88 11.46 45.65
C8 ZMR I . 2.04 10.61 46.93
O8 ZMR I . 1.59 9.59 47.85
C9 ZMR I . 1.09 10.73 45.75
O9 ZMR I . -0.12 11.38 46.15
NE ZMR I . 8.23 10.60 47.70
CZ ZMR I . 9.43 10.05 47.66
NH1 ZMR I . 9.61 8.77 47.96
NH2 ZMR I . 10.47 10.79 47.26
CL CL J . 19.25 6.14 24.65
C1 ZMR K . -27.22 6.82 14.26
O1A ZMR K . -26.46 7.81 14.31
O1B ZMR K . -28.10 6.63 13.40
C2 ZMR K . -27.04 5.75 15.32
C3 ZMR K . -27.84 4.62 15.29
C4 ZMR K . -27.75 3.51 16.34
C5 ZMR K . -26.86 3.94 17.50
N5 ZMR K . -26.38 2.75 18.20
C10 ZMR K . -26.39 2.67 19.53
O10 ZMR K . -26.81 3.57 20.25
C11 ZMR K . -25.85 1.37 20.14
C6 ZMR K . -25.66 4.78 17.01
O6 ZMR K . -26.10 5.98 16.27
C7 ZMR K . -24.82 5.28 18.19
O7 ZMR K . -25.69 5.88 19.17
C8 ZMR K . -23.73 6.29 17.78
O8 ZMR K . -22.81 5.68 16.88
C9 ZMR K . -22.99 6.77 19.04
O9 ZMR K . -22.10 7.84 18.68
NE ZMR K . -29.15 3.40 16.77
CZ ZMR K . -29.86 2.29 16.69
NH1 ZMR K . -29.33 1.14 16.26
NH2 ZMR K . -31.12 2.33 17.10
CL CL L . -35.54 -9.41 38.52
#